data_5ZPU
#
_entry.id   5ZPU
#
_cell.length_a   105.438
_cell.length_b   105.438
_cell.length_c   303.907
_cell.angle_alpha   90.000
_cell.angle_beta   90.000
_cell.angle_gamma   90.000
#
_symmetry.space_group_name_H-M   'P 43 21 2'
#
loop_
_entity.id
_entity.type
_entity.pdbx_description
1 polymer 'GTP-binding nuclear protein Ran'
2 polymer 'Ran-specific GTPase-activating protein 1'
3 polymer Exportin-1,Exportin-1
4 non-polymer "GUANOSINE-5'-TRIPHOSPHATE"
5 non-polymer 'MAGNESIUM ION'
6 non-polymer (Z)-{[(3E)-4-{(R)-[3,5-bis(trifluoromethyl)phenyl]sulfinyl}but-3-en-1-yl]imino}methanethiol
7 non-polymer 'CHLORIDE ION'
8 water water
#
loop_
_entity_poly.entity_id
_entity_poly.type
_entity_poly.pdbx_seq_one_letter_code
_entity_poly.pdbx_strand_id
1 'polypeptide(L)'
;MAAQGEPQVQFKLVLVGDGGTGKTTFVKRHLTGEFEKKYVATLGVEVHPLVFHTNRGPIKFNVWDTAGQEKFGGLRDGYY
IQAQCAIIMFDVTSRVTYKNVPNWHRDLVRVCENIPIVLCGNKVDIKDRKVKAKSIVFHRKKNLQYYDISAKSNYNFEKP
FLWLARKLIGDPNLEFVAMPAAAPPEVVMDPALAAQYEHDLEVAQTTALPDEDDDL
;
A
2 'polypeptide(L)'
;DIHFEPVVHLEKVDVKTMEEDEEVLYKVRAKLFRFDADAKEWKERGTGDCKFLKNKKTNKVRILMRRDKTLKICANHIIA
PEYTLKPNVGSDRSWVYACTADIAEGEAEAFTFAIRFGSKENADKFKEEFEKAQEINKKA
;
B
3 'polypeptide(L)'
;GGSMEGILDFSNDLDIALLDQVVSTFYQGSGVQQKQAQEILTKFQDNPDAWQKADQILQFSTNPQSKFIALSILDKLITR
KWKLLPNDHRIGIRNFVVGMIISMCQDDEVFKTQKNLINKSDLTLVQILKQEWPQNWPEFIPELIGSSSSSVNVCENNMI
VLKLLSEEVFDFSAEQMTQAKALHLKNSMSKEFEQIFKLCFQVLEQGSSSSLIVATLESLLRYLHWIPYRYIYETNILEL
LSTKFMTSPDTRAITLKCLTEVSNLKIPQDNDLIKRQTVLFFQNTLQQIATSVMPVTADLKATYANANGNDQSFLQDLAM
FLTTYLARNRALLESDESLRELLLNAHQYLIQLSKIEERELFKTTLDYWHNLVADLFYEPLKKHIYEEICSQLRLVIIEN
MVRPEEVLVVENDEGEIVREFVKESDTIQLYKSEREVLVYLTHLNVIDTEEIMISKLARQIDGSEWSWHNINTLSWAIGS
ISGTMSEDTEKRFVVTVIKDLLGLCEQKRGKDNKAVVASDIMYVVGQYPRFLKAHWNFLRTVILKLFEFMHETHEGVQDM
ACDTFIKIVQKCKYHFVIQQPRESEPFIQTIIRDIQKTTADLQPQQVHTFYKACGIIISEERSVAERNRLLSDLMQLPNM
AWDTIVEQSTANPTLLLDSETVKIIANIIKTNVAVCTSMGADFYPQLGHIYYNMLQLYRAVSSMISAQVAAEGLIATKTP
KVRGLRTIKKEILKLVETYISKARNLDDVVKVLVEPLLNAVLEDYMNNVPDARDAEVLNCMTTVVEKVGHMIPQGVILIL
QSVFECTLDMINKDFTEYPEHRVEFYKLLKVINEKSFAAFLELPPAAFKLFVDAICWAFKHNNRDVEVNGLQIALDLVKN
IERMGNVPFANEFHKNYFFIFVSETFFVLTDSDHKSGFSKQALLLMKLISLVYDNKISVPLYQEAEVPQGTSNQVYLSQY
LANMLSNAFPHLTSEQIASFLSALTKQCKDLVVFKGTLRDFLVQIKEVGGDPTDYLFAEDKENA
;
C
#
loop_
_chem_comp.id
_chem_comp.type
_chem_comp.name
_chem_comp.formula
CL non-polymer 'CHLORIDE ION' 'Cl -1'
D29 non-polymer (Z)-{[(3E)-4-{(R)-[3,5-bis(trifluoromethyl)phenyl]sulfinyl}but-3-en-1-yl]imino}methanethiol 'C13 H11 F6 N O S2'
GTP non-polymer GUANOSINE-5'-TRIPHOSPHATE 'C10 H16 N5 O14 P3'
MG non-polymer 'MAGNESIUM ION' 'Mg 2'
#
# COMPACT_ATOMS: atom_id res chain seq x y z
N GLN A 8 -34.64 0.53 1.39
CA GLN A 8 -33.35 1.19 1.01
C GLN A 8 -33.25 2.64 1.50
N VAL A 9 -32.51 2.82 2.60
CA VAL A 9 -32.04 4.13 3.04
C VAL A 9 -30.64 4.29 2.40
N GLN A 10 -30.23 5.56 2.24
CA GLN A 10 -28.93 5.89 1.63
C GLN A 10 -28.01 6.69 2.55
N PHE A 11 -26.73 6.35 2.51
CA PHE A 11 -25.72 6.98 3.35
C PHE A 11 -24.67 7.68 2.49
N LYS A 12 -24.39 8.93 2.81
CA LYS A 12 -23.32 9.66 2.15
C LYS A 12 -21.94 9.17 2.63
N LEU A 13 -21.16 8.63 1.70
CA LEU A 13 -19.77 8.25 1.95
C LEU A 13 -18.85 9.25 1.28
N VAL A 14 -17.88 9.80 2.03
CA VAL A 14 -16.83 10.63 1.43
C VAL A 14 -15.54 9.83 1.34
N LEU A 15 -14.91 9.93 0.19
CA LEU A 15 -13.69 9.20 -0.12
C LEU A 15 -12.59 10.25 -0.28
N VAL A 16 -11.58 10.18 0.59
CA VAL A 16 -10.48 11.14 0.60
C VAL A 16 -9.15 10.44 0.61
N GLY A 17 -8.11 11.19 0.30
CA GLY A 17 -6.74 10.65 0.18
C GLY A 17 -5.93 11.33 -0.90
N ASP A 18 -4.61 11.15 -0.84
CA ASP A 18 -3.68 11.76 -1.79
C ASP A 18 -3.93 11.38 -3.24
N GLY A 19 -3.41 12.21 -4.14
CA GLY A 19 -3.53 11.99 -5.59
C GLY A 19 -2.91 10.68 -6.01
N GLY A 20 -3.59 9.99 -6.91
CA GLY A 20 -3.11 8.69 -7.44
C GLY A 20 -3.07 7.50 -6.50
N THR A 21 -3.71 7.60 -5.35
CA THR A 21 -3.76 6.51 -4.39
C THR A 21 -4.71 5.40 -4.80
N GLY A 22 -5.60 5.70 -5.74
CA GLY A 22 -6.47 4.70 -6.35
C GLY A 22 -7.93 4.77 -5.94
N LYS A 23 -8.39 5.96 -5.58
CA LYS A 23 -9.74 6.15 -5.06
C LYS A 23 -10.77 5.95 -6.18
N THR A 24 -10.56 6.63 -7.29
CA THR A 24 -11.49 6.57 -8.43
C THR A 24 -11.47 5.17 -9.03
N THR A 25 -10.27 4.60 -9.15
CA THR A 25 -10.09 3.22 -9.60
C THR A 25 -10.85 2.22 -8.73
N PHE A 26 -10.82 2.45 -7.42
CA PHE A 26 -11.54 1.62 -6.46
C PHE A 26 -13.06 1.71 -6.65
N VAL A 27 -13.58 2.93 -6.75
CA VAL A 27 -15.02 3.15 -6.93
C VAL A 27 -15.50 2.56 -8.25
N LYS A 28 -14.80 2.86 -9.34
CA LYS A 28 -15.16 2.32 -10.65
C LYS A 28 -15.22 0.81 -10.61
N ARG A 29 -14.24 0.22 -9.93
CA ARG A 29 -14.19 -1.22 -9.80
C ARG A 29 -15.47 -1.76 -9.19
N HIS A 30 -15.98 -1.10 -8.15
CA HIS A 30 -17.26 -1.49 -7.52
C HIS A 30 -18.50 -1.14 -8.38
N LEU A 31 -18.45 -0.02 -9.10
CA LEU A 31 -19.56 0.40 -9.97
C LEU A 31 -19.78 -0.54 -11.15
N THR A 32 -18.75 -0.67 -11.98
CA THR A 32 -18.83 -1.41 -13.24
C THR A 32 -18.07 -2.74 -13.29
N GLY A 33 -17.15 -2.97 -12.34
CA GLY A 33 -16.25 -4.14 -12.36
C GLY A 33 -14.93 -3.96 -13.10
N GLU A 34 -14.71 -2.76 -13.61
CA GLU A 34 -13.58 -2.51 -14.51
C GLU A 34 -12.33 -2.18 -13.73
N PHE A 35 -11.19 -2.35 -14.39
CA PHE A 35 -9.95 -1.83 -13.85
C PHE A 35 -9.39 -0.76 -14.79
N GLU A 36 -9.53 0.50 -14.40
CA GLU A 36 -8.98 1.64 -15.14
C GLU A 36 -7.48 1.75 -14.87
N LYS A 37 -6.68 1.69 -15.93
CA LYS A 37 -5.24 1.75 -15.84
C LYS A 37 -4.75 3.19 -15.96
N LYS A 38 -5.49 4.02 -16.69
CA LYS A 38 -5.14 5.46 -16.82
C LYS A 38 -5.41 6.24 -15.53
N TYR A 39 -4.56 7.22 -15.24
CA TYR A 39 -4.77 8.13 -14.11
C TYR A 39 -5.33 9.45 -14.63
N VAL A 40 -6.66 9.55 -14.66
CA VAL A 40 -7.30 10.82 -14.95
C VAL A 40 -7.71 11.44 -13.62
N ALA A 41 -7.08 12.56 -13.27
CA ALA A 41 -7.23 13.15 -11.95
C ALA A 41 -8.62 13.69 -11.78
N THR A 42 -9.27 13.36 -10.67
CA THR A 42 -10.60 13.84 -10.41
C THR A 42 -10.56 15.34 -10.19
N LEU A 43 -11.46 16.08 -10.84
CA LEU A 43 -11.67 17.51 -10.59
C LEU A 43 -12.77 17.70 -9.54
N GLY A 44 -12.38 18.06 -8.33
CA GLY A 44 -13.32 18.36 -7.23
C GLY A 44 -13.89 17.09 -6.64
N VAL A 45 -15.02 16.67 -7.19
CA VAL A 45 -15.72 15.47 -6.75
C VAL A 45 -16.58 14.87 -7.86
N GLU A 46 -16.70 13.55 -7.85
CA GLU A 46 -17.65 12.81 -8.68
C GLU A 46 -18.57 12.05 -7.72
N VAL A 47 -19.85 12.39 -7.68
CA VAL A 47 -20.80 11.63 -6.87
C VAL A 47 -21.27 10.43 -7.68
N HIS A 48 -21.27 9.25 -7.06
CA HIS A 48 -21.70 8.00 -7.71
C HIS A 48 -22.58 7.17 -6.76
N PRO A 49 -23.86 6.97 -7.10
CA PRO A 49 -24.61 5.97 -6.32
C PRO A 49 -24.06 4.55 -6.49
N LEU A 50 -24.03 3.81 -5.39
CA LEU A 50 -23.45 2.47 -5.35
C LEU A 50 -24.24 1.62 -4.36
N VAL A 51 -24.88 0.57 -4.86
CA VAL A 51 -25.76 -0.27 -4.04
C VAL A 51 -25.12 -1.64 -3.76
N PHE A 52 -25.20 -2.09 -2.52
CA PHE A 52 -24.93 -3.48 -2.18
C PHE A 52 -26.22 -4.14 -1.72
N HIS A 53 -26.31 -5.45 -1.91
CA HIS A 53 -27.44 -6.24 -1.42
C HIS A 53 -26.95 -7.04 -0.21
N THR A 54 -27.62 -6.88 0.93
CA THR A 54 -27.30 -7.62 2.16
C THR A 54 -28.50 -8.46 2.63
N ASN A 55 -28.24 -9.31 3.64
CA ASN A 55 -29.31 -10.09 4.30
C ASN A 55 -30.27 -9.21 5.11
N ARG A 56 -29.89 -7.94 5.30
CA ARG A 56 -30.74 -6.94 5.91
C ARG A 56 -31.38 -5.99 4.89
N GLY A 57 -31.38 -6.36 3.61
CA GLY A 57 -31.89 -5.50 2.53
C GLY A 57 -30.82 -4.72 1.78
N PRO A 58 -31.22 -3.98 0.73
CA PRO A 58 -30.30 -3.10 0.02
C PRO A 58 -29.80 -1.95 0.88
N ILE A 59 -28.50 -1.68 0.76
CA ILE A 59 -27.89 -0.50 1.35
C ILE A 59 -27.28 0.27 0.19
N LYS A 60 -27.58 1.56 0.13
CA LYS A 60 -27.07 2.42 -0.92
C LYS A 60 -26.07 3.37 -0.31
N PHE A 61 -24.93 3.52 -0.96
CA PHE A 61 -24.01 4.61 -0.65
C PHE A 61 -24.06 5.65 -1.74
N ASN A 62 -24.12 6.92 -1.37
CA ASN A 62 -23.75 8.00 -2.29
C ASN A 62 -22.27 8.28 -2.10
N VAL A 63 -21.46 7.75 -3.02
CA VAL A 63 -20.00 7.82 -2.90
C VAL A 63 -19.48 9.14 -3.47
N TRP A 64 -19.05 10.03 -2.57
CA TRP A 64 -18.47 11.31 -2.95
C TRP A 64 -16.97 11.12 -3.16
N ASP A 65 -16.60 10.87 -4.40
CA ASP A 65 -15.21 10.58 -4.77
C ASP A 65 -14.40 11.88 -4.91
N THR A 66 -13.76 12.35 -3.84
CA THR A 66 -13.04 13.64 -3.84
C THR A 66 -11.66 13.58 -4.50
N ALA A 67 -11.13 14.79 -4.80
CA ALA A 67 -9.86 14.98 -5.48
C ALA A 67 -8.72 15.14 -4.49
N GLY A 68 -7.66 14.36 -4.70
CA GLY A 68 -6.51 14.30 -3.84
C GLY A 68 -5.43 15.32 -4.15
N GLN A 69 -5.26 15.64 -5.43
CA GLN A 69 -4.35 16.70 -5.84
C GLN A 69 -4.86 18.04 -5.35
N GLU A 70 -3.94 18.88 -4.88
CA GLU A 70 -4.30 20.14 -4.27
C GLU A 70 -4.96 21.08 -5.28
N LYS A 71 -4.31 21.28 -6.43
CA LYS A 71 -4.83 22.20 -7.45
C LYS A 71 -6.21 21.83 -8.00
N PHE A 72 -6.53 20.54 -8.05
CA PHE A 72 -7.86 20.08 -8.44
C PHE A 72 -8.78 19.84 -7.24
N GLY A 73 -8.50 20.48 -6.11
CA GLY A 73 -9.19 20.16 -4.85
C GLY A 73 -10.64 20.61 -4.74
N GLY A 74 -10.99 21.73 -5.37
CA GLY A 74 -12.34 22.24 -5.37
C GLY A 74 -12.77 22.79 -4.01
N LEU A 75 -13.95 22.37 -3.56
CA LEU A 75 -14.51 22.83 -2.29
C LEU A 75 -13.81 22.27 -1.06
N ARG A 76 -12.94 21.27 -1.24
CA ARG A 76 -12.07 20.75 -0.18
C ARG A 76 -12.93 20.13 0.95
N ASP A 77 -12.84 20.66 2.17
CA ASP A 77 -13.61 20.15 3.31
C ASP A 77 -15.13 20.36 3.21
N GLY A 78 -15.58 21.24 2.32
CA GLY A 78 -17.00 21.42 2.02
C GLY A 78 -17.73 20.20 1.49
N TYR A 79 -16.99 19.26 0.89
CA TYR A 79 -17.55 17.97 0.45
C TYR A 79 -17.91 17.04 1.61
N TYR A 80 -17.37 17.26 2.80
CA TYR A 80 -17.57 16.34 3.92
C TYR A 80 -18.84 16.61 4.73
N ILE A 81 -19.56 17.71 4.43
CA ILE A 81 -20.74 18.11 5.23
C ILE A 81 -21.87 17.08 5.12
N GLN A 82 -22.40 16.66 6.26
CA GLN A 82 -23.50 15.65 6.35
C GLN A 82 -23.11 14.25 5.85
N ALA A 83 -21.81 13.98 5.75
CA ALA A 83 -21.32 12.65 5.39
C ALA A 83 -21.53 11.76 6.57
N GLN A 84 -22.05 10.58 6.33
CA GLN A 84 -22.36 9.62 7.40
C GLN A 84 -21.30 8.52 7.57
N CYS A 85 -20.34 8.46 6.64
CA CYS A 85 -19.19 7.59 6.72
C CYS A 85 -18.10 8.06 5.75
N ALA A 86 -16.93 7.44 5.82
CA ALA A 86 -15.81 7.84 4.98
C ALA A 86 -14.77 6.75 4.79
N ILE A 87 -13.99 6.87 3.71
CA ILE A 87 -12.82 6.04 3.47
C ILE A 87 -11.65 6.98 3.23
N ILE A 88 -10.57 6.80 3.98
CA ILE A 88 -9.32 7.50 3.76
C ILE A 88 -8.44 6.48 3.07
N MET A 89 -7.81 6.91 1.99
N MET A 89 -7.82 6.87 1.98
CA MET A 89 -7.02 6.02 1.12
CA MET A 89 -7.01 5.95 1.20
C MET A 89 -5.58 6.52 1.05
C MET A 89 -5.59 6.50 1.03
N PHE A 90 -4.64 5.57 0.98
CA PHE A 90 -3.25 5.87 0.68
C PHE A 90 -2.69 4.72 -0.16
N ASP A 91 -1.47 4.91 -0.67
CA ASP A 91 -0.81 3.98 -1.57
C ASP A 91 0.34 3.36 -0.77
N VAL A 92 0.35 2.03 -0.60
CA VAL A 92 1.45 1.37 0.14
C VAL A 92 2.80 1.41 -0.57
N THR A 93 2.80 1.81 -1.85
CA THR A 93 4.03 2.00 -2.61
C THR A 93 4.53 3.46 -2.59
N SER A 94 3.96 4.34 -1.77
CA SER A 94 4.61 5.63 -1.51
C SER A 94 4.34 6.16 -0.11
N ARG A 95 5.41 6.48 0.60
CA ARG A 95 5.35 6.90 1.99
C ARG A 95 4.58 8.19 2.15
N VAL A 96 4.85 9.17 1.29
CA VAL A 96 4.22 10.48 1.40
C VAL A 96 2.67 10.41 1.44
N THR A 97 2.06 9.41 0.80
CA THR A 97 0.59 9.24 0.90
C THR A 97 0.13 8.72 2.26
N TYR A 98 0.97 7.94 2.94
CA TYR A 98 0.68 7.51 4.31
C TYR A 98 0.99 8.61 5.30
N LYS A 99 2.03 9.38 5.02
CA LYS A 99 2.40 10.51 5.86
C LYS A 99 1.30 11.59 5.92
N ASN A 100 0.51 11.72 4.86
CA ASN A 100 -0.57 12.71 4.76
C ASN A 100 -1.92 12.22 5.25
N VAL A 101 -2.01 10.95 5.66
CA VAL A 101 -3.25 10.40 6.21
C VAL A 101 -3.78 11.21 7.39
N PRO A 102 -2.90 11.61 8.34
CA PRO A 102 -3.34 12.48 9.45
C PRO A 102 -3.91 13.83 9.02
N ASN A 103 -3.46 14.37 7.91
CA ASN A 103 -3.98 15.65 7.43
C ASN A 103 -5.39 15.52 6.88
N TRP A 104 -5.63 14.44 6.13
CA TRP A 104 -6.97 14.15 5.60
C TRP A 104 -7.97 13.85 6.70
N HIS A 105 -7.57 12.99 7.65
CA HIS A 105 -8.36 12.67 8.84
C HIS A 105 -8.70 13.94 9.63
N ARG A 106 -7.70 14.80 9.82
CA ARG A 106 -7.86 16.03 10.58
C ARG A 106 -8.91 16.94 9.97
N ASP A 107 -8.86 17.11 8.66
CA ASP A 107 -9.85 17.88 7.93
C ASP A 107 -11.21 17.20 7.94
N LEU A 108 -11.22 15.87 7.88
CA LEU A 108 -12.45 15.10 7.86
C LEU A 108 -13.20 15.15 9.20
N VAL A 109 -12.50 14.87 10.31
CA VAL A 109 -13.17 14.85 11.65
C VAL A 109 -13.55 16.22 12.23
N ARG A 110 -12.99 17.29 11.67
CA ARG A 110 -13.45 18.64 12.01
C ARG A 110 -14.88 18.90 11.52
N VAL A 111 -15.24 18.33 10.38
CA VAL A 111 -16.59 18.40 9.83
C VAL A 111 -17.42 17.22 10.34
N CYS A 112 -16.93 16.00 10.12
CA CYS A 112 -17.66 14.79 10.54
C CYS A 112 -17.10 14.24 11.86
N GLU A 113 -17.61 14.81 12.96
CA GLU A 113 -17.09 14.52 14.28
C GLU A 113 -17.30 13.06 14.75
N ASN A 114 -18.39 12.44 14.35
CA ASN A 114 -18.73 11.11 14.84
C ASN A 114 -19.34 10.24 13.76
N ILE A 115 -18.45 9.68 12.92
CA ILE A 115 -18.83 8.79 11.84
C ILE A 115 -17.86 7.62 11.69
N PRO A 116 -18.37 6.46 11.22
CA PRO A 116 -17.44 5.35 10.95
C PRO A 116 -16.53 5.64 9.75
N ILE A 117 -15.22 5.47 9.96
CA ILE A 117 -14.20 5.74 8.95
C ILE A 117 -13.37 4.47 8.73
N VAL A 118 -13.06 4.16 7.46
CA VAL A 118 -12.09 3.13 7.10
C VAL A 118 -10.81 3.75 6.53
N LEU A 119 -9.66 3.24 6.97
CA LEU A 119 -8.37 3.55 6.39
C LEU A 119 -8.01 2.39 5.50
N CYS A 120 -7.62 2.69 4.26
CA CYS A 120 -7.25 1.67 3.29
C CYS A 120 -5.84 1.90 2.71
N GLY A 121 -5.02 0.85 2.79
CA GLY A 121 -3.72 0.82 2.10
C GLY A 121 -3.85 0.15 0.75
N ASN A 122 -3.98 0.96 -0.30
CA ASN A 122 -4.13 0.44 -1.68
C ASN A 122 -2.80 -0.01 -2.27
N LYS A 123 -2.92 -0.79 -3.34
CA LYS A 123 -1.82 -1.23 -4.22
C LYS A 123 -0.90 -2.26 -3.57
N VAL A 124 -1.46 -3.11 -2.71
CA VAL A 124 -0.66 -4.18 -2.08
C VAL A 124 -0.20 -5.25 -3.06
N ASP A 125 -0.86 -5.33 -4.22
CA ASP A 125 -0.47 -6.25 -5.29
C ASP A 125 0.93 -5.98 -5.91
N ILE A 126 1.43 -4.74 -5.77
CA ILE A 126 2.79 -4.38 -6.21
C ILE A 126 3.81 -5.07 -5.28
N LYS A 127 4.88 -5.59 -5.87
CA LYS A 127 5.88 -6.38 -5.13
C LYS A 127 6.72 -5.52 -4.19
N ASP A 128 7.11 -4.34 -4.67
CA ASP A 128 8.01 -3.45 -3.95
C ASP A 128 7.23 -2.54 -2.98
N ARG A 129 6.83 -3.10 -1.85
CA ARG A 129 5.99 -2.39 -0.89
C ARG A 129 6.84 -1.45 -0.03
N LYS A 130 6.42 -0.20 0.07
CA LYS A 130 7.18 0.86 0.75
C LYS A 130 6.69 1.17 2.17
N VAL A 131 5.38 1.19 2.36
CA VAL A 131 4.78 1.37 3.70
C VAL A 131 4.51 0.00 4.27
N LYS A 132 5.39 -0.46 5.16
CA LYS A 132 5.32 -1.83 5.66
C LYS A 132 4.10 -1.98 6.58
N ALA A 133 3.64 -3.22 6.75
CA ALA A 133 2.51 -3.53 7.62
C ALA A 133 2.65 -3.02 9.05
N LYS A 134 3.79 -3.28 9.69
CA LYS A 134 4.08 -2.76 11.04
C LYS A 134 4.05 -1.22 11.18
N SER A 135 4.32 -0.48 10.11
CA SER A 135 4.26 0.98 10.17
C SER A 135 2.85 1.54 10.32
N ILE A 136 1.84 0.80 9.85
CA ILE A 136 0.48 1.32 9.74
C ILE A 136 -0.25 1.16 11.07
N VAL A 137 -0.29 2.24 11.84
CA VAL A 137 -0.88 2.28 13.20
C VAL A 137 -1.73 3.53 13.53
N PHE A 138 -1.90 4.44 12.58
CA PHE A 138 -2.58 5.72 12.82
C PHE A 138 -4.05 5.52 13.17
N HIS A 139 -4.64 4.51 12.55
CA HIS A 139 -6.03 4.11 12.81
C HIS A 139 -6.39 3.69 14.24
N ARG A 140 -5.42 3.34 15.08
CA ARG A 140 -5.71 2.78 16.41
C ARG A 140 -6.27 3.81 17.38
N LYS A 141 -5.54 4.92 17.52
CA LYS A 141 -5.99 6.04 18.36
C LYS A 141 -7.24 6.73 17.84
N LYS A 142 -7.40 6.79 16.52
CA LYS A 142 -8.54 7.48 15.92
C LYS A 142 -9.73 6.56 15.64
N ASN A 143 -9.67 5.33 16.12
CA ASN A 143 -10.79 4.38 16.03
C ASN A 143 -11.24 4.08 14.59
N LEU A 144 -10.30 4.09 13.66
CA LEU A 144 -10.60 3.75 12.27
C LEU A 144 -10.36 2.26 12.04
N GLN A 145 -11.15 1.67 11.14
CA GLN A 145 -10.91 0.31 10.67
C GLN A 145 -9.87 0.37 9.57
N TYR A 146 -8.97 -0.61 9.54
CA TYR A 146 -7.91 -0.68 8.50
C TYR A 146 -7.98 -1.96 7.67
N TYR A 147 -7.84 -1.79 6.35
CA TYR A 147 -7.68 -2.91 5.44
C TYR A 147 -6.55 -2.66 4.44
N ASP A 148 -5.63 -3.61 4.31
CA ASP A 148 -4.82 -3.73 3.09
C ASP A 148 -5.76 -4.03 1.94
N ILE A 149 -5.73 -3.22 0.88
CA ILE A 149 -6.50 -3.52 -0.32
C ILE A 149 -5.70 -3.39 -1.61
N SER A 150 -6.25 -3.97 -2.68
CA SER A 150 -5.79 -3.75 -4.05
C SER A 150 -6.99 -3.68 -4.99
N ALA A 151 -7.19 -2.52 -5.60
CA ALA A 151 -8.22 -2.35 -6.61
C ALA A 151 -7.91 -3.22 -7.83
N LYS A 152 -6.61 -3.47 -8.07
CA LYS A 152 -6.19 -4.28 -9.21
C LYS A 152 -6.45 -5.76 -9.01
N SER A 153 -5.95 -6.32 -7.91
CA SER A 153 -6.13 -7.75 -7.64
C SER A 153 -7.45 -8.08 -6.91
N ASN A 154 -8.23 -7.05 -6.56
CA ASN A 154 -9.44 -7.19 -5.75
C ASN A 154 -9.20 -7.71 -4.35
N TYR A 155 -7.97 -7.54 -3.85
CA TYR A 155 -7.64 -8.01 -2.51
C TYR A 155 -8.40 -7.17 -1.49
N ASN A 156 -9.25 -7.81 -0.68
CA ASN A 156 -10.06 -7.15 0.34
C ASN A 156 -10.89 -5.97 -0.19
N PHE A 157 -11.24 -5.99 -1.47
CA PHE A 157 -11.90 -4.83 -2.10
C PHE A 157 -13.29 -4.57 -1.54
N GLU A 158 -13.95 -5.63 -1.03
CA GLU A 158 -15.31 -5.54 -0.50
C GLU A 158 -15.36 -5.11 0.97
N LYS A 159 -14.22 -5.27 1.67
CA LYS A 159 -14.18 -5.11 3.12
C LYS A 159 -14.58 -3.71 3.65
N PRO A 160 -14.10 -2.63 3.01
CA PRO A 160 -14.48 -1.31 3.53
C PRO A 160 -15.99 -1.07 3.49
N PHE A 161 -16.66 -1.59 2.46
CA PHE A 161 -18.10 -1.45 2.36
C PHE A 161 -18.86 -2.40 3.28
N LEU A 162 -18.37 -3.62 3.41
CA LEU A 162 -18.95 -4.59 4.35
C LEU A 162 -18.92 -4.05 5.76
N TRP A 163 -17.79 -3.47 6.16
CA TRP A 163 -17.63 -2.94 7.49
C TRP A 163 -18.49 -1.71 7.72
N LEU A 164 -18.42 -0.75 6.80
CA LEU A 164 -19.26 0.46 6.91
C LEU A 164 -20.75 0.11 6.98
N ALA A 165 -21.20 -0.79 6.12
CA ALA A 165 -22.59 -1.28 6.13
C ALA A 165 -22.99 -1.85 7.47
N ARG A 166 -22.10 -2.62 8.10
CA ARG A 166 -22.35 -3.20 9.43
C ARG A 166 -22.56 -2.15 10.52
N LYS A 167 -21.74 -1.10 10.47
CA LYS A 167 -21.83 0.00 11.42
C LYS A 167 -23.05 0.88 11.16
N LEU A 168 -23.30 1.26 9.92
CA LEU A 168 -24.44 2.15 9.58
C LEU A 168 -25.80 1.52 9.84
N ILE A 169 -26.00 0.28 9.40
CA ILE A 169 -27.23 -0.47 9.67
C ILE A 169 -27.28 -0.90 11.14
N GLY A 170 -26.11 -1.12 11.74
CA GLY A 170 -26.01 -1.49 13.15
C GLY A 170 -26.28 -2.95 13.38
N ASP A 171 -25.63 -3.81 12.60
CA ASP A 171 -25.74 -5.26 12.78
C ASP A 171 -24.41 -5.84 12.33
N PRO A 172 -23.60 -6.33 13.27
CA PRO A 172 -22.30 -6.87 12.90
C PRO A 172 -22.32 -8.28 12.30
N ASN A 173 -23.50 -8.92 12.23
CA ASN A 173 -23.67 -10.18 11.48
C ASN A 173 -24.22 -9.97 10.06
N LEU A 174 -24.23 -8.72 9.59
CA LEU A 174 -24.67 -8.38 8.24
C LEU A 174 -23.64 -8.92 7.24
N GLU A 175 -24.15 -9.58 6.21
CA GLU A 175 -23.33 -10.20 5.14
C GLU A 175 -23.86 -9.76 3.79
N PHE A 176 -22.98 -9.74 2.79
CA PHE A 176 -23.42 -9.54 1.41
C PHE A 176 -24.07 -10.83 0.96
N VAL A 177 -25.16 -10.70 0.21
CA VAL A 177 -25.87 -11.87 -0.33
C VAL A 177 -26.15 -11.67 -1.79
N ALA A 178 -26.48 -12.77 -2.45
CA ALA A 178 -26.74 -12.78 -3.87
C ALA A 178 -28.23 -12.64 -4.07
N MET A 179 -28.65 -11.67 -4.86
CA MET A 179 -30.07 -11.53 -5.21
C MET A 179 -30.40 -12.56 -6.28
N PRO A 180 -31.61 -13.16 -6.22
CA PRO A 180 -31.98 -14.14 -7.24
C PRO A 180 -32.14 -13.44 -8.59
N ALA A 181 -31.69 -14.12 -9.64
CA ALA A 181 -31.63 -13.54 -10.99
C ALA A 181 -32.82 -14.00 -11.81
N ALA A 182 -33.53 -13.03 -12.39
CA ALA A 182 -34.67 -13.30 -13.28
C ALA A 182 -34.21 -14.05 -14.52
N ALA A 183 -35.09 -14.90 -15.06
CA ALA A 183 -34.81 -15.62 -16.29
C ALA A 183 -34.68 -14.59 -17.43
N PRO A 184 -33.56 -14.62 -18.18
CA PRO A 184 -33.35 -13.65 -19.26
C PRO A 184 -34.19 -13.96 -20.49
N PRO A 185 -34.37 -12.96 -21.39
CA PRO A 185 -35.28 -13.09 -22.54
C PRO A 185 -34.85 -14.08 -23.66
N GLU A 186 -35.85 -14.65 -24.35
CA GLU A 186 -35.66 -15.61 -25.45
C GLU A 186 -36.11 -14.96 -26.77
N LEU A 193 -27.79 -0.42 -36.51
CA LEU A 193 -27.27 -1.24 -35.42
C LEU A 193 -26.53 -2.49 -35.94
N ALA A 194 -27.16 -3.24 -36.84
CA ALA A 194 -26.56 -4.46 -37.43
C ALA A 194 -25.26 -4.18 -38.21
N ALA A 195 -25.23 -3.06 -38.94
CA ALA A 195 -24.04 -2.63 -39.70
C ALA A 195 -22.84 -2.16 -38.85
N GLN A 196 -23.08 -1.80 -37.58
CA GLN A 196 -22.00 -1.45 -36.64
C GLN A 196 -21.71 -2.53 -35.58
N TYR A 197 -22.59 -3.52 -35.44
CA TYR A 197 -22.41 -4.60 -34.46
C TYR A 197 -21.39 -5.66 -34.90
N GLU A 198 -21.36 -5.99 -36.20
CA GLU A 198 -20.30 -6.86 -36.74
C GLU A 198 -18.96 -6.08 -36.92
N HIS A 199 -19.02 -4.75 -37.05
CA HIS A 199 -17.82 -3.88 -37.02
C HIS A 199 -17.21 -3.83 -35.61
N ASP A 200 -18.08 -3.80 -34.58
CA ASP A 200 -17.64 -3.95 -33.19
C ASP A 200 -17.07 -5.34 -32.95
N LEU A 201 -17.74 -6.36 -33.46
CA LEU A 201 -17.33 -7.75 -33.26
C LEU A 201 -16.00 -8.06 -33.95
N GLU A 202 -15.73 -7.36 -35.05
CA GLU A 202 -14.44 -7.46 -35.72
C GLU A 202 -13.32 -6.79 -34.93
N VAL A 203 -13.48 -5.49 -34.66
CA VAL A 203 -12.47 -4.75 -33.85
C VAL A 203 -12.28 -5.32 -32.44
N ALA A 204 -13.31 -5.95 -31.89
CA ALA A 204 -13.22 -6.61 -30.58
C ALA A 204 -12.33 -7.86 -30.64
N GLN A 205 -12.58 -8.73 -31.62
CA GLN A 205 -11.74 -9.91 -31.82
C GLN A 205 -10.27 -9.56 -32.05
N THR A 206 -10.02 -8.48 -32.80
CA THR A 206 -8.64 -8.02 -33.12
C THR A 206 -8.04 -6.99 -32.15
N THR A 207 -8.76 -6.63 -31.09
CA THR A 207 -8.18 -5.87 -29.98
C THR A 207 -7.89 -6.85 -28.86
N ALA A 208 -6.67 -6.82 -28.34
CA ALA A 208 -6.23 -7.83 -27.40
C ALA A 208 -6.78 -7.53 -26.03
N LEU A 209 -7.13 -8.59 -25.30
CA LEU A 209 -7.60 -8.47 -23.93
C LEU A 209 -6.42 -8.09 -23.04
N PRO A 210 -6.58 -7.09 -22.15
CA PRO A 210 -5.45 -6.64 -21.34
C PRO A 210 -5.03 -7.66 -20.29
N ASP A 211 -3.78 -7.55 -19.84
CA ASP A 211 -3.22 -8.38 -18.78
C ASP A 211 -3.33 -9.89 -19.06
N GLU A 212 -2.81 -10.32 -20.19
CA GLU A 212 -2.93 -11.73 -20.58
C GLU A 212 -2.00 -12.64 -19.77
N ASP A 213 -1.07 -12.06 -19.00
CA ASP A 213 -0.26 -12.80 -18.02
C ASP A 213 -0.93 -13.04 -16.66
N ASP A 214 -2.03 -12.34 -16.36
CA ASP A 214 -2.80 -12.62 -15.13
C ASP A 214 -3.27 -14.07 -15.09
N ASP A 215 -3.50 -14.57 -13.87
CA ASP A 215 -3.97 -15.96 -13.68
C ASP A 215 -5.38 -16.15 -14.22
N LEU A 216 -6.16 -15.07 -14.23
CA LEU A 216 -7.43 -14.97 -14.97
C LEU A 216 -7.52 -13.63 -15.69
N GLU B 20 -32.50 -23.09 -7.17
CA GLU B 20 -33.33 -24.31 -6.91
C GLU B 20 -34.36 -24.63 -8.01
N ASP B 21 -34.68 -23.65 -8.86
CA ASP B 21 -35.42 -23.90 -10.11
C ASP B 21 -34.54 -24.51 -11.22
N GLU B 22 -33.21 -24.41 -11.08
CA GLU B 22 -32.28 -24.69 -12.19
C GLU B 22 -31.22 -25.75 -11.86
N GLU B 23 -31.01 -26.68 -12.80
CA GLU B 23 -29.89 -27.63 -12.75
C GLU B 23 -28.63 -26.91 -13.21
N VAL B 24 -27.51 -27.17 -12.55
CA VAL B 24 -26.22 -26.61 -12.93
C VAL B 24 -25.55 -27.62 -13.87
N LEU B 25 -25.54 -27.31 -15.16
CA LEU B 25 -24.94 -28.19 -16.16
C LEU B 25 -23.42 -28.07 -16.19
N TYR B 26 -22.90 -26.86 -16.04
CA TYR B 26 -21.45 -26.64 -16.08
C TYR B 26 -21.09 -25.35 -15.35
N LYS B 27 -20.02 -25.45 -14.57
CA LYS B 27 -19.54 -24.37 -13.71
C LYS B 27 -18.05 -24.26 -13.90
N VAL B 28 -17.55 -23.03 -14.05
CA VAL B 28 -16.13 -22.81 -14.25
C VAL B 28 -15.76 -21.40 -13.83
N ARG B 29 -14.53 -21.26 -13.34
CA ARG B 29 -14.04 -19.99 -12.86
C ARG B 29 -13.52 -19.16 -14.03
N ALA B 30 -13.91 -17.89 -14.11
CA ALA B 30 -13.64 -17.07 -15.30
C ALA B 30 -13.60 -15.56 -15.04
N LYS B 31 -13.07 -14.84 -16.02
CA LYS B 31 -13.05 -13.38 -16.02
C LYS B 31 -13.76 -12.89 -17.27
N LEU B 32 -14.81 -12.09 -17.08
CA LEU B 32 -15.62 -11.60 -18.18
C LEU B 32 -15.24 -10.18 -18.50
N PHE B 33 -15.21 -9.86 -19.80
CA PHE B 33 -14.99 -8.50 -20.28
C PHE B 33 -16.14 -8.03 -21.17
N ARG B 34 -16.32 -6.73 -21.29
CA ARG B 34 -17.22 -6.14 -22.30
C ARG B 34 -16.42 -5.15 -23.14
N PHE B 35 -16.72 -5.10 -24.42
CA PHE B 35 -16.03 -4.20 -25.32
C PHE B 35 -16.70 -2.83 -25.31
N ASP B 36 -15.95 -1.79 -24.93
CA ASP B 36 -16.38 -0.40 -25.13
C ASP B 36 -15.98 -0.02 -26.55
N ALA B 37 -16.99 0.16 -27.39
CA ALA B 37 -16.77 0.45 -28.80
C ALA B 37 -16.17 1.83 -29.02
N ASP B 38 -16.64 2.83 -28.26
CA ASP B 38 -16.20 4.23 -28.40
C ASP B 38 -14.75 4.44 -27.95
N ALA B 39 -14.37 3.84 -26.83
CA ALA B 39 -12.98 3.88 -26.34
C ALA B 39 -12.04 2.90 -27.09
N LYS B 40 -12.63 1.92 -27.77
CA LYS B 40 -11.91 0.87 -28.51
C LYS B 40 -10.97 0.06 -27.61
N GLU B 41 -11.54 -0.41 -26.50
CA GLU B 41 -10.83 -1.25 -25.54
C GLU B 41 -11.78 -2.14 -24.74
N TRP B 42 -11.21 -3.18 -24.17
CA TRP B 42 -11.92 -4.10 -23.31
C TRP B 42 -11.92 -3.60 -21.88
N LYS B 43 -12.99 -3.91 -21.15
CA LYS B 43 -13.12 -3.55 -19.75
C LYS B 43 -13.65 -4.74 -19.00
N GLU B 44 -13.08 -5.02 -17.83
CA GLU B 44 -13.51 -6.14 -16.99
C GLU B 44 -14.91 -5.87 -16.45
N ARG B 45 -15.75 -6.89 -16.47
CA ARG B 45 -17.08 -6.78 -15.91
C ARG B 45 -17.20 -7.59 -14.62
N GLY B 46 -16.43 -8.66 -14.48
CA GLY B 46 -16.49 -9.46 -13.28
C GLY B 46 -15.56 -10.65 -13.29
N THR B 47 -15.20 -11.11 -12.10
CA THR B 47 -14.39 -12.31 -11.93
C THR B 47 -15.13 -13.19 -10.95
N GLY B 48 -15.37 -14.44 -11.34
CA GLY B 48 -16.09 -15.40 -10.49
C GLY B 48 -16.58 -16.64 -11.23
N ASP B 49 -17.50 -17.37 -10.60
CA ASP B 49 -17.99 -18.64 -11.17
C ASP B 49 -19.01 -18.37 -12.27
N CYS B 50 -18.67 -18.78 -13.49
CA CYS B 50 -19.59 -18.73 -14.62
C CYS B 50 -20.35 -20.05 -14.64
N LYS B 51 -21.65 -20.01 -14.33
CA LYS B 51 -22.48 -21.21 -14.27
C LYS B 51 -23.34 -21.26 -15.50
N PHE B 52 -23.60 -22.48 -15.97
CA PHE B 52 -24.58 -22.74 -17.03
C PHE B 52 -25.80 -23.32 -16.33
N LEU B 53 -26.92 -22.63 -16.36
CA LEU B 53 -28.09 -23.00 -15.57
C LEU B 53 -29.26 -23.44 -16.43
N LYS B 54 -29.67 -24.70 -16.25
CA LYS B 54 -30.70 -25.37 -17.05
C LYS B 54 -32.05 -25.31 -16.31
N ASN B 55 -32.96 -24.48 -16.81
CA ASN B 55 -34.30 -24.28 -16.21
C ASN B 55 -35.17 -25.51 -16.44
N LYS B 56 -35.64 -26.13 -15.36
CA LYS B 56 -36.33 -27.42 -15.47
C LYS B 56 -37.76 -27.29 -15.97
N LYS B 57 -38.34 -26.09 -15.90
CA LYS B 57 -39.67 -25.86 -16.44
C LYS B 57 -39.64 -25.74 -17.97
N THR B 58 -38.81 -24.83 -18.47
CA THR B 58 -38.69 -24.51 -19.89
C THR B 58 -37.60 -25.29 -20.64
N ASN B 59 -36.71 -25.96 -19.90
CA ASN B 59 -35.53 -26.64 -20.45
C ASN B 59 -34.66 -25.66 -21.28
N LYS B 60 -34.32 -24.50 -20.72
CA LYS B 60 -33.52 -23.51 -21.42
C LYS B 60 -32.34 -23.03 -20.60
N VAL B 61 -31.15 -23.17 -21.16
CA VAL B 61 -29.90 -22.89 -20.46
C VAL B 61 -29.49 -21.43 -20.64
N ARG B 62 -28.96 -20.86 -19.56
CA ARG B 62 -28.44 -19.50 -19.56
C ARG B 62 -27.07 -19.48 -18.94
N ILE B 63 -26.32 -18.43 -19.22
CA ILE B 63 -25.12 -18.13 -18.45
C ILE B 63 -25.58 -17.27 -17.28
N LEU B 64 -25.17 -17.67 -16.08
CA LEU B 64 -25.31 -16.82 -14.91
C LEU B 64 -23.95 -16.73 -14.24
N MET B 65 -23.47 -15.50 -14.07
CA MET B 65 -22.16 -15.26 -13.49
C MET B 65 -22.26 -14.17 -12.44
N ARG B 66 -21.69 -14.47 -11.27
CA ARG B 66 -21.63 -13.52 -10.17
C ARG B 66 -20.19 -13.17 -9.84
N ARG B 67 -19.97 -11.91 -9.50
CA ARG B 67 -18.69 -11.45 -8.97
C ARG B 67 -18.42 -12.10 -7.60
N ASP B 68 -17.16 -12.43 -7.35
CA ASP B 68 -16.77 -12.97 -6.05
C ASP B 68 -16.89 -11.91 -4.96
N LYS B 69 -17.23 -12.35 -3.74
CA LYS B 69 -17.42 -11.51 -2.54
C LYS B 69 -18.73 -10.72 -2.53
N THR B 70 -18.87 -9.77 -3.45
CA THR B 70 -20.10 -8.97 -3.54
C THR B 70 -21.30 -9.75 -4.10
N LEU B 71 -21.02 -10.82 -4.86
CA LEU B 71 -22.05 -11.69 -5.44
C LEU B 71 -22.99 -10.98 -6.43
N LYS B 72 -22.55 -9.84 -6.99
CA LYS B 72 -23.33 -9.10 -7.98
C LYS B 72 -23.29 -9.80 -9.33
N ILE B 73 -24.39 -9.73 -10.05
CA ILE B 73 -24.54 -10.47 -11.28
C ILE B 73 -23.78 -9.70 -12.35
N CYS B 74 -22.78 -10.34 -12.96
CA CYS B 74 -22.03 -9.75 -14.08
C CYS B 74 -22.44 -10.31 -15.46
N ALA B 75 -23.16 -11.43 -15.48
CA ALA B 75 -23.69 -11.97 -16.73
C ALA B 75 -24.94 -12.78 -16.44
N ASN B 76 -26.00 -12.47 -17.18
CA ASN B 76 -27.27 -13.18 -17.11
C ASN B 76 -27.99 -13.10 -18.46
N HIS B 77 -27.76 -14.11 -19.30
CA HIS B 77 -28.36 -14.18 -20.64
C HIS B 77 -28.52 -15.63 -21.12
N ILE B 78 -29.41 -15.83 -22.08
CA ILE B 78 -29.63 -17.14 -22.70
C ILE B 78 -28.44 -17.44 -23.59
N ILE B 79 -28.01 -18.70 -23.61
CA ILE B 79 -27.03 -19.19 -24.59
C ILE B 79 -27.77 -19.47 -25.90
N ALA B 80 -27.99 -18.41 -26.67
CA ALA B 80 -28.83 -18.47 -27.88
C ALA B 80 -28.16 -19.30 -28.97
N PRO B 81 -28.97 -19.99 -29.82
CA PRO B 81 -28.39 -20.71 -30.97
C PRO B 81 -27.60 -19.83 -31.96
N GLU B 82 -27.99 -18.56 -32.11
CA GLU B 82 -27.39 -17.63 -33.09
C GLU B 82 -25.93 -17.25 -32.78
N TYR B 83 -25.54 -17.34 -31.50
CA TYR B 83 -24.23 -16.88 -31.05
C TYR B 83 -23.11 -17.81 -31.51
N THR B 84 -21.92 -17.22 -31.71
CA THR B 84 -20.73 -17.92 -32.18
C THR B 84 -19.54 -17.47 -31.37
N LEU B 85 -18.79 -18.43 -30.84
CA LEU B 85 -17.59 -18.13 -30.07
C LEU B 85 -16.41 -17.97 -31.00
N LYS B 86 -15.84 -16.76 -31.03
CA LYS B 86 -14.69 -16.45 -31.89
C LYS B 86 -13.45 -16.11 -31.04
N PRO B 87 -12.24 -16.47 -31.52
CA PRO B 87 -11.04 -16.22 -30.71
C PRO B 87 -10.70 -14.73 -30.60
N ASN B 88 -10.00 -14.38 -29.52
CA ASN B 88 -9.39 -13.07 -29.40
C ASN B 88 -7.99 -13.21 -29.93
N VAL B 89 -7.54 -12.18 -30.66
CA VAL B 89 -6.22 -12.20 -31.29
C VAL B 89 -5.08 -12.39 -30.29
N GLY B 90 -5.25 -11.90 -29.07
CA GLY B 90 -4.22 -11.95 -28.03
C GLY B 90 -4.25 -13.12 -27.06
N SER B 91 -5.17 -14.07 -27.22
CA SER B 91 -5.40 -15.10 -26.21
C SER B 91 -5.78 -16.45 -26.82
N ASP B 92 -5.21 -17.53 -26.28
CA ASP B 92 -5.60 -18.91 -26.63
C ASP B 92 -6.55 -19.55 -25.59
N ARG B 93 -6.91 -18.78 -24.56
CA ARG B 93 -7.80 -19.26 -23.50
C ARG B 93 -9.01 -18.32 -23.32
N SER B 94 -9.48 -17.76 -24.42
CA SER B 94 -10.63 -16.85 -24.40
C SER B 94 -11.51 -17.00 -25.61
N TRP B 95 -12.78 -16.57 -25.45
CA TRP B 95 -13.75 -16.49 -26.55
C TRP B 95 -14.41 -15.12 -26.52
N VAL B 96 -14.69 -14.60 -27.71
CA VAL B 96 -15.37 -13.32 -27.90
C VAL B 96 -16.70 -13.61 -28.58
N TYR B 97 -17.80 -13.08 -28.04
CA TYR B 97 -19.07 -13.20 -28.73
C TYR B 97 -20.01 -12.03 -28.52
N ALA B 98 -20.98 -11.92 -29.43
CA ALA B 98 -21.96 -10.84 -29.43
C ALA B 98 -23.20 -11.36 -28.74
N CYS B 99 -23.71 -10.57 -27.81
CA CYS B 99 -24.85 -10.92 -26.99
C CYS B 99 -25.87 -9.80 -27.07
N THR B 100 -27.09 -10.13 -27.48
CA THR B 100 -28.13 -9.14 -27.78
C THR B 100 -29.05 -8.81 -26.61
N ALA B 101 -28.95 -9.55 -25.51
CA ALA B 101 -29.89 -9.40 -24.39
C ALA B 101 -29.37 -9.96 -23.05
N ASP B 102 -28.54 -9.14 -22.39
CA ASP B 102 -28.04 -9.43 -21.05
C ASP B 102 -28.79 -8.56 -20.03
N ILE B 103 -29.26 -9.18 -18.94
CA ILE B 103 -30.04 -8.51 -17.90
C ILE B 103 -29.35 -8.52 -16.51
N ALA B 104 -28.02 -8.37 -16.53
CA ALA B 104 -27.25 -8.37 -15.29
C ALA B 104 -27.41 -7.06 -14.56
N GLU B 105 -27.18 -5.97 -15.30
CA GLU B 105 -27.28 -4.61 -14.76
C GLU B 105 -28.65 -4.00 -15.15
N GLY B 106 -29.73 -4.71 -14.79
CA GLY B 106 -31.10 -4.24 -15.00
C GLY B 106 -31.65 -4.49 -16.41
N GLU B 107 -31.89 -3.40 -17.14
CA GLU B 107 -32.57 -3.43 -18.46
C GLU B 107 -31.80 -4.26 -19.51
N ALA B 108 -32.53 -4.92 -20.42
CA ALA B 108 -31.91 -5.80 -21.43
C ALA B 108 -31.08 -5.04 -22.48
N GLU B 109 -29.75 -5.09 -22.35
CA GLU B 109 -28.81 -4.37 -23.22
C GLU B 109 -28.09 -5.36 -24.12
N ALA B 110 -27.57 -4.86 -25.25
CA ALA B 110 -26.67 -5.62 -26.13
C ALA B 110 -25.21 -5.36 -25.76
N PHE B 111 -24.37 -6.38 -25.94
CA PHE B 111 -22.95 -6.33 -25.55
C PHE B 111 -22.07 -7.18 -26.46
N THR B 112 -20.79 -6.83 -26.49
CA THR B 112 -19.77 -7.72 -27.05
C THR B 112 -18.89 -8.19 -25.89
N PHE B 113 -19.20 -9.39 -25.39
CA PHE B 113 -18.46 -9.99 -24.29
C PHE B 113 -17.23 -10.71 -24.80
N ALA B 114 -16.21 -10.78 -23.96
CA ALA B 114 -15.16 -11.79 -24.06
C ALA B 114 -15.07 -12.42 -22.70
N ILE B 115 -14.61 -13.66 -22.67
CA ILE B 115 -14.51 -14.39 -21.42
C ILE B 115 -13.21 -15.17 -21.42
N ARG B 116 -12.37 -14.94 -20.40
CA ARG B 116 -11.06 -15.60 -20.26
C ARG B 116 -11.10 -16.60 -19.11
N PHE B 117 -10.36 -17.68 -19.27
CA PHE B 117 -10.34 -18.76 -18.28
C PHE B 117 -8.91 -19.01 -17.82
N GLY B 118 -8.76 -19.93 -16.87
CA GLY B 118 -7.46 -20.24 -16.28
C GLY B 118 -6.50 -20.93 -17.22
N SER B 119 -7.04 -21.65 -18.20
CA SER B 119 -6.21 -22.34 -19.19
C SER B 119 -6.94 -22.54 -20.50
N LYS B 120 -6.19 -22.96 -21.53
CA LYS B 120 -6.75 -23.34 -22.84
C LYS B 120 -7.69 -24.53 -22.68
N GLU B 121 -7.32 -25.46 -21.79
CA GLU B 121 -8.11 -26.68 -21.56
C GLU B 121 -9.54 -26.31 -21.12
N ASN B 122 -9.64 -25.40 -20.15
CA ASN B 122 -10.91 -24.86 -19.65
C ASN B 122 -11.68 -24.09 -20.71
N ALA B 123 -10.97 -23.29 -21.50
CA ALA B 123 -11.59 -22.55 -22.60
C ALA B 123 -12.20 -23.48 -23.63
N ASP B 124 -11.51 -24.59 -23.93
CA ASP B 124 -12.01 -25.57 -24.90
C ASP B 124 -13.25 -26.31 -24.38
N LYS B 125 -13.22 -26.72 -23.10
CA LYS B 125 -14.39 -27.35 -22.48
C LYS B 125 -15.58 -26.40 -22.39
N PHE B 126 -15.31 -25.11 -22.23
CA PHE B 126 -16.35 -24.09 -22.20
C PHE B 126 -17.05 -24.02 -23.54
N LYS B 127 -16.26 -23.89 -24.60
CA LYS B 127 -16.73 -23.91 -25.99
C LYS B 127 -17.60 -25.15 -26.28
N GLU B 128 -17.09 -26.30 -25.88
CA GLU B 128 -17.78 -27.58 -26.04
C GLU B 128 -19.14 -27.60 -25.35
N GLU B 129 -19.17 -27.10 -24.12
CA GLU B 129 -20.39 -27.11 -23.30
C GLU B 129 -21.39 -26.01 -23.69
N PHE B 130 -20.85 -24.87 -24.14
CA PHE B 130 -21.63 -23.73 -24.70
C PHE B 130 -22.44 -24.19 -25.91
N GLU B 131 -21.81 -25.01 -26.77
CA GLU B 131 -22.46 -25.57 -27.95
C GLU B 131 -23.46 -26.70 -27.63
N LYS B 132 -23.18 -27.51 -26.60
CA LYS B 132 -24.18 -28.44 -26.07
C LYS B 132 -25.44 -27.69 -25.63
N ALA B 133 -25.21 -26.59 -24.91
CA ALA B 133 -26.28 -25.72 -24.44
C ALA B 133 -27.09 -25.10 -25.58
N GLN B 134 -26.40 -24.72 -26.65
CA GLN B 134 -27.05 -24.18 -27.85
C GLN B 134 -28.01 -25.18 -28.49
N GLU B 135 -27.61 -26.47 -28.50
CA GLU B 135 -28.46 -27.54 -29.06
C GLU B 135 -29.66 -27.84 -28.17
N ILE B 136 -29.48 -27.71 -26.86
CA ILE B 136 -30.59 -27.82 -25.90
C ILE B 136 -31.57 -26.64 -26.07
N ASN B 137 -31.05 -25.41 -26.15
CA ASN B 137 -31.89 -24.22 -26.42
C ASN B 137 -32.56 -24.19 -27.80
N LYS B 138 -32.00 -24.92 -28.76
CA LYS B 138 -32.57 -25.01 -30.10
C LYS B 138 -33.90 -25.78 -30.17
N LYS B 139 -34.11 -26.73 -29.25
CA LYS B 139 -35.28 -27.64 -29.28
C LYS B 139 -36.58 -26.97 -28.81
N MET C 4 -29.28 29.04 -12.91
CA MET C 4 -28.24 28.60 -11.93
C MET C 4 -26.86 29.28 -12.10
N GLU C 5 -26.43 29.56 -13.33
CA GLU C 5 -25.09 30.17 -13.59
C GLU C 5 -24.96 31.70 -13.37
N GLY C 6 -26.02 32.35 -12.91
CA GLY C 6 -26.00 33.80 -12.66
C GLY C 6 -25.12 34.27 -11.50
N ILE C 7 -24.76 33.37 -10.59
CA ILE C 7 -23.90 33.74 -9.46
C ILE C 7 -22.44 33.97 -9.86
N LEU C 8 -21.99 33.36 -10.96
CA LEU C 8 -20.65 33.62 -11.52
C LEU C 8 -20.43 35.11 -11.88
N ASP C 9 -21.43 35.72 -12.52
CA ASP C 9 -21.35 37.11 -12.97
C ASP C 9 -21.39 38.11 -11.81
N PHE C 10 -20.21 38.65 -11.44
CA PHE C 10 -20.09 39.72 -10.42
C PHE C 10 -20.21 41.16 -10.95
N SER C 11 -20.44 41.35 -12.25
CA SER C 11 -20.78 42.68 -12.77
C SER C 11 -22.14 43.11 -12.19
N ASN C 12 -23.05 42.15 -12.06
CA ASN C 12 -24.27 42.30 -11.25
C ASN C 12 -24.03 41.85 -9.80
N ASP C 13 -24.87 42.35 -8.88
CA ASP C 13 -24.80 41.99 -7.45
C ASP C 13 -25.12 40.53 -7.24
N LEU C 14 -24.55 39.95 -6.18
CA LEU C 14 -24.72 38.53 -5.90
C LEU C 14 -26.11 38.25 -5.33
N ASP C 15 -26.89 37.42 -6.05
CA ASP C 15 -28.21 36.98 -5.58
C ASP C 15 -28.05 35.81 -4.58
N ILE C 16 -28.31 36.10 -3.30
CA ILE C 16 -28.12 35.15 -2.19
C ILE C 16 -29.14 34.00 -2.24
N ALA C 17 -30.40 34.34 -2.49
CA ALA C 17 -31.46 33.36 -2.65
C ALA C 17 -31.14 32.36 -3.78
N LEU C 18 -30.55 32.86 -4.88
CA LEU C 18 -30.05 31.98 -5.94
C LEU C 18 -28.90 31.10 -5.44
N LEU C 19 -27.94 31.72 -4.74
CA LEU C 19 -26.80 30.98 -4.17
C LEU C 19 -27.29 29.87 -3.26
N ASP C 20 -28.26 30.19 -2.41
CA ASP C 20 -28.80 29.22 -1.45
C ASP C 20 -29.50 28.02 -2.10
N GLN C 21 -29.97 28.16 -3.34
CA GLN C 21 -30.54 27.03 -4.06
C GLN C 21 -29.50 26.20 -4.81
N VAL C 22 -28.47 26.83 -5.38
CA VAL C 22 -27.40 26.05 -6.07
C VAL C 22 -26.61 25.20 -5.09
N VAL C 23 -26.50 25.70 -3.86
CA VAL C 23 -25.93 24.96 -2.73
C VAL C 23 -26.85 23.81 -2.31
N SER C 24 -28.15 24.08 -2.10
CA SER C 24 -29.14 23.03 -1.83
C SER C 24 -29.19 21.97 -2.92
N THR C 25 -29.04 22.40 -4.17
CA THR C 25 -29.00 21.47 -5.31
C THR C 25 -27.76 20.59 -5.23
N PHE C 26 -26.64 21.15 -4.81
CA PHE C 26 -25.39 20.39 -4.72
C PHE C 26 -25.42 19.31 -3.64
N TYR C 27 -25.75 19.68 -2.41
CA TYR C 27 -25.77 18.73 -1.29
C TYR C 27 -26.98 17.80 -1.30
N GLN C 28 -28.17 18.37 -1.40
CA GLN C 28 -29.42 17.62 -1.24
C GLN C 28 -29.98 17.04 -2.55
N GLY C 29 -29.44 17.48 -3.70
CA GLY C 29 -29.89 17.00 -5.01
C GLY C 29 -28.99 15.90 -5.55
N SER C 30 -29.19 15.52 -6.81
CA SER C 30 -28.45 14.40 -7.43
C SER C 30 -28.36 14.50 -8.97
N GLY C 31 -27.65 13.54 -9.58
CA GLY C 31 -27.64 13.39 -11.03
C GLY C 31 -26.89 14.49 -11.76
N VAL C 32 -27.49 14.98 -12.86
CA VAL C 32 -26.86 15.99 -13.72
C VAL C 32 -26.96 17.39 -13.12
N GLN C 33 -28.09 17.69 -12.48
CA GLN C 33 -28.27 18.93 -11.71
C GLN C 33 -27.22 19.14 -10.60
N GLN C 34 -26.87 18.07 -9.90
CA GLN C 34 -25.81 18.09 -8.87
C GLN C 34 -24.45 18.39 -9.48
N LYS C 35 -24.13 17.76 -10.61
CA LYS C 35 -22.82 17.93 -11.26
C LYS C 35 -22.58 19.37 -11.74
N GLN C 36 -23.58 19.96 -12.38
CA GLN C 36 -23.47 21.34 -12.86
C GLN C 36 -23.38 22.32 -11.69
N ALA C 37 -24.14 22.06 -10.63
CA ALA C 37 -24.12 22.89 -9.42
C ALA C 37 -22.75 22.87 -8.71
N GLN C 38 -22.04 21.74 -8.74
CA GLN C 38 -20.72 21.66 -8.11
C GLN C 38 -19.69 22.48 -8.90
N GLU C 39 -19.80 22.47 -10.23
CA GLU C 39 -18.91 23.27 -11.08
C GLU C 39 -19.14 24.76 -10.88
N ILE C 40 -20.41 25.15 -10.72
CA ILE C 40 -20.77 26.55 -10.44
C ILE C 40 -20.20 26.99 -9.09
N LEU C 41 -20.25 26.10 -8.09
CA LEU C 41 -19.74 26.41 -6.76
C LEU C 41 -18.22 26.48 -6.70
N THR C 42 -17.55 25.64 -7.48
CA THR C 42 -16.08 25.65 -7.50
C THR C 42 -15.54 26.88 -8.24
N LYS C 43 -16.24 27.33 -9.27
CA LYS C 43 -15.83 28.54 -10.02
C LYS C 43 -16.14 29.79 -9.22
N PHE C 44 -17.28 29.80 -8.55
CA PHE C 44 -17.63 30.86 -7.59
C PHE C 44 -16.58 31.00 -6.50
N GLN C 45 -16.16 29.86 -5.94
CA GLN C 45 -15.13 29.82 -4.90
C GLN C 45 -13.78 30.32 -5.44
N ASP C 46 -13.39 29.81 -6.61
CA ASP C 46 -12.08 30.10 -7.19
C ASP C 46 -11.95 31.50 -7.80
N ASN C 47 -13.04 32.24 -7.95
CA ASN C 47 -12.98 33.65 -8.38
C ASN C 47 -12.24 34.48 -7.30
N PRO C 48 -11.21 35.27 -7.68
CA PRO C 48 -10.43 36.00 -6.66
C PRO C 48 -11.17 37.09 -5.85
N ASP C 49 -12.30 37.57 -6.36
CA ASP C 49 -13.12 38.61 -5.70
C ASP C 49 -14.30 38.07 -4.86
N ALA C 50 -14.39 36.75 -4.71
CA ALA C 50 -15.52 36.09 -4.02
C ALA C 50 -15.59 36.41 -2.52
N TRP C 51 -14.43 36.55 -1.88
CA TRP C 51 -14.35 36.94 -0.47
C TRP C 51 -15.07 38.24 -0.11
N GLN C 52 -15.17 39.17 -1.07
CA GLN C 52 -15.91 40.43 -0.88
C GLN C 52 -17.43 40.21 -0.71
N LYS C 53 -17.92 39.03 -1.11
CA LYS C 53 -19.31 38.64 -0.95
C LYS C 53 -19.57 37.82 0.32
N ALA C 54 -18.54 37.53 1.10
CA ALA C 54 -18.65 36.60 2.24
C ALA C 54 -19.45 37.15 3.41
N ASP C 55 -19.28 38.45 3.73
CA ASP C 55 -20.05 39.08 4.80
C ASP C 55 -21.52 39.20 4.45
N GLN C 56 -21.80 39.44 3.16
CA GLN C 56 -23.18 39.46 2.66
C GLN C 56 -23.87 38.12 2.90
N ILE C 57 -23.16 37.03 2.60
CA ILE C 57 -23.65 35.67 2.78
C ILE C 57 -23.88 35.35 4.25
N LEU C 58 -22.87 35.58 5.10
CA LEU C 58 -22.99 35.36 6.56
C LEU C 58 -24.13 36.10 7.25
N GLN C 59 -24.43 37.33 6.81
CA GLN C 59 -25.58 38.09 7.31
C GLN C 59 -26.89 37.53 6.74
N PHE C 60 -27.03 37.60 5.41
CA PHE C 60 -28.31 37.41 4.74
C PHE C 60 -28.67 35.97 4.36
N SER C 61 -27.68 35.10 4.16
CA SER C 61 -27.96 33.73 3.72
C SER C 61 -28.79 32.95 4.73
N THR C 62 -29.69 32.11 4.19
CA THR C 62 -30.53 31.23 5.00
C THR C 62 -29.97 29.79 5.14
N ASN C 63 -29.10 29.39 4.22
CA ASN C 63 -28.56 28.02 4.14
C ASN C 63 -27.20 27.95 4.87
N PRO C 64 -27.09 27.08 5.91
CA PRO C 64 -25.80 26.83 6.59
C PRO C 64 -24.62 26.38 5.68
N GLN C 65 -24.91 25.67 4.59
CA GLN C 65 -23.85 25.21 3.69
C GLN C 65 -23.31 26.34 2.82
N SER C 66 -24.16 27.31 2.49
CA SER C 66 -23.74 28.52 1.78
C SER C 66 -22.77 29.32 2.63
N LYS C 67 -23.10 29.42 3.93
CA LYS C 67 -22.24 30.09 4.90
C LYS C 67 -20.94 29.34 5.13
N PHE C 68 -20.99 28.01 5.13
CA PHE C 68 -19.77 27.21 5.27
C PHE C 68 -18.79 27.46 4.13
N ILE C 69 -19.32 27.56 2.91
CA ILE C 69 -18.51 27.83 1.72
C ILE C 69 -18.00 29.28 1.70
N ALA C 70 -18.81 30.22 2.20
CA ALA C 70 -18.35 31.60 2.38
C ALA C 70 -17.10 31.68 3.27
N LEU C 71 -17.12 30.93 4.37
CA LEU C 71 -15.97 30.80 5.27
C LEU C 71 -14.78 30.06 4.62
N SER C 72 -15.05 29.11 3.73
CA SER C 72 -13.97 28.46 2.94
C SER C 72 -13.24 29.46 2.04
N ILE C 73 -13.95 30.43 1.49
CA ILE C 73 -13.37 31.45 0.61
C ILE C 73 -12.48 32.40 1.41
N LEU C 74 -12.94 32.75 2.61
CA LEU C 74 -12.16 33.51 3.58
C LEU C 74 -10.92 32.77 4.07
N ASP C 75 -11.10 31.47 4.36
CA ASP C 75 -10.02 30.59 4.79
C ASP C 75 -8.88 30.67 3.77
N LYS C 76 -9.23 30.60 2.49
CA LYS C 76 -8.24 30.69 1.42
C LYS C 76 -7.62 32.08 1.34
N LEU C 77 -8.43 33.13 1.52
CA LEU C 77 -7.93 34.51 1.54
C LEU C 77 -6.97 34.77 2.69
N ILE C 78 -7.31 34.27 3.88
CA ILE C 78 -6.51 34.52 5.08
C ILE C 78 -5.16 33.78 5.02
N THR C 79 -5.16 32.54 4.54
CA THR C 79 -3.92 31.75 4.50
C THR C 79 -2.96 32.18 3.40
N ARG C 80 -3.45 32.89 2.37
CA ARG C 80 -2.66 33.23 1.19
C ARG C 80 -2.43 34.71 0.90
N LYS C 81 -3.49 35.51 0.96
CA LYS C 81 -3.42 36.91 0.51
C LYS C 81 -3.78 37.87 1.63
N TRP C 82 -3.62 37.44 2.88
CA TRP C 82 -4.02 38.28 4.01
C TRP C 82 -3.20 39.55 4.04
N LYS C 83 -1.87 39.39 3.98
CA LYS C 83 -0.94 40.53 4.08
C LYS C 83 -1.22 41.58 3.00
N LEU C 84 -1.49 41.10 1.78
CA LEU C 84 -1.85 41.96 0.65
C LEU C 84 -3.05 42.90 0.89
N LEU C 85 -3.98 42.55 1.78
CA LEU C 85 -5.20 43.35 1.96
C LEU C 85 -4.92 44.70 2.65
N PRO C 86 -5.76 45.71 2.37
CA PRO C 86 -5.79 46.93 3.19
C PRO C 86 -6.11 46.62 4.65
N ASN C 87 -5.56 47.39 5.59
CA ASN C 87 -5.73 47.09 7.01
C ASN C 87 -7.19 47.24 7.51
N ASP C 88 -7.99 48.08 6.85
CA ASP C 88 -9.41 48.21 7.18
C ASP C 88 -10.24 46.97 6.74
N HIS C 89 -9.81 46.27 5.70
CA HIS C 89 -10.40 44.97 5.32
C HIS C 89 -10.04 43.85 6.32
N ARG C 90 -8.78 43.78 6.73
CA ARG C 90 -8.32 42.78 7.70
C ARG C 90 -9.01 42.94 9.05
N ILE C 91 -9.05 44.17 9.56
CA ILE C 91 -9.72 44.48 10.82
C ILE C 91 -11.27 44.31 10.67
N GLY C 92 -11.79 44.56 9.46
CA GLY C 92 -13.21 44.37 9.16
C GLY C 92 -13.64 42.93 9.08
N ILE C 93 -12.81 42.09 8.44
CA ILE C 93 -13.07 40.64 8.35
C ILE C 93 -13.02 39.99 9.74
N ARG C 94 -12.06 40.38 10.56
CA ARG C 94 -12.01 39.96 11.97
C ARG C 94 -13.29 40.27 12.74
N ASN C 95 -13.85 41.46 12.52
CA ASN C 95 -15.04 41.90 13.24
C ASN C 95 -16.29 41.07 12.94
N PHE C 96 -16.55 40.77 11.66
CA PHE C 96 -17.76 40.02 11.35
C PHE C 96 -17.65 38.53 11.61
N VAL C 97 -16.43 38.01 11.73
CA VAL C 97 -16.21 36.63 12.15
C VAL C 97 -16.40 36.52 13.67
N VAL C 98 -15.77 37.41 14.43
CA VAL C 98 -15.89 37.41 15.89
C VAL C 98 -17.31 37.73 16.29
N GLY C 99 -17.92 38.66 15.56
CA GLY C 99 -19.29 39.09 15.82
C GLY C 99 -20.35 38.07 15.48
N MET C 100 -20.09 37.23 14.50
CA MET C 100 -21.05 36.18 14.12
C MET C 100 -20.85 34.86 14.91
N ILE C 101 -19.64 34.62 15.43
CA ILE C 101 -19.42 33.50 16.37
C ILE C 101 -20.22 33.71 17.65
N ILE C 102 -20.10 34.91 18.22
CA ILE C 102 -20.88 35.25 19.43
C ILE C 102 -22.39 35.33 19.15
N SER C 103 -22.78 35.74 17.95
CA SER C 103 -24.18 35.73 17.52
C SER C 103 -24.82 34.33 17.61
N MET C 104 -24.10 33.35 17.09
CA MET C 104 -24.56 31.97 17.09
C MET C 104 -24.54 31.30 18.47
N CYS C 105 -23.69 31.78 19.38
CA CYS C 105 -23.63 31.23 20.74
C CYS C 105 -24.73 31.77 21.70
N GLN C 106 -25.27 32.96 21.41
CA GLN C 106 -26.41 33.51 22.18
C GLN C 106 -27.74 32.81 21.83
N ASP C 107 -27.89 32.39 20.57
CA ASP C 107 -29.06 31.64 20.10
C ASP C 107 -28.88 30.14 20.46
N ASP C 108 -29.59 29.66 21.49
CA ASP C 108 -29.50 28.24 21.95
C ASP C 108 -29.78 27.22 20.84
N GLU C 109 -30.71 27.54 19.95
CA GLU C 109 -31.14 26.65 18.88
C GLU C 109 -30.11 26.56 17.76
N VAL C 110 -29.55 27.69 17.37
CA VAL C 110 -28.45 27.74 16.39
C VAL C 110 -27.18 27.09 16.96
N PHE C 111 -26.89 27.35 18.24
CA PHE C 111 -25.77 26.68 18.92
C PHE C 111 -25.90 25.15 18.98
N LYS C 112 -27.13 24.67 19.13
CA LYS C 112 -27.42 23.24 19.13
C LYS C 112 -27.36 22.64 17.71
N THR C 113 -28.15 23.18 16.79
CA THR C 113 -28.42 22.52 15.50
C THR C 113 -27.38 22.72 14.37
N GLN C 114 -26.55 23.76 14.46
CA GLN C 114 -25.62 24.13 13.37
C GLN C 114 -24.16 24.08 13.84
N LYS C 115 -23.76 22.94 14.38
CA LYS C 115 -22.42 22.74 14.95
C LYS C 115 -21.32 22.78 13.89
N ASN C 116 -21.65 22.35 12.67
CA ASN C 116 -20.71 22.38 11.54
C ASN C 116 -20.30 23.81 11.22
N LEU C 117 -21.31 24.69 11.10
CA LEU C 117 -21.06 26.10 10.79
C LEU C 117 -20.30 26.82 11.89
N ILE C 118 -20.54 26.44 13.14
CA ILE C 118 -19.83 27.02 14.27
C ILE C 118 -18.38 26.55 14.33
N ASN C 119 -18.14 25.25 14.08
CA ASN C 119 -16.77 24.73 14.07
C ASN C 119 -15.92 25.33 12.94
N LYS C 120 -16.54 25.60 11.79
CA LYS C 120 -15.87 26.27 10.68
C LYS C 120 -15.57 27.73 10.99
N SER C 121 -16.53 28.43 11.57
CA SER C 121 -16.31 29.82 12.00
C SER C 121 -15.18 29.91 13.02
N ASP C 122 -15.11 28.91 13.90
CA ASP C 122 -14.02 28.80 14.86
C ASP C 122 -12.66 28.52 14.21
N LEU C 123 -12.66 27.67 13.19
CA LEU C 123 -11.43 27.34 12.50
C LEU C 123 -10.95 28.55 11.72
N THR C 124 -11.89 29.21 11.05
CA THR C 124 -11.63 30.43 10.28
C THR C 124 -11.09 31.58 11.16
N LEU C 125 -11.58 31.68 12.39
CA LEU C 125 -11.00 32.58 13.39
C LEU C 125 -9.55 32.24 13.72
N VAL C 126 -9.27 30.95 13.94
CA VAL C 126 -7.93 30.49 14.27
C VAL C 126 -6.94 30.82 13.15
N GLN C 127 -7.41 30.85 11.90
CA GLN C 127 -6.58 31.24 10.76
CA GLN C 127 -6.56 31.24 10.77
C GLN C 127 -6.19 32.72 10.86
N ILE C 128 -7.13 33.53 11.35
CA ILE C 128 -6.86 34.94 11.59
C ILE C 128 -5.87 35.08 12.74
N LEU C 129 -6.07 34.31 13.81
CA LEU C 129 -5.16 34.36 14.96
C LEU C 129 -3.72 34.02 14.55
N LYS C 130 -3.55 33.03 13.69
CA LYS C 130 -2.22 32.69 13.17
C LYS C 130 -1.54 33.90 12.52
N GLN C 131 -2.33 34.69 11.77
CA GLN C 131 -1.83 35.89 11.13
C GLN C 131 -1.59 37.06 12.08
N GLU C 132 -2.56 37.33 12.95
CA GLU C 132 -2.61 38.57 13.73
C GLU C 132 -2.21 38.47 15.22
N TRP C 133 -2.35 37.28 15.82
CA TRP C 133 -2.17 37.09 17.28
C TRP C 133 -0.75 36.60 17.60
N PRO C 134 -0.11 37.12 18.65
CA PRO C 134 -0.60 38.16 19.57
C PRO C 134 -0.14 39.59 19.24
N GLN C 135 0.72 39.77 18.25
CA GLN C 135 1.23 41.10 17.87
C GLN C 135 0.17 42.16 17.61
N ASN C 136 -0.90 41.83 16.88
CA ASN C 136 -1.98 42.78 16.58
C ASN C 136 -3.26 42.43 17.31
N TRP C 137 -3.19 41.57 18.33
CA TRP C 137 -4.37 41.15 19.09
C TRP C 137 -3.95 40.68 20.50
N PRO C 138 -3.22 41.52 21.25
CA PRO C 138 -2.62 41.10 22.54
C PRO C 138 -3.61 40.70 23.61
N GLU C 139 -4.81 41.25 23.53
CA GLU C 139 -5.88 41.04 24.50
C GLU C 139 -6.81 39.84 24.22
N PHE C 140 -6.50 39.02 23.21
CA PHE C 140 -7.39 37.91 22.83
C PHE C 140 -7.66 36.92 23.98
N ILE C 141 -6.59 36.43 24.59
CA ILE C 141 -6.72 35.38 25.61
C ILE C 141 -7.33 35.88 26.93
N PRO C 142 -6.90 37.07 27.44
CA PRO C 142 -7.61 37.59 28.61
C PRO C 142 -9.07 37.95 28.35
N GLU C 143 -9.41 38.39 27.13
CA GLU C 143 -10.81 38.69 26.79
C GLU C 143 -11.64 37.41 26.55
N LEU C 144 -10.99 36.37 26.02
CA LEU C 144 -11.63 35.04 25.88
C LEU C 144 -12.01 34.45 27.23
N ILE C 145 -11.12 34.60 28.23
CA ILE C 145 -11.39 34.13 29.58
C ILE C 145 -12.51 34.98 30.23
N GLY C 146 -12.50 36.27 29.94
CA GLY C 146 -13.54 37.20 30.42
C GLY C 146 -14.92 36.91 29.88
N SER C 147 -14.98 36.47 28.62
CA SER C 147 -16.25 36.08 27.99
C SER C 147 -16.77 34.73 28.52
N SER C 148 -15.86 33.81 28.86
CA SER C 148 -16.22 32.47 29.35
C SER C 148 -17.09 32.48 30.63
N SER C 149 -16.90 33.47 31.48
CA SER C 149 -17.72 33.63 32.70
C SER C 149 -19.19 33.93 32.43
N SER C 150 -19.49 34.69 31.36
CA SER C 150 -20.86 35.15 31.10
C SER C 150 -21.83 34.01 30.69
N SER C 151 -21.57 33.38 29.55
CA SER C 151 -22.44 32.31 29.02
C SER C 151 -21.76 30.93 29.01
N VAL C 152 -22.60 29.89 28.96
CA VAL C 152 -22.13 28.48 28.95
C VAL C 152 -21.86 28.03 27.52
N ASN C 153 -22.69 28.47 26.58
CA ASN C 153 -22.43 28.26 25.15
C ASN C 153 -21.14 28.95 24.66
N VAL C 154 -20.86 30.14 25.18
CA VAL C 154 -19.65 30.89 24.80
C VAL C 154 -18.42 30.21 25.41
N CYS C 155 -18.54 29.80 26.66
CA CYS C 155 -17.47 29.07 27.35
C CYS C 155 -17.10 27.77 26.63
N GLU C 156 -18.11 26.99 26.26
CA GLU C 156 -17.91 25.73 25.53
C GLU C 156 -17.25 25.94 24.18
N ASN C 157 -17.70 26.97 23.46
CA ASN C 157 -17.18 27.25 22.12
C ASN C 157 -15.76 27.79 22.18
N ASN C 158 -15.42 28.46 23.28
CA ASN C 158 -14.06 28.95 23.46
C ASN C 158 -13.08 27.79 23.64
N MET C 159 -13.54 26.71 24.25
CA MET C 159 -12.76 25.46 24.34
C MET C 159 -12.51 24.83 22.97
N ILE C 160 -13.45 25.03 22.04
CA ILE C 160 -13.29 24.57 20.67
C ILE C 160 -12.26 25.45 19.93
N VAL C 161 -12.30 26.77 20.17
CA VAL C 161 -11.30 27.70 19.58
C VAL C 161 -9.90 27.41 20.11
N LEU C 162 -9.80 27.21 21.42
CA LEU C 162 -8.51 26.87 22.03
C LEU C 162 -8.02 25.47 21.63
N LYS C 163 -8.93 24.53 21.41
CA LYS C 163 -8.54 23.22 20.89
C LYS C 163 -7.93 23.35 19.51
N LEU C 164 -8.68 24.00 18.60
CA LEU C 164 -8.23 24.16 17.23
C LEU C 164 -6.97 25.01 17.16
N LEU C 165 -6.82 26.00 18.04
CA LEU C 165 -5.59 26.83 18.04
C LEU C 165 -4.38 26.00 18.43
N SER C 166 -4.53 25.13 19.43
CA SER C 166 -3.44 24.21 19.83
C SER C 166 -3.05 23.25 18.69
N GLU C 167 -4.04 22.73 17.96
CA GLU C 167 -3.80 21.86 16.81
C GLU C 167 -2.97 22.58 15.75
N GLU C 168 -3.42 23.77 15.38
CA GLU C 168 -2.81 24.51 14.28
C GLU C 168 -1.40 24.99 14.60
N VAL C 169 -1.13 25.26 15.88
CA VAL C 169 0.19 25.71 16.32
C VAL C 169 1.20 24.60 16.61
N PHE C 170 0.77 23.54 17.29
CA PHE C 170 1.68 22.46 17.72
C PHE C 170 1.62 21.15 16.93
N ASP C 171 0.43 20.76 16.45
CA ASP C 171 0.24 19.44 15.81
C ASP C 171 0.39 19.46 14.29
N PHE C 172 -0.05 20.55 13.63
CA PHE C 172 0.00 20.64 12.16
C PHE C 172 0.65 21.94 11.68
N SER C 173 1.71 22.35 12.36
CA SER C 173 2.45 23.55 11.98
C SER C 173 3.71 23.22 11.20
N ALA C 174 4.28 22.04 11.42
CA ALA C 174 5.59 21.69 10.83
C ALA C 174 5.61 21.81 9.30
N GLU C 175 4.54 21.36 8.65
CA GLU C 175 4.41 21.46 7.21
C GLU C 175 3.91 22.84 6.74
N GLN C 176 2.93 23.40 7.44
CA GLN C 176 2.16 24.56 6.94
C GLN C 176 2.72 25.96 7.27
N MET C 177 3.74 26.04 8.13
CA MET C 177 4.32 27.32 8.55
C MET C 177 5.83 27.32 8.41
N THR C 178 6.39 28.52 8.32
CA THR C 178 7.84 28.68 8.41
C THR C 178 8.26 28.35 9.83
N GLN C 179 9.52 27.94 9.97
CA GLN C 179 10.09 27.64 11.28
C GLN C 179 9.96 28.82 12.26
N ALA C 180 10.20 30.03 11.76
CA ALA C 180 10.16 31.25 12.59
C ALA C 180 8.76 31.56 13.09
N LYS C 181 7.76 31.37 12.24
CA LYS C 181 6.36 31.66 12.62
C LYS C 181 5.72 30.58 13.47
N ALA C 182 6.07 29.32 13.26
CA ALA C 182 5.65 28.23 14.16
C ALA C 182 6.20 28.44 15.58
N LEU C 183 7.48 28.79 15.68
CA LEU C 183 8.09 29.12 16.97
C LEU C 183 7.45 30.36 17.61
N HIS C 184 7.13 31.37 16.79
CA HIS C 184 6.48 32.58 17.31
C HIS C 184 5.15 32.24 17.97
N LEU C 185 4.34 31.43 17.30
CA LEU C 185 3.01 31.03 17.79
C LEU C 185 3.06 30.08 18.98
N LYS C 186 4.00 29.13 18.97
CA LYS C 186 4.20 28.24 20.13
C LYS C 186 4.58 28.99 21.38
N ASN C 187 5.50 29.95 21.26
CA ASN C 187 5.90 30.79 22.39
C ASN C 187 4.80 31.69 22.89
N SER C 188 3.95 32.17 21.99
CA SER C 188 2.83 33.02 22.38
C SER C 188 1.82 32.26 23.23
N MET C 189 1.48 31.03 22.82
CA MET C 189 0.57 30.18 23.58
C MET C 189 1.23 29.73 24.86
N SER C 190 2.48 29.29 24.75
CA SER C 190 3.26 28.88 25.91
C SER C 190 3.33 30.02 26.97
N LYS C 191 3.46 31.26 26.50
CA LYS C 191 3.51 32.46 27.37
C LYS C 191 2.20 32.70 28.14
N GLU C 192 1.05 32.48 27.48
CA GLU C 192 -0.27 32.74 28.07
C GLU C 192 -1.06 31.47 28.48
N PHE C 193 -0.40 30.33 28.58
CA PHE C 193 -1.09 29.09 28.94
C PHE C 193 -1.43 29.05 30.42
N GLU C 194 -0.68 29.77 31.24
CA GLU C 194 -0.98 29.86 32.69
C GLU C 194 -2.47 30.10 32.93
N GLN C 195 -2.99 31.18 32.32
CA GLN C 195 -4.38 31.59 32.53
C GLN C 195 -5.40 30.77 31.71
N ILE C 196 -4.97 30.12 30.63
CA ILE C 196 -5.82 29.14 29.92
C ILE C 196 -6.09 27.91 30.79
N PHE C 197 -5.05 27.36 31.41
CA PHE C 197 -5.19 26.17 32.26
C PHE C 197 -6.02 26.47 33.49
N LYS C 198 -5.84 27.67 34.06
CA LYS C 198 -6.59 28.14 35.24
C LYS C 198 -8.10 28.07 34.98
N LEU C 199 -8.52 28.52 33.78
CA LEU C 199 -9.90 28.42 33.30
C LEU C 199 -10.33 26.99 33.03
N CYS C 200 -9.47 26.27 32.32
CA CYS C 200 -9.74 24.89 31.95
C CYS C 200 -10.02 24.03 33.19
N PHE C 201 -9.21 24.23 34.24
CA PHE C 201 -9.29 23.44 35.46
C PHE C 201 -10.48 23.80 36.33
N GLN C 202 -10.80 25.10 36.46
CA GLN C 202 -11.94 25.52 37.26
C GLN C 202 -13.26 25.06 36.60
N VAL C 203 -13.30 25.01 35.27
CA VAL C 203 -14.46 24.48 34.54
C VAL C 203 -14.66 23.00 34.80
N LEU C 204 -13.56 22.23 34.83
CA LEU C 204 -13.63 20.80 35.13
C LEU C 204 -14.14 20.49 36.54
N GLU C 205 -13.74 21.30 37.53
CA GLU C 205 -14.27 21.15 38.89
C GLU C 205 -15.74 21.56 39.06
N GLN C 206 -16.27 22.44 38.20
CA GLN C 206 -17.61 22.99 38.37
C GLN C 206 -18.73 22.47 37.44
N GLY C 207 -18.43 21.64 36.46
CA GLY C 207 -19.48 21.10 35.56
C GLY C 207 -19.89 19.66 35.84
N SER C 208 -18.90 18.77 35.96
CA SER C 208 -19.04 17.28 36.19
C SER C 208 -19.28 16.37 34.92
N SER C 209 -20.40 16.57 34.20
CA SER C 209 -20.63 15.89 32.89
C SER C 209 -21.66 16.62 31.98
N SER C 210 -21.20 17.10 30.82
CA SER C 210 -21.99 17.92 29.88
C SER C 210 -21.14 18.25 28.66
N SER C 211 -21.76 18.89 27.67
CA SER C 211 -21.03 19.28 26.45
C SER C 211 -19.87 20.27 26.69
N LEU C 212 -20.01 21.14 27.69
CA LEU C 212 -18.93 22.04 28.11
C LEU C 212 -17.73 21.26 28.66
N ILE C 213 -18.03 20.27 29.51
CA ILE C 213 -17.00 19.40 30.09
C ILE C 213 -16.30 18.57 29.00
N VAL C 214 -17.05 18.09 28.01
CA VAL C 214 -16.45 17.30 26.94
C VAL C 214 -15.51 18.19 26.15
N ALA C 215 -16.01 19.34 25.67
CA ALA C 215 -15.21 20.29 24.89
C ALA C 215 -13.95 20.76 25.64
N THR C 216 -14.08 20.95 26.94
CA THR C 216 -12.95 21.31 27.78
C THR C 216 -11.95 20.14 27.87
N LEU C 217 -12.43 18.91 27.98
CA LEU C 217 -11.56 17.73 27.96
C LEU C 217 -10.95 17.46 26.57
N GLU C 218 -11.66 17.84 25.50
CA GLU C 218 -11.15 17.74 24.13
C GLU C 218 -9.95 18.64 23.93
N SER C 219 -10.06 19.90 24.37
CA SER C 219 -8.93 20.82 24.35
C SER C 219 -7.81 20.37 25.29
N LEU C 220 -8.15 19.76 26.42
CA LEU C 220 -7.13 19.22 27.33
C LEU C 220 -6.25 18.18 26.65
N LEU C 221 -6.87 17.30 25.85
CA LEU C 221 -6.14 16.28 25.10
C LEU C 221 -5.06 16.91 24.22
N ARG C 222 -5.40 17.99 23.54
CA ARG C 222 -4.45 18.72 22.71
C ARG C 222 -3.35 19.37 23.53
N TYR C 223 -3.69 19.94 24.69
CA TYR C 223 -2.65 20.56 25.51
C TYR C 223 -1.61 19.54 25.97
N LEU C 224 -2.06 18.31 26.25
CA LEU C 224 -1.16 17.25 26.74
C LEU C 224 -0.05 16.87 25.74
N HIS C 225 -0.29 17.11 24.45
CA HIS C 225 0.73 16.95 23.42
C HIS C 225 1.95 17.82 23.61
N TRP C 226 1.85 18.92 24.35
CA TRP C 226 2.97 19.89 24.46
C TRP C 226 3.26 20.54 25.80
N ILE C 227 2.27 20.68 26.70
CA ILE C 227 2.45 21.49 27.93
C ILE C 227 3.43 20.89 28.96
N PRO C 228 4.03 21.74 29.82
CA PRO C 228 4.91 21.26 30.88
C PRO C 228 4.26 20.23 31.81
N TYR C 229 5.10 19.36 32.38
CA TYR C 229 4.66 18.23 33.20
C TYR C 229 4.04 18.71 34.52
N ARG C 230 4.51 19.86 35.01
CA ARG C 230 3.95 20.48 36.23
C ARG C 230 2.44 20.75 36.20
N TYR C 231 1.87 21.07 35.04
CA TYR C 231 0.43 21.31 34.94
C TYR C 231 -0.43 20.08 35.25
N ILE C 232 0.11 18.90 34.95
CA ILE C 232 -0.60 17.64 35.12
C ILE C 232 -0.37 17.10 36.53
N TYR C 233 0.91 17.06 36.93
CA TYR C 233 1.29 16.43 38.19
C TYR C 233 1.22 17.32 39.44
N GLU C 234 1.24 18.66 39.31
CA GLU C 234 1.14 19.56 40.50
C GLU C 234 -0.24 20.21 40.64
N THR C 235 -1.26 19.55 40.09
CA THR C 235 -2.64 19.97 40.23
C THR C 235 -3.43 18.71 40.57
N ASN C 236 -4.62 18.90 41.11
CA ASN C 236 -5.51 17.78 41.38
C ASN C 236 -6.01 17.06 40.09
N ILE C 237 -5.81 17.65 38.91
CA ILE C 237 -6.40 17.17 37.63
C ILE C 237 -6.32 15.66 37.31
N LEU C 238 -5.25 15.00 37.75
CA LEU C 238 -5.18 13.54 37.58
C LEU C 238 -6.26 12.81 38.37
N GLU C 239 -6.60 13.31 39.56
CA GLU C 239 -7.71 12.78 40.35
C GLU C 239 -9.04 12.94 39.63
N LEU C 240 -9.28 14.11 39.06
CA LEU C 240 -10.54 14.40 38.35
C LEU C 240 -10.73 13.50 37.14
N LEU C 241 -9.67 13.33 36.36
CA LEU C 241 -9.69 12.46 35.18
C LEU C 241 -9.87 11.00 35.58
N SER C 242 -9.06 10.53 36.52
CA SER C 242 -9.06 9.11 36.88
C SER C 242 -10.26 8.63 37.74
N THR C 243 -10.98 9.56 38.39
CA THR C 243 -12.18 9.22 39.16
C THR C 243 -13.44 9.75 38.51
N LYS C 244 -13.67 11.05 38.61
CA LYS C 244 -14.96 11.66 38.27
C LYS C 244 -15.35 11.49 36.80
N PHE C 245 -14.45 11.85 35.89
CA PHE C 245 -14.77 11.82 34.47
C PHE C 245 -14.80 10.43 33.87
N MET C 246 -14.30 9.44 34.60
CA MET C 246 -14.48 8.07 34.20
C MET C 246 -15.89 7.56 34.43
N THR C 247 -16.58 8.11 35.43
CA THR C 247 -17.90 7.56 35.81
C THR C 247 -19.02 7.88 34.80
N SER C 248 -19.06 9.10 34.28
CA SER C 248 -20.06 9.47 33.26
C SER C 248 -19.57 8.99 31.89
N PRO C 249 -20.44 8.31 31.12
CA PRO C 249 -19.98 7.86 29.78
C PRO C 249 -19.73 8.97 28.75
N ASP C 250 -20.36 10.12 28.91
CA ASP C 250 -20.11 11.28 28.03
C ASP C 250 -18.65 11.76 28.05
N THR C 251 -18.05 11.76 29.24
CA THR C 251 -16.68 12.20 29.44
C THR C 251 -15.65 11.09 29.36
N ARG C 252 -16.10 9.84 29.31
CA ARG C 252 -15.21 8.69 29.51
C ARG C 252 -14.26 8.45 28.35
N ALA C 253 -14.80 8.55 27.15
CA ALA C 253 -14.04 8.29 25.93
C ALA C 253 -12.88 9.25 25.83
N ILE C 254 -13.19 10.55 25.93
CA ILE C 254 -12.18 11.61 25.84
C ILE C 254 -11.20 11.61 27.03
N THR C 255 -11.68 11.29 28.23
CA THR C 255 -10.82 11.15 29.41
C THR C 255 -9.82 10.02 29.26
N LEU C 256 -10.27 8.92 28.69
CA LEU C 256 -9.42 7.75 28.54
C LEU C 256 -8.29 8.07 27.57
N LYS C 257 -8.59 8.88 26.55
CA LYS C 257 -7.60 9.36 25.59
C LYS C 257 -6.61 10.36 26.19
N CYS C 258 -7.10 11.24 27.09
CA CYS C 258 -6.25 12.18 27.83
C CYS C 258 -5.27 11.42 28.69
N LEU C 259 -5.80 10.46 29.44
CA LEU C 259 -4.99 9.66 30.34
C LEU C 259 -3.96 8.84 29.61
N THR C 260 -4.33 8.37 28.42
CA THR C 260 -3.41 7.66 27.54
C THR C 260 -2.24 8.53 27.12
N GLU C 261 -2.52 9.79 26.77
CA GLU C 261 -1.44 10.73 26.39
C GLU C 261 -0.53 11.00 27.58
N VAL C 262 -1.15 11.16 28.76
CA VAL C 262 -0.41 11.36 29.99
C VAL C 262 0.42 10.14 30.30
N SER C 263 -0.19 8.96 30.16
CA SER C 263 0.44 7.69 30.45
C SER C 263 1.71 7.50 29.65
N ASN C 264 1.72 7.98 28.42
CA ASN C 264 2.86 7.75 27.54
C ASN C 264 4.12 8.48 27.96
N LEU C 265 3.99 9.57 28.73
CA LEU C 265 5.14 10.37 29.16
C LEU C 265 6.20 9.56 29.94
N LYS C 266 7.46 9.95 29.76
CA LYS C 266 8.60 9.44 30.53
C LYS C 266 8.73 10.28 31.80
N ILE C 267 8.97 9.62 32.91
CA ILE C 267 8.91 10.22 34.25
C ILE C 267 10.32 10.57 34.75
N PRO C 268 10.47 11.74 35.39
CA PRO C 268 11.68 11.95 36.19
C PRO C 268 11.78 10.88 37.28
N GLN C 269 12.57 9.83 37.03
CA GLN C 269 12.57 8.64 37.91
C GLN C 269 13.24 8.83 39.28
N ASP C 270 13.97 9.94 39.44
CA ASP C 270 14.40 10.40 40.77
C ASP C 270 13.24 10.71 41.75
N ASN C 271 12.07 11.12 41.24
CA ASN C 271 10.97 11.63 42.08
C ASN C 271 9.94 10.57 42.50
N ASP C 272 9.86 10.29 43.80
CA ASP C 272 8.88 9.33 44.34
C ASP C 272 7.42 9.82 44.35
N LEU C 273 7.21 11.13 44.35
CA LEU C 273 5.85 11.69 44.39
C LEU C 273 5.14 11.53 43.04
N ILE C 274 5.84 11.82 41.94
CA ILE C 274 5.26 11.66 40.60
C ILE C 274 5.03 10.18 40.31
N LYS C 275 5.98 9.35 40.71
CA LYS C 275 5.80 7.89 40.63
C LYS C 275 4.52 7.45 41.30
N ARG C 276 4.28 7.96 42.51
CA ARG C 276 3.07 7.59 43.24
C ARG C 276 1.83 8.11 42.52
N GLN C 277 1.89 9.35 42.05
CA GLN C 277 0.78 9.92 41.29
C GLN C 277 0.48 9.17 40.01
N THR C 278 1.53 8.65 39.39
CA THR C 278 1.39 7.82 38.21
C THR C 278 0.76 6.47 38.55
N VAL C 279 1.07 5.90 39.71
CA VAL C 279 0.40 4.67 40.17
C VAL C 279 -1.09 4.94 40.46
N LEU C 280 -1.38 6.11 41.03
CA LEU C 280 -2.69 6.43 41.56
C LEU C 280 -3.74 6.65 40.48
N PHE C 281 -3.40 7.37 39.41
CA PHE C 281 -4.40 7.61 38.38
C PHE C 281 -4.73 6.31 37.65
N PHE C 282 -3.76 5.39 37.61
CA PHE C 282 -3.99 4.08 37.03
C PHE C 282 -4.90 3.28 37.94
N GLN C 283 -4.56 3.25 39.22
CA GLN C 283 -5.37 2.58 40.28
C GLN C 283 -6.83 3.03 40.27
N ASN C 284 -7.04 4.33 40.17
CA ASN C 284 -8.38 4.92 40.08
C ASN C 284 -9.09 4.54 38.78
N THR C 285 -8.39 4.67 37.65
CA THR C 285 -9.00 4.38 36.35
C THR C 285 -9.51 2.95 36.29
N LEU C 286 -8.65 2.01 36.64
CA LEU C 286 -9.01 0.58 36.73
C LEU C 286 -10.19 0.29 37.69
N GLN C 287 -10.25 1.02 38.80
CA GLN C 287 -11.32 0.86 39.79
C GLN C 287 -12.65 1.29 39.18
N GLN C 288 -12.66 2.44 38.51
CA GLN C 288 -13.88 2.93 37.82
C GLN C 288 -14.34 2.02 36.69
N ILE C 289 -13.40 1.41 35.97
CA ILE C 289 -13.73 0.45 34.91
CA ILE C 289 -13.75 0.46 34.91
C ILE C 289 -14.42 -0.76 35.53
N ALA C 290 -13.86 -1.25 36.65
CA ALA C 290 -14.39 -2.42 37.35
C ALA C 290 -15.79 -2.18 37.94
N THR C 291 -16.04 -0.98 38.48
CA THR C 291 -17.33 -0.64 39.11
C THR C 291 -18.36 -0.06 38.17
N SER C 292 -17.94 0.76 37.21
CA SER C 292 -18.87 1.49 36.32
C SER C 292 -19.06 0.89 34.91
N VAL C 293 -18.16 0.01 34.44
CA VAL C 293 -18.26 -0.50 33.07
C VAL C 293 -18.41 -2.02 33.04
N MET C 294 -17.35 -2.75 33.35
CA MET C 294 -17.45 -4.21 33.49
C MET C 294 -16.33 -4.75 34.36
N PRO C 295 -16.58 -5.88 35.04
CA PRO C 295 -15.52 -6.52 35.85
C PRO C 295 -14.47 -7.20 34.98
N VAL C 296 -13.42 -7.67 35.64
CA VAL C 296 -12.28 -8.28 34.97
CA VAL C 296 -12.30 -8.30 34.97
C VAL C 296 -12.69 -9.61 34.30
N THR C 297 -13.66 -10.30 34.89
CA THR C 297 -14.14 -11.57 34.33
C THR C 297 -15.02 -11.42 33.08
N ALA C 298 -15.43 -10.19 32.74
CA ALA C 298 -16.40 -10.01 31.67
C ALA C 298 -15.90 -10.53 30.32
N ASP C 299 -16.82 -11.13 29.56
CA ASP C 299 -16.53 -11.64 28.24
C ASP C 299 -16.50 -10.48 27.23
N LEU C 300 -15.32 -9.88 27.08
CA LEU C 300 -15.15 -8.73 26.19
C LEU C 300 -15.21 -9.09 24.69
N LYS C 301 -15.00 -10.36 24.37
CA LYS C 301 -15.20 -10.86 22.99
C LYS C 301 -16.65 -10.76 22.53
N ALA C 302 -17.58 -11.27 23.34
CA ALA C 302 -19.02 -11.15 23.04
C ALA C 302 -19.48 -9.68 22.99
N THR C 303 -18.96 -8.85 23.87
CA THR C 303 -19.34 -7.45 23.94
C THR C 303 -18.95 -6.69 22.66
N TYR C 304 -17.70 -6.83 22.25
CA TYR C 304 -17.23 -6.19 21.03
C TYR C 304 -18.03 -6.69 19.81
N ALA C 305 -18.27 -8.00 19.75
CA ALA C 305 -19.05 -8.61 18.69
C ALA C 305 -20.52 -8.15 18.65
N ASN C 306 -21.10 -7.78 19.79
CA ASN C 306 -22.49 -7.29 19.82
C ASN C 306 -22.56 -5.84 19.36
N ALA C 307 -21.51 -5.08 19.63
CA ALA C 307 -21.30 -3.74 19.06
C ALA C 307 -22.36 -2.69 19.41
N ASN C 308 -22.84 -2.69 20.66
CA ASN C 308 -23.76 -1.64 21.14
C ASN C 308 -23.03 -0.32 21.37
N GLY C 309 -23.71 0.78 21.03
CA GLY C 309 -23.21 2.13 21.30
C GLY C 309 -21.78 2.34 20.85
N ASN C 310 -20.93 2.75 21.79
CA ASN C 310 -19.52 2.98 21.54
C ASN C 310 -18.65 1.89 22.14
N ASP C 311 -19.27 0.73 22.44
CA ASP C 311 -18.56 -0.36 23.11
C ASP C 311 -17.24 -0.73 22.39
N GLN C 312 -17.26 -0.81 21.06
CA GLN C 312 -16.06 -1.16 20.28
C GLN C 312 -14.96 -0.09 20.39
N SER C 313 -15.35 1.17 20.26
CA SER C 313 -14.43 2.29 20.44
C SER C 313 -13.89 2.33 21.86
N PHE C 314 -14.75 2.05 22.83
CA PHE C 314 -14.31 2.03 24.23
C PHE C 314 -13.23 0.94 24.44
N LEU C 315 -13.53 -0.29 24.02
CA LEU C 315 -12.61 -1.40 24.21
C LEU C 315 -11.30 -1.16 23.47
N GLN C 316 -11.39 -0.50 22.32
CA GLN C 316 -10.22 -0.08 21.54
C GLN C 316 -9.38 0.89 22.34
N ASP C 317 -10.04 1.85 22.96
CA ASP C 317 -9.37 2.88 23.75
C ASP C 317 -8.81 2.35 25.07
N LEU C 318 -9.51 1.40 25.67
CA LEU C 318 -9.04 0.74 26.88
C LEU C 318 -7.74 0.00 26.60
N ALA C 319 -7.75 -0.78 25.52
CA ALA C 319 -6.57 -1.51 25.03
C ALA C 319 -5.41 -0.56 24.79
N MET C 320 -5.70 0.56 24.16
CA MET C 320 -4.69 1.58 23.90
C MET C 320 -4.16 2.21 25.19
N PHE C 321 -5.06 2.50 26.14
CA PHE C 321 -4.67 3.01 27.46
C PHE C 321 -3.86 2.02 28.30
N LEU C 322 -4.37 0.80 28.45
CA LEU C 322 -3.67 -0.25 29.21
C LEU C 322 -2.27 -0.52 28.66
N THR C 323 -2.18 -0.74 27.34
CA THR C 323 -0.90 -1.07 26.71
C THR C 323 0.09 0.07 26.74
N THR C 324 -0.39 1.30 26.49
CA THR C 324 0.43 2.51 26.56
C THR C 324 1.01 2.71 27.95
N TYR C 325 0.16 2.60 28.97
CA TYR C 325 0.58 2.78 30.37
C TYR C 325 1.54 1.69 30.77
N LEU C 326 1.14 0.44 30.57
CA LEU C 326 1.90 -0.69 31.06
C LEU C 326 3.24 -0.86 30.33
N ALA C 327 3.32 -0.52 29.05
CA ALA C 327 4.61 -0.53 28.35
C ALA C 327 5.61 0.43 29.01
N ARG C 328 5.11 1.61 29.36
CA ARG C 328 5.89 2.68 29.97
C ARG C 328 6.11 2.50 31.48
N ASN C 329 5.09 2.08 32.22
CA ASN C 329 5.10 2.21 33.69
C ASN C 329 4.87 0.94 34.51
N ARG C 330 4.88 -0.24 33.89
CA ARG C 330 4.57 -1.46 34.64
C ARG C 330 5.57 -1.79 35.72
N ALA C 331 6.81 -1.31 35.59
CA ALA C 331 7.81 -1.50 36.65
C ALA C 331 7.43 -0.86 38.00
N LEU C 332 6.61 0.20 37.95
CA LEU C 332 6.11 0.84 39.17
C LEU C 332 5.18 -0.06 39.98
N LEU C 333 4.56 -1.05 39.34
CA LEU C 333 3.62 -1.96 39.99
C LEU C 333 4.24 -3.33 40.34
N GLU C 334 5.51 -3.54 40.03
CA GLU C 334 6.08 -4.90 40.03
C GLU C 334 6.81 -5.29 41.31
N SER C 335 7.30 -4.30 42.08
CA SER C 335 8.03 -4.56 43.33
C SER C 335 7.12 -4.58 44.55
N ASP C 336 6.31 -3.55 44.68
CA ASP C 336 5.38 -3.38 45.81
C ASP C 336 4.28 -4.47 45.83
N GLU C 337 4.19 -5.20 46.93
CA GLU C 337 3.26 -6.33 47.05
C GLU C 337 1.78 -5.89 47.08
N SER C 338 1.51 -4.68 47.57
CA SER C 338 0.16 -4.13 47.60
C SER C 338 -0.36 -3.69 46.22
N LEU C 339 0.57 -3.46 45.29
CA LEU C 339 0.23 -3.11 43.91
C LEU C 339 0.16 -4.30 42.95
N ARG C 340 0.48 -5.49 43.45
CA ARG C 340 0.42 -6.74 42.68
C ARG C 340 -0.96 -7.00 42.09
N GLU C 341 -2.02 -6.88 42.89
CA GLU C 341 -3.38 -7.15 42.36
C GLU C 341 -3.79 -6.18 41.24
N LEU C 342 -3.35 -4.92 41.34
CA LEU C 342 -3.60 -3.92 40.30
C LEU C 342 -2.91 -4.27 38.97
N LEU C 343 -1.65 -4.65 39.07
CA LEU C 343 -0.85 -5.06 37.92
C LEU C 343 -1.47 -6.23 37.16
N LEU C 344 -1.84 -7.28 37.89
CA LEU C 344 -2.46 -8.46 37.29
C LEU C 344 -3.90 -8.27 36.78
N ASN C 345 -4.67 -7.39 37.41
CA ASN C 345 -6.02 -7.04 36.92
C ASN C 345 -5.93 -6.33 35.57
N ALA C 346 -5.00 -5.37 35.47
CA ALA C 346 -4.79 -4.64 34.24
C ALA C 346 -4.37 -5.59 33.12
N HIS C 347 -3.51 -6.56 33.44
CA HIS C 347 -3.13 -7.56 32.47
C HIS C 347 -4.26 -8.55 32.18
N GLN C 348 -5.06 -8.90 33.17
CA GLN C 348 -6.26 -9.71 32.92
C GLN C 348 -7.28 -9.03 32.01
N TYR C 349 -7.36 -7.70 32.03
CA TYR C 349 -8.19 -6.98 31.07
C TYR C 349 -7.64 -7.11 29.64
N LEU C 350 -6.31 -7.02 29.49
CA LEU C 350 -5.69 -7.24 28.19
C LEU C 350 -5.89 -8.67 27.70
N ILE C 351 -5.79 -9.67 28.58
CA ILE C 351 -6.06 -11.07 28.20
C ILE C 351 -7.47 -11.19 27.64
N GLN C 352 -8.41 -10.47 28.23
CA GLN C 352 -9.79 -10.50 27.77
C GLN C 352 -9.97 -9.68 26.51
N LEU C 353 -9.28 -8.53 26.42
CA LEU C 353 -9.28 -7.73 25.17
C LEU C 353 -8.69 -8.50 23.99
N SER C 354 -7.65 -9.31 24.28
CA SER C 354 -6.95 -10.12 23.28
C SER C 354 -7.79 -11.24 22.68
N LYS C 355 -8.92 -11.59 23.31
CA LYS C 355 -9.81 -12.61 22.78
C LYS C 355 -10.83 -12.05 21.78
N ILE C 356 -10.86 -10.72 21.62
CA ILE C 356 -11.77 -10.09 20.68
C ILE C 356 -11.38 -10.48 19.25
N GLU C 357 -12.36 -10.89 18.45
CA GLU C 357 -12.18 -11.14 17.02
C GLU C 357 -12.22 -9.81 16.29
N GLU C 358 -11.04 -9.25 16.06
CA GLU C 358 -10.82 -7.98 15.39
C GLU C 358 -9.33 -7.88 15.25
N ARG C 359 -8.86 -8.03 14.01
CA ARG C 359 -7.43 -8.18 13.71
C ARG C 359 -6.59 -6.99 14.11
N GLU C 360 -7.07 -5.79 13.81
CA GLU C 360 -6.32 -4.57 14.12
C GLU C 360 -6.24 -4.31 15.60
N LEU C 361 -7.28 -4.70 16.34
CA LEU C 361 -7.24 -4.62 17.79
C LEU C 361 -6.27 -5.68 18.36
N PHE C 362 -6.40 -6.91 17.82
CA PHE C 362 -5.51 -8.01 18.19
C PHE C 362 -4.05 -7.67 17.98
N LYS C 363 -3.73 -6.96 16.90
CA LYS C 363 -2.36 -6.49 16.64
C LYS C 363 -1.90 -5.48 17.66
N THR C 364 -2.83 -4.66 18.15
CA THR C 364 -2.52 -3.64 19.16
C THR C 364 -2.12 -4.34 20.44
N THR C 365 -2.91 -5.34 20.83
CA THR C 365 -2.64 -6.14 22.03
C THR C 365 -1.39 -7.02 21.86
N LEU C 366 -1.25 -7.62 20.68
CA LEU C 366 -0.13 -8.50 20.41
C LEU C 366 1.20 -7.76 20.50
N ASP C 367 1.22 -6.52 19.98
CA ASP C 367 2.37 -5.62 20.11
C ASP C 367 2.75 -5.44 21.56
N TYR C 368 1.76 -5.27 22.42
CA TYR C 368 2.03 -5.21 23.86
C TYR C 368 2.62 -6.53 24.39
N TRP C 369 1.97 -7.65 24.11
CA TRP C 369 2.45 -8.92 24.61
C TRP C 369 3.92 -9.18 24.20
N HIS C 370 4.25 -8.85 22.96
CA HIS C 370 5.63 -8.89 22.50
C HIS C 370 6.54 -8.05 23.38
N ASN C 371 6.18 -6.78 23.59
CA ASN C 371 6.94 -5.88 24.48
C ASN C 371 7.18 -6.52 25.86
N LEU C 372 6.15 -7.16 26.39
CA LEU C 372 6.19 -7.81 27.71
C LEU C 372 7.07 -9.06 27.73
N VAL C 373 6.76 -10.02 26.89
CA VAL C 373 7.45 -11.31 26.89
C VAL C 373 8.91 -11.12 26.53
N ALA C 374 9.20 -10.13 25.67
CA ALA C 374 10.57 -9.69 25.39
C ALA C 374 11.28 -9.21 26.64
N ASP C 375 10.63 -8.36 27.39
CA ASP C 375 11.18 -7.88 28.65
C ASP C 375 11.34 -9.04 29.66
N LEU C 376 10.39 -9.97 29.69
CA LEU C 376 10.44 -11.11 30.64
C LEU C 376 11.54 -12.12 30.29
N PHE C 377 11.87 -12.22 29.01
CA PHE C 377 12.99 -13.01 28.52
C PHE C 377 14.35 -12.51 29.03
N TYR C 378 14.53 -11.19 29.09
CA TYR C 378 15.81 -10.58 29.50
C TYR C 378 15.90 -10.02 30.93
N GLU C 379 14.79 -9.56 31.48
CA GLU C 379 14.84 -8.96 32.80
C GLU C 379 14.80 -9.92 33.94
N PRO C 380 15.90 -9.86 34.79
CA PRO C 380 15.83 -10.80 35.90
C PRO C 380 14.76 -10.53 36.90
N LEU C 381 14.17 -11.61 37.34
CA LEU C 381 13.16 -11.65 38.40
C LEU C 381 11.80 -11.09 38.01
N LYS C 382 11.44 -11.11 36.73
CA LYS C 382 10.14 -10.62 36.30
C LYS C 382 9.15 -11.70 35.90
N LYS C 383 9.59 -12.76 35.23
CA LYS C 383 8.66 -13.76 34.67
C LYS C 383 7.73 -14.47 35.67
N HIS C 384 8.18 -14.68 36.92
CA HIS C 384 7.35 -15.38 37.92
C HIS C 384 6.05 -14.61 38.29
N ILE C 385 6.11 -13.28 38.18
CA ILE C 385 4.98 -12.40 38.42
C ILE C 385 3.84 -12.68 37.47
N TYR C 386 4.18 -12.89 36.20
CA TYR C 386 3.19 -13.02 35.13
C TYR C 386 2.95 -14.47 34.70
N GLU C 387 3.31 -15.45 35.55
CA GLU C 387 3.16 -16.87 35.19
C GLU C 387 1.77 -17.19 34.72
N GLU C 388 0.79 -16.75 35.50
CA GLU C 388 -0.62 -17.00 35.23
C GLU C 388 -1.13 -16.20 34.02
N ILE C 389 -0.72 -14.94 33.86
CA ILE C 389 -1.05 -14.16 32.65
C ILE C 389 -0.48 -14.82 31.38
N CYS C 390 0.79 -15.22 31.44
CA CYS C 390 1.46 -15.90 30.32
C CYS C 390 0.79 -17.22 29.99
N SER C 391 0.34 -17.94 31.00
CA SER C 391 -0.31 -19.24 30.79
C SER C 391 -1.59 -19.13 30.00
N GLN C 392 -2.32 -18.05 30.21
CA GLN C 392 -3.53 -17.79 29.48
C GLN C 392 -3.20 -17.32 28.07
N LEU C 393 -2.16 -16.50 27.94
CA LEU C 393 -1.76 -15.94 26.66
C LEU C 393 -1.31 -17.00 25.66
N ARG C 394 -0.68 -18.07 26.15
CA ARG C 394 -0.34 -19.23 25.31
C ARG C 394 -1.59 -19.83 24.73
N LEU C 395 -2.63 -19.96 25.55
CA LEU C 395 -3.88 -20.49 25.08
C LEU C 395 -4.55 -19.53 24.08
N VAL C 396 -4.49 -18.22 24.34
CA VAL C 396 -5.09 -17.23 23.43
C VAL C 396 -4.43 -17.25 22.06
N ILE C 397 -3.09 -17.27 22.05
CA ILE C 397 -2.32 -17.25 20.81
C ILE C 397 -2.39 -18.56 20.02
N ILE C 398 -2.26 -19.70 20.69
CA ILE C 398 -2.44 -21.00 20.01
C ILE C 398 -3.80 -21.05 19.30
N GLU C 399 -4.86 -20.57 19.94
CA GLU C 399 -6.21 -20.61 19.37
C GLU C 399 -6.51 -19.61 18.24
N ASN C 400 -5.69 -18.56 18.09
CA ASN C 400 -5.90 -17.54 17.03
C ASN C 400 -4.67 -17.41 16.10
N MET C 401 -3.96 -18.52 15.84
CA MET C 401 -2.85 -18.53 14.88
C MET C 401 -3.45 -18.38 13.49
N VAL C 402 -3.00 -17.39 12.74
CA VAL C 402 -3.40 -17.25 11.35
C VAL C 402 -2.65 -18.23 10.45
N ARG C 403 -3.29 -18.57 9.33
CA ARG C 403 -2.75 -19.48 8.33
C ARG C 403 -1.40 -18.97 7.85
N PRO C 404 -0.33 -19.79 8.03
CA PRO C 404 0.98 -19.33 7.54
C PRO C 404 1.09 -19.36 6.02
N GLU C 405 2.07 -18.64 5.52
CA GLU C 405 2.31 -18.48 4.08
C GLU C 405 2.43 -19.81 3.34
N GLU C 406 3.15 -20.76 3.95
CA GLU C 406 3.40 -22.08 3.37
C GLU C 406 2.16 -22.96 3.20
N VAL C 407 1.11 -22.73 4.00
CA VAL C 407 -0.11 -23.56 3.95
C VAL C 407 -1.01 -23.05 2.83
N LEU C 408 -1.07 -23.83 1.75
CA LEU C 408 -1.69 -23.41 0.49
C LEU C 408 -3.12 -23.87 0.29
N VAL C 409 -3.70 -24.54 1.29
CA VAL C 409 -5.12 -24.94 1.25
C VAL C 409 -5.96 -24.04 2.17
N VAL C 410 -7.18 -23.74 1.74
CA VAL C 410 -8.15 -22.94 2.51
C VAL C 410 -9.55 -23.53 2.36
N GLU C 411 -10.47 -23.07 3.21
CA GLU C 411 -11.88 -23.37 3.06
C GLU C 411 -12.55 -22.22 2.30
N ASN C 412 -13.24 -22.54 1.20
CA ASN C 412 -13.95 -21.54 0.41
C ASN C 412 -15.33 -21.25 1.02
N ASP C 413 -16.04 -20.28 0.45
CA ASP C 413 -17.36 -19.88 0.94
C ASP C 413 -18.44 -20.97 0.77
N GLU C 414 -18.20 -21.92 -0.15
CA GLU C 414 -19.04 -23.10 -0.30
C GLU C 414 -18.87 -24.08 0.89
N GLY C 415 -17.62 -24.25 1.35
CA GLY C 415 -17.27 -25.15 2.47
C GLY C 415 -16.46 -26.39 2.10
N GLU C 416 -15.50 -26.23 1.17
CA GLU C 416 -14.63 -27.31 0.69
C GLU C 416 -13.17 -26.87 0.74
N ILE C 417 -12.27 -27.83 0.85
CA ILE C 417 -10.84 -27.56 1.03
C ILE C 417 -10.21 -27.43 -0.35
N VAL C 418 -9.80 -26.21 -0.68
CA VAL C 418 -9.48 -25.80 -2.05
C VAL C 418 -8.13 -25.06 -2.05
N ARG C 419 -7.39 -25.13 -3.15
CA ARG C 419 -6.19 -24.30 -3.37
C ARG C 419 -6.53 -22.83 -3.17
N GLU C 420 -5.64 -22.08 -2.50
CA GLU C 420 -5.81 -20.63 -2.36
C GLU C 420 -5.73 -19.97 -3.75
N PHE C 421 -6.66 -19.05 -4.05
CA PHE C 421 -6.65 -18.33 -5.32
C PHE C 421 -5.49 -17.35 -5.39
N VAL C 422 -5.21 -16.67 -4.28
CA VAL C 422 -4.08 -15.75 -4.21
C VAL C 422 -3.38 -15.91 -2.87
N LYS C 423 -2.23 -15.25 -2.72
CA LYS C 423 -1.52 -15.13 -1.44
C LYS C 423 -2.25 -14.09 -0.60
N GLU C 424 -2.48 -14.40 0.69
CA GLU C 424 -2.94 -13.42 1.68
C GLU C 424 -1.76 -12.61 2.24
N SER C 425 -1.51 -11.49 1.58
CA SER C 425 -0.38 -10.60 1.89
C SER C 425 -0.46 -9.96 3.29
N ASP C 426 -1.67 -9.65 3.75
CA ASP C 426 -1.88 -8.94 5.04
C ASP C 426 -1.70 -9.78 6.33
N THR C 427 -1.83 -11.10 6.20
CA THR C 427 -1.64 -12.00 7.35
C THR C 427 -0.21 -12.50 7.52
N ILE C 428 0.73 -12.07 6.65
CA ILE C 428 2.11 -12.56 6.78
C ILE C 428 2.78 -11.93 8.00
N GLN C 429 2.57 -10.63 8.20
CA GLN C 429 3.18 -9.91 9.32
C GLN C 429 2.53 -10.34 10.62
N LEU C 430 1.22 -10.53 10.58
CA LEU C 430 0.47 -11.02 11.72
C LEU C 430 0.97 -12.38 12.19
N TYR C 431 1.29 -13.28 11.24
CA TYR C 431 1.83 -14.60 11.61
C TYR C 431 3.19 -14.46 12.27
N LYS C 432 4.07 -13.68 11.66
CA LYS C 432 5.41 -13.42 12.21
C LYS C 432 5.36 -12.86 13.61
N SER C 433 4.39 -11.98 13.84
CA SER C 433 4.21 -11.38 15.14
C SER C 433 3.77 -12.44 16.14
N GLU C 434 2.84 -13.31 15.73
CA GLU C 434 2.34 -14.37 16.60
C GLU C 434 3.41 -15.38 16.94
N ARG C 435 4.20 -15.77 15.95
CA ARG C 435 5.29 -16.71 16.18
C ARG C 435 6.31 -16.16 17.17
N GLU C 436 6.71 -14.91 17.01
CA GLU C 436 7.64 -14.26 17.94
C GLU C 436 7.17 -14.31 19.38
N VAL C 437 5.92 -13.94 19.61
CA VAL C 437 5.37 -13.93 20.95
C VAL C 437 5.26 -15.36 21.46
N LEU C 438 4.75 -16.26 20.62
CA LEU C 438 4.57 -17.65 21.02
C LEU C 438 5.91 -18.34 21.29
N VAL C 439 6.95 -17.92 20.56
CA VAL C 439 8.30 -18.44 20.77
C VAL C 439 8.83 -17.98 22.12
N TYR C 440 8.71 -16.70 22.39
CA TYR C 440 9.08 -16.17 23.70
C TYR C 440 8.33 -16.86 24.85
N LEU C 441 7.03 -17.08 24.71
CA LEU C 441 6.25 -17.72 25.78
C LEU C 441 6.66 -19.16 26.00
N THR C 442 7.04 -19.84 24.91
CA THR C 442 7.52 -21.22 24.98
C THR C 442 8.86 -21.29 25.68
N HIS C 443 9.69 -20.29 25.48
CA HIS C 443 10.96 -20.21 26.17
C HIS C 443 10.77 -19.93 27.66
N LEU C 444 9.82 -19.06 28.01
CA LEU C 444 9.56 -18.70 29.43
C LEU C 444 8.99 -19.84 30.27
N ASN C 445 8.24 -20.74 29.64
CA ASN C 445 7.86 -22.01 30.26
C ASN C 445 7.59 -23.07 29.19
N VAL C 446 8.64 -23.82 28.88
CA VAL C 446 8.60 -24.84 27.85
C VAL C 446 7.68 -26.03 28.23
N ILE C 447 7.60 -26.32 29.52
CA ILE C 447 6.76 -27.40 30.03
C ILE C 447 5.27 -27.07 29.84
N ASP C 448 4.88 -25.84 30.17
CA ASP C 448 3.47 -25.40 30.08
C ASP C 448 2.99 -25.40 28.65
N THR C 449 3.85 -24.96 27.73
CA THR C 449 3.49 -24.90 26.32
C THR C 449 3.31 -26.29 25.73
N GLU C 450 4.17 -27.23 26.12
CA GLU C 450 4.07 -28.60 25.64
C GLU C 450 2.77 -29.22 26.09
N GLU C 451 2.49 -29.08 27.38
CA GLU C 451 1.29 -29.65 28.01
C GLU C 451 0.03 -29.15 27.32
N ILE C 452 -0.04 -27.83 27.10
CA ILE C 452 -1.18 -27.21 26.40
C ILE C 452 -1.36 -27.82 25.00
N MET C 453 -0.30 -27.83 24.21
CA MET C 453 -0.37 -28.36 22.84
C MET C 453 -0.73 -29.86 22.79
N ILE C 454 -0.12 -30.66 23.66
CA ILE C 454 -0.40 -32.11 23.72
C ILE C 454 -1.81 -32.41 24.20
N SER C 455 -2.27 -31.70 25.25
CA SER C 455 -3.65 -31.89 25.71
C SER C 455 -4.69 -31.42 24.69
N LYS C 456 -4.39 -30.37 23.93
CA LYS C 456 -5.23 -29.96 22.79
C LYS C 456 -5.28 -31.02 21.71
N LEU C 457 -4.11 -31.59 21.43
CA LEU C 457 -3.93 -32.64 20.43
C LEU C 457 -4.58 -33.97 20.82
N ALA C 458 -4.66 -34.23 22.13
CA ALA C 458 -5.36 -35.40 22.65
C ALA C 458 -6.87 -35.30 22.41
N ARG C 459 -7.42 -34.11 22.68
CA ARG C 459 -8.85 -33.83 22.45
C ARG C 459 -9.23 -33.73 20.96
N GLN C 460 -8.26 -33.49 20.08
CA GLN C 460 -8.50 -33.60 18.64
C GLN C 460 -8.65 -35.06 18.23
N ILE C 461 -7.82 -35.93 18.80
CA ILE C 461 -7.90 -37.37 18.53
C ILE C 461 -9.22 -37.98 19.02
N ASP C 462 -9.54 -37.84 20.29
CA ASP C 462 -10.79 -38.43 20.82
C ASP C 462 -12.06 -37.82 20.16
N GLY C 463 -11.91 -36.69 19.47
CA GLY C 463 -13.01 -36.12 18.68
C GLY C 463 -13.82 -35.09 19.44
N SER C 464 -13.60 -34.99 20.75
CA SER C 464 -14.38 -34.08 21.60
C SER C 464 -14.14 -32.59 21.31
N GLU C 465 -13.10 -32.25 20.54
CA GLU C 465 -12.86 -30.87 20.14
C GLU C 465 -12.35 -30.76 18.68
N TRP C 466 -12.73 -31.73 17.84
CA TRP C 466 -12.28 -31.80 16.44
C TRP C 466 -13.00 -30.81 15.52
N SER C 467 -12.21 -30.03 14.79
CA SER C 467 -12.71 -29.27 13.65
C SER C 467 -11.50 -28.91 12.80
N TRP C 468 -11.75 -28.28 11.67
CA TRP C 468 -10.67 -27.81 10.82
C TRP C 468 -9.96 -26.62 11.49
N HIS C 469 -10.71 -25.70 12.09
CA HIS C 469 -10.11 -24.53 12.76
C HIS C 469 -9.16 -24.90 13.91
N ASN C 470 -9.57 -25.88 14.70
CA ASN C 470 -8.82 -26.30 15.89
C ASN C 470 -7.52 -27.05 15.53
N ILE C 471 -7.63 -28.02 14.62
CA ILE C 471 -6.45 -28.79 14.17
C ILE C 471 -5.48 -27.92 13.37
N ASN C 472 -6.01 -26.97 12.60
CA ASN C 472 -5.17 -26.05 11.85
C ASN C 472 -4.35 -25.15 12.78
N THR C 473 -5.04 -24.44 13.65
CA THR C 473 -4.39 -23.50 14.56
C THR C 473 -3.37 -24.21 15.46
N LEU C 474 -3.69 -25.44 15.86
CA LEU C 474 -2.80 -26.21 16.70
C LEU C 474 -1.53 -26.50 15.94
N SER C 475 -1.67 -27.02 14.73
CA SER C 475 -0.52 -27.44 13.93
C SER C 475 0.36 -26.25 13.57
N TRP C 476 -0.26 -25.13 13.22
CA TRP C 476 0.50 -23.93 12.85
C TRP C 476 1.30 -23.41 14.04
N ALA C 477 0.72 -23.47 15.22
CA ALA C 477 1.41 -23.14 16.47
C ALA C 477 2.53 -24.13 16.78
N ILE C 478 2.25 -25.43 16.65
CA ILE C 478 3.27 -26.47 16.83
C ILE C 478 4.45 -26.24 15.88
N GLY C 479 4.15 -25.89 14.64
CA GLY C 479 5.19 -25.57 13.69
C GLY C 479 5.91 -24.29 14.08
N SER C 480 5.15 -23.27 14.47
CA SER C 480 5.74 -21.96 14.72
C SER C 480 6.82 -21.98 15.80
N ILE C 481 6.65 -22.81 16.83
CA ILE C 481 7.60 -22.89 17.96
C ILE C 481 8.86 -23.75 17.74
N SER C 482 9.09 -24.20 16.50
CA SER C 482 10.32 -24.92 16.18
C SER C 482 11.54 -24.08 16.54
N GLY C 483 12.42 -24.64 17.38
CA GLY C 483 13.61 -23.96 17.85
C GLY C 483 13.71 -23.84 19.36
N THR C 484 12.57 -23.86 20.05
CA THR C 484 12.52 -23.46 21.46
C THR C 484 12.73 -24.60 22.46
N MET C 485 12.37 -25.82 22.05
CA MET C 485 12.57 -26.99 22.89
C MET C 485 14.00 -27.47 22.71
N SER C 486 14.45 -28.30 23.64
CA SER C 486 15.71 -29.04 23.49
C SER C 486 15.59 -30.09 22.38
N GLU C 487 16.74 -30.60 21.93
CA GLU C 487 16.77 -31.69 20.94
C GLU C 487 16.04 -32.94 21.43
N ASP C 488 16.26 -33.31 22.68
CA ASP C 488 15.64 -34.50 23.25
C ASP C 488 14.13 -34.31 23.49
N THR C 489 13.71 -33.10 23.84
CA THR C 489 12.31 -32.82 24.10
C THR C 489 11.57 -32.74 22.79
N GLU C 490 12.15 -32.03 21.83
CA GLU C 490 11.61 -31.93 20.47
C GLU C 490 11.45 -33.30 19.82
N LYS C 491 12.43 -34.17 20.04
CA LYS C 491 12.43 -35.54 19.54
C LYS C 491 11.11 -36.24 19.86
N ARG C 492 10.76 -36.28 21.14
CA ARG C 492 9.55 -36.97 21.58
C ARG C 492 8.31 -36.19 21.24
N PHE C 493 8.42 -34.86 21.30
CA PHE C 493 7.31 -33.96 20.99
C PHE C 493 6.86 -34.10 19.54
N VAL C 494 7.82 -34.05 18.61
CA VAL C 494 7.54 -34.17 17.18
C VAL C 494 7.01 -35.58 16.86
N VAL C 495 7.62 -36.62 17.45
CA VAL C 495 7.15 -38.00 17.23
C VAL C 495 5.68 -38.12 17.61
N THR C 496 5.33 -37.57 18.77
CA THR C 496 3.95 -37.63 19.25
C THR C 496 3.03 -36.86 18.31
N VAL C 497 3.44 -35.68 17.86
CA VAL C 497 2.59 -34.85 17.00
C VAL C 497 2.33 -35.54 15.66
N ILE C 498 3.37 -36.15 15.10
CA ILE C 498 3.28 -36.80 13.79
C ILE C 498 2.39 -38.03 13.89
N LYS C 499 2.78 -38.93 14.80
CA LYS C 499 2.01 -40.14 15.11
C LYS C 499 0.53 -39.86 15.43
N ASP C 500 0.25 -38.72 16.08
CA ASP C 500 -1.14 -38.32 16.34
C ASP C 500 -1.83 -37.78 15.09
N LEU C 501 -1.14 -36.92 14.34
CA LEU C 501 -1.69 -36.40 13.08
C LEU C 501 -1.93 -37.52 12.05
N LEU C 502 -1.09 -38.56 12.08
CA LEU C 502 -1.28 -39.75 11.24
C LEU C 502 -2.49 -40.56 11.67
N GLY C 503 -2.76 -40.61 12.97
CA GLY C 503 -3.99 -41.19 13.49
C GLY C 503 -5.23 -40.51 12.94
N LEU C 504 -5.22 -39.18 12.90
CA LEU C 504 -6.33 -38.41 12.31
C LEU C 504 -6.53 -38.69 10.83
N CYS C 505 -5.41 -38.78 10.11
CA CYS C 505 -5.40 -39.18 8.70
C CYS C 505 -6.26 -40.41 8.46
N GLU C 506 -5.99 -41.47 9.23
CA GLU C 506 -6.67 -42.75 9.13
C GLU C 506 -8.16 -42.61 9.40
N GLN C 507 -8.50 -41.97 10.52
CA GLN C 507 -9.88 -41.94 10.99
C GLN C 507 -10.76 -41.02 10.13
N LYS C 508 -10.24 -39.87 9.75
CA LYS C 508 -11.03 -38.88 9.01
C LYS C 508 -11.06 -39.21 7.52
N ARG C 509 -12.26 -39.36 6.95
CA ARG C 509 -12.47 -39.71 5.53
C ARG C 509 -12.80 -38.49 4.65
N GLY C 510 -12.65 -38.65 3.33
CA GLY C 510 -13.05 -37.63 2.35
C GLY C 510 -11.88 -36.91 1.70
N LYS C 511 -12.13 -36.29 0.54
CA LYS C 511 -11.11 -35.46 -0.16
C LYS C 511 -10.68 -34.29 0.70
N ASP C 512 -11.67 -33.73 1.41
CA ASP C 512 -11.51 -32.51 2.18
C ASP C 512 -10.67 -32.74 3.43
N ASN C 513 -11.12 -33.68 4.27
CA ASN C 513 -10.42 -33.99 5.53
C ASN C 513 -8.95 -34.39 5.33
N LYS C 514 -8.70 -35.22 4.31
CA LYS C 514 -7.34 -35.70 4.00
C LYS C 514 -6.39 -34.58 3.56
N ALA C 515 -6.94 -33.56 2.90
CA ALA C 515 -6.15 -32.41 2.46
C ALA C 515 -5.79 -31.48 3.61
N VAL C 516 -6.65 -31.38 4.61
CA VAL C 516 -6.39 -30.51 5.77
C VAL C 516 -5.26 -31.13 6.58
N VAL C 517 -5.37 -32.43 6.84
CA VAL C 517 -4.42 -33.11 7.72
C VAL C 517 -3.06 -33.21 7.04
N ALA C 518 -3.06 -33.49 5.73
CA ALA C 518 -1.81 -33.52 4.98
C ALA C 518 -1.12 -32.16 4.98
N SER C 519 -1.87 -31.08 4.78
CA SER C 519 -1.29 -29.72 4.78
C SER C 519 -0.67 -29.34 6.14
N ASP C 520 -1.28 -29.83 7.21
CA ASP C 520 -0.74 -29.65 8.56
C ASP C 520 0.47 -30.53 8.84
N ILE C 521 0.47 -31.77 8.33
CA ILE C 521 1.63 -32.63 8.49
C ILE C 521 2.78 -32.02 7.73
N MET C 522 2.52 -31.58 6.50
CA MET C 522 3.55 -30.95 5.70
C MET C 522 4.10 -29.72 6.42
N TYR C 523 3.23 -28.89 6.99
CA TYR C 523 3.70 -27.66 7.61
C TYR C 523 4.62 -27.98 8.79
N VAL C 524 4.24 -28.98 9.58
CA VAL C 524 4.99 -29.34 10.78
C VAL C 524 6.35 -29.91 10.41
N VAL C 525 6.33 -30.89 9.52
CA VAL C 525 7.53 -31.58 9.10
C VAL C 525 8.55 -30.59 8.54
N GLY C 526 8.11 -29.69 7.66
CA GLY C 526 8.98 -28.66 7.10
C GLY C 526 9.53 -27.66 8.08
N GLN C 527 8.79 -27.42 9.16
CA GLN C 527 9.27 -26.55 10.24
C GLN C 527 10.29 -27.17 11.18
N TYR C 528 10.44 -28.50 11.18
CA TYR C 528 11.38 -29.24 12.06
C TYR C 528 12.51 -29.96 11.31
N PRO C 529 13.40 -29.19 10.64
CA PRO C 529 14.55 -29.80 10.00
C PRO C 529 15.55 -30.44 10.96
N ARG C 530 15.80 -29.83 12.12
CA ARG C 530 16.73 -30.43 13.10
C ARG C 530 16.36 -31.88 13.48
N PHE C 531 15.06 -32.14 13.60
CA PHE C 531 14.58 -33.48 13.84
C PHE C 531 14.91 -34.38 12.67
N LEU C 532 14.56 -33.90 11.48
CA LEU C 532 14.73 -34.66 10.25
C LEU C 532 16.20 -35.02 10.00
N LYS C 533 17.10 -34.10 10.32
CA LYS C 533 18.53 -34.32 10.11
C LYS C 533 19.08 -35.45 10.98
N ALA C 534 18.65 -35.49 12.23
CA ALA C 534 19.05 -36.53 13.18
C ALA C 534 18.37 -37.90 12.98
N HIS C 535 17.37 -37.97 12.10
CA HIS C 535 16.57 -39.19 11.85
C HIS C 535 16.39 -39.42 10.35
N TRP C 536 17.40 -40.05 9.74
CA TRP C 536 17.43 -40.24 8.28
C TRP C 536 16.27 -41.09 7.73
N ASN C 537 15.98 -42.22 8.37
CA ASN C 537 14.92 -43.13 7.88
C ASN C 537 13.62 -42.37 7.74
N PHE C 538 13.34 -41.54 8.74
CA PHE C 538 12.18 -40.68 8.72
C PHE C 538 12.26 -39.66 7.59
N LEU C 539 13.42 -39.00 7.47
CA LEU C 539 13.62 -38.00 6.41
C LEU C 539 13.40 -38.63 5.04
N ARG C 540 13.91 -39.84 4.86
CA ARG C 540 13.72 -40.53 3.61
C ARG C 540 12.24 -40.78 3.38
N THR C 541 11.58 -41.35 4.38
CA THR C 541 10.14 -41.62 4.25
C THR C 541 9.34 -40.34 3.90
N VAL C 542 9.64 -39.24 4.58
CA VAL C 542 8.99 -37.95 4.31
C VAL C 542 9.11 -37.61 2.83
N ILE C 543 10.34 -37.63 2.33
CA ILE C 543 10.62 -37.20 0.97
C ILE C 543 9.87 -38.08 -0.04
N LEU C 544 9.85 -39.41 0.19
CA LEU C 544 9.06 -40.32 -0.66
C LEU C 544 7.55 -40.06 -0.57
N LYS C 545 7.06 -39.66 0.61
CA LYS C 545 5.63 -39.32 0.74
C LYS C 545 5.32 -38.04 0.00
N LEU C 546 6.23 -37.07 0.03
CA LEU C 546 6.06 -35.83 -0.74
C LEU C 546 6.01 -36.08 -2.25
N PHE C 547 6.83 -37.03 -2.70
CA PHE C 547 6.85 -37.50 -4.09
C PHE C 547 5.52 -38.18 -4.47
N GLU C 548 4.90 -38.93 -3.55
CA GLU C 548 3.54 -39.44 -3.75
C GLU C 548 2.52 -38.30 -3.92
N PHE C 549 2.66 -37.25 -3.10
CA PHE C 549 1.75 -36.08 -3.18
C PHE C 549 1.93 -35.25 -4.44
N MET C 550 3.08 -35.38 -5.10
CA MET C 550 3.26 -34.75 -6.40
C MET C 550 2.36 -35.39 -7.48
N HIS C 551 1.88 -36.61 -7.24
CA HIS C 551 0.88 -37.25 -8.11
C HIS C 551 -0.58 -37.07 -7.66
N GLU C 552 -0.81 -36.32 -6.58
CA GLU C 552 -2.17 -36.09 -6.09
C GLU C 552 -3.04 -35.24 -7.04
N THR C 553 -4.25 -35.75 -7.26
CA THR C 553 -5.34 -35.07 -7.99
C THR C 553 -5.76 -33.72 -7.32
N HIS C 554 -5.60 -33.59 -6.00
CA HIS C 554 -5.78 -32.28 -5.30
C HIS C 554 -4.56 -31.38 -5.56
N GLU C 555 -4.80 -30.17 -6.04
CA GLU C 555 -3.72 -29.28 -6.50
C GLU C 555 -2.99 -28.53 -5.38
N GLY C 556 -3.74 -28.13 -4.34
CA GLY C 556 -3.15 -27.55 -3.14
C GLY C 556 -2.12 -28.45 -2.48
N VAL C 557 -2.52 -29.70 -2.26
CA VAL C 557 -1.63 -30.72 -1.68
C VAL C 557 -0.40 -30.91 -2.56
N GLN C 558 -0.63 -31.01 -3.87
CA GLN C 558 0.43 -31.20 -4.85
C GLN C 558 1.43 -30.05 -4.82
N ASP C 559 0.89 -28.83 -4.90
CA ASP C 559 1.68 -27.62 -4.95
C ASP C 559 2.44 -27.37 -3.62
N MET C 560 1.83 -27.75 -2.50
CA MET C 560 2.47 -27.63 -1.18
C MET C 560 3.60 -28.66 -0.97
N ALA C 561 3.40 -29.89 -1.46
CA ALA C 561 4.45 -30.91 -1.41
C ALA C 561 5.75 -30.47 -2.10
N CYS C 562 5.62 -29.75 -3.22
CA CYS C 562 6.77 -29.21 -3.94
C CYS C 562 7.45 -28.13 -3.14
N ASP C 563 6.65 -27.20 -2.59
CA ASP C 563 7.17 -26.14 -1.73
C ASP C 563 7.76 -26.69 -0.41
N THR C 564 7.20 -27.79 0.09
CA THR C 564 7.70 -28.45 1.31
C THR C 564 9.03 -29.14 1.02
N PHE C 565 9.09 -29.81 -0.13
CA PHE C 565 10.30 -30.49 -0.59
C PHE C 565 11.48 -29.51 -0.68
N ILE C 566 11.30 -28.43 -1.44
CA ILE C 566 12.31 -27.37 -1.56
C ILE C 566 12.70 -26.84 -0.16
N LYS C 567 11.71 -26.62 0.70
CA LYS C 567 11.94 -26.07 2.04
C LYS C 567 12.77 -26.99 2.93
N ILE C 568 12.42 -28.28 2.93
CA ILE C 568 13.23 -29.29 3.63
C ILE C 568 14.66 -29.35 3.11
N VAL C 569 14.84 -29.39 1.77
CA VAL C 569 16.21 -29.50 1.23
C VAL C 569 17.08 -28.25 1.46
N GLN C 570 16.49 -27.06 1.56
CA GLN C 570 17.30 -25.87 1.86
C GLN C 570 18.02 -26.03 3.18
N LYS C 571 17.37 -26.69 4.13
CA LYS C 571 17.90 -26.92 5.46
C LYS C 571 18.64 -28.24 5.62
N CYS C 572 18.18 -29.28 4.91
CA CYS C 572 18.72 -30.64 5.05
C CYS C 572 19.60 -31.16 3.89
N LYS C 573 19.94 -30.28 2.95
CA LYS C 573 20.72 -30.65 1.76
C LYS C 573 21.90 -31.59 2.00
N TYR C 574 22.66 -31.37 3.08
CA TYR C 574 23.85 -32.18 3.34
C TYR C 574 23.52 -33.69 3.47
N HIS C 575 22.35 -34.03 4.00
CA HIS C 575 22.00 -35.43 4.19
C HIS C 575 21.57 -36.14 2.91
N PHE C 576 21.46 -35.38 1.82
CA PHE C 576 21.21 -35.93 0.49
C PHE C 576 22.49 -36.19 -0.32
N VAL C 577 23.53 -35.37 -0.17
CA VAL C 577 24.77 -35.59 -0.95
C VAL C 577 25.65 -36.73 -0.43
N ILE C 578 25.74 -36.89 0.89
CA ILE C 578 26.49 -37.99 1.47
C ILE C 578 25.82 -39.32 1.18
N GLN C 579 26.60 -40.39 1.24
CA GLN C 579 26.03 -41.72 1.28
C GLN C 579 25.70 -42.06 2.74
N GLN C 580 24.42 -42.30 3.03
CA GLN C 580 24.00 -42.65 4.38
C GLN C 580 24.27 -44.13 4.66
N PRO C 581 24.40 -44.50 5.96
CA PRO C 581 24.34 -45.90 6.39
C PRO C 581 23.06 -46.59 5.92
N ARG C 582 23.18 -47.84 5.47
CA ARG C 582 22.07 -48.66 4.90
C ARG C 582 21.64 -48.26 3.48
N GLU C 583 22.39 -47.38 2.83
CA GLU C 583 22.04 -46.93 1.51
C GLU C 583 23.23 -47.22 0.59
N SER C 584 22.92 -47.74 -0.60
CA SER C 584 23.93 -48.05 -1.60
C SER C 584 24.53 -46.83 -2.27
N GLU C 585 23.93 -45.65 -2.06
CA GLU C 585 24.34 -44.43 -2.75
C GLU C 585 23.71 -43.20 -2.12
N PRO C 586 24.23 -42.00 -2.42
CA PRO C 586 23.56 -40.78 -2.05
C PRO C 586 22.15 -40.70 -2.59
N PHE C 587 21.26 -40.08 -1.83
CA PHE C 587 19.84 -40.06 -2.17
C PHE C 587 19.58 -39.14 -3.36
N ILE C 588 20.43 -38.15 -3.57
CA ILE C 588 20.37 -37.28 -4.77
C ILE C 588 20.46 -38.09 -6.07
N GLN C 589 21.21 -39.19 -6.07
CA GLN C 589 21.26 -40.09 -7.22
C GLN C 589 19.91 -40.73 -7.46
N THR C 590 19.28 -41.22 -6.39
CA THR C 590 17.96 -41.85 -6.47
C THR C 590 16.91 -40.88 -6.99
N ILE C 591 16.98 -39.64 -6.52
CA ILE C 591 16.03 -38.57 -6.88
C ILE C 591 16.12 -38.23 -8.38
N ILE C 592 17.35 -38.05 -8.84
CA ILE C 592 17.65 -37.71 -10.23
C ILE C 592 17.20 -38.84 -11.13
N ARG C 593 17.49 -40.07 -10.73
CA ARG C 593 17.13 -41.25 -11.51
C ARG C 593 15.64 -41.35 -11.82
N ASP C 594 14.79 -41.14 -10.81
CA ASP C 594 13.34 -41.25 -11.00
C ASP C 594 12.68 -39.89 -11.22
N ILE C 595 13.46 -38.88 -11.61
CA ILE C 595 12.96 -37.50 -11.76
C ILE C 595 11.78 -37.37 -12.73
N GLN C 596 11.82 -38.10 -13.84
CA GLN C 596 10.76 -38.04 -14.87
C GLN C 596 9.47 -38.62 -14.34
N LYS C 597 9.60 -39.77 -13.69
CA LYS C 597 8.50 -40.51 -13.07
C LYS C 597 7.88 -39.73 -11.91
N THR C 598 8.73 -39.10 -11.08
CA THR C 598 8.32 -38.33 -9.89
C THR C 598 7.54 -37.04 -10.22
N THR C 599 8.00 -36.33 -11.27
CA THR C 599 7.44 -35.05 -11.66
C THR C 599 6.42 -35.14 -12.81
N ALA C 600 5.92 -36.33 -13.11
CA ALA C 600 5.09 -36.55 -14.31
C ALA C 600 3.76 -35.82 -14.28
N ASP C 601 3.15 -35.70 -13.09
CA ASP C 601 1.84 -35.05 -12.98
C ASP C 601 1.93 -33.58 -12.56
N LEU C 602 3.14 -33.04 -12.49
CA LEU C 602 3.36 -31.65 -12.08
C LEU C 602 3.25 -30.68 -13.25
N GLN C 603 2.81 -29.47 -12.95
CA GLN C 603 2.80 -28.38 -13.93
C GLN C 603 4.23 -27.92 -14.14
N PRO C 604 4.49 -27.25 -15.28
CA PRO C 604 5.88 -26.90 -15.62
C PRO C 604 6.63 -26.12 -14.53
N GLN C 605 6.00 -25.10 -13.93
CA GLN C 605 6.65 -24.28 -12.88
C GLN C 605 6.99 -25.10 -11.62
N GLN C 606 6.15 -26.09 -11.32
CA GLN C 606 6.40 -27.00 -10.19
C GLN C 606 7.57 -27.93 -10.51
N VAL C 607 7.62 -28.44 -11.75
CA VAL C 607 8.79 -29.23 -12.20
C VAL C 607 10.08 -28.40 -12.05
N HIS C 608 10.02 -27.10 -12.35
CA HIS C 608 11.20 -26.22 -12.25
C HIS C 608 11.66 -26.03 -10.81
N THR C 609 10.71 -25.93 -9.88
CA THR C 609 11.02 -25.95 -8.45
C THR C 609 11.72 -27.25 -8.04
N PHE C 610 11.18 -28.37 -8.52
CA PHE C 610 11.78 -29.66 -8.23
C PHE C 610 13.24 -29.68 -8.70
N TYR C 611 13.49 -29.20 -9.91
CA TYR C 611 14.87 -29.10 -10.43
C TYR C 611 15.72 -28.13 -9.60
N LYS C 612 15.13 -27.02 -9.18
CA LYS C 612 15.83 -26.07 -8.34
C LYS C 612 16.28 -26.71 -7.05
N ALA C 613 15.39 -27.50 -6.46
CA ALA C 613 15.71 -28.24 -5.24
C ALA C 613 16.88 -29.19 -5.45
N CYS C 614 16.86 -29.92 -6.56
CA CYS C 614 17.98 -30.81 -6.88
C CYS C 614 19.27 -30.01 -7.01
N GLY C 615 19.17 -28.80 -7.54
CA GLY C 615 20.30 -27.88 -7.60
C GLY C 615 20.91 -27.54 -6.25
N ILE C 616 20.06 -27.36 -5.23
CA ILE C 616 20.56 -26.92 -3.93
C ILE C 616 21.41 -28.02 -3.33
N ILE C 617 20.90 -29.24 -3.47
CA ILE C 617 21.57 -30.45 -3.00
C ILE C 617 22.91 -30.60 -3.69
N ILE C 618 22.91 -30.54 -5.02
CA ILE C 618 24.11 -30.77 -5.83
C ILE C 618 25.24 -29.81 -5.48
N SER C 619 24.92 -28.55 -5.19
CA SER C 619 25.93 -27.56 -4.82
C SER C 619 26.60 -27.83 -3.48
N GLU C 620 26.02 -28.72 -2.67
CA GLU C 620 26.65 -29.15 -1.43
C GLU C 620 27.82 -30.12 -1.69
N GLU C 621 27.84 -30.79 -2.85
CA GLU C 621 28.96 -31.68 -3.21
C GLU C 621 30.17 -30.83 -3.56
N ARG C 622 31.23 -30.93 -2.74
CA ARG C 622 32.41 -30.08 -2.90
C ARG C 622 33.48 -30.65 -3.84
N SER C 623 33.46 -31.96 -4.12
CA SER C 623 34.32 -32.53 -5.15
C SER C 623 33.80 -32.07 -6.51
N VAL C 624 34.64 -31.33 -7.25
CA VAL C 624 34.22 -30.71 -8.53
C VAL C 624 33.85 -31.75 -9.60
N ALA C 625 34.55 -32.88 -9.60
CA ALA C 625 34.30 -33.94 -10.55
C ALA C 625 32.91 -34.51 -10.38
N GLU C 626 32.55 -34.76 -9.12
CA GLU C 626 31.26 -35.36 -8.80
C GLU C 626 30.09 -34.37 -8.91
N ARG C 627 30.31 -33.10 -8.59
CA ARG C 627 29.26 -32.09 -8.70
C ARG C 627 28.85 -31.90 -10.16
N ASN C 628 29.85 -31.73 -11.02
CA ASN C 628 29.64 -31.61 -12.45
C ASN C 628 28.93 -32.84 -13.05
N ARG C 629 29.21 -34.02 -12.52
CA ARG C 629 28.60 -35.24 -13.00
C ARG C 629 27.13 -35.29 -12.62
N LEU C 630 26.83 -34.94 -11.36
CA LEU C 630 25.46 -34.82 -10.86
C LEU C 630 24.67 -33.77 -11.63
N LEU C 631 25.31 -32.63 -11.88
CA LEU C 631 24.71 -31.57 -12.70
C LEU C 631 24.33 -32.11 -14.07
N SER C 632 25.27 -32.85 -14.68
CA SER C 632 25.03 -33.48 -15.97
C SER C 632 23.85 -34.49 -15.98
N ASP C 633 23.79 -35.34 -14.96
CA ASP C 633 22.70 -36.34 -14.82
C ASP C 633 21.32 -35.70 -14.61
N LEU C 634 21.30 -34.63 -13.79
CA LEU C 634 20.07 -33.88 -13.52
C LEU C 634 19.51 -33.27 -14.80
N MET C 635 20.40 -32.71 -15.61
CA MET C 635 20.01 -32.01 -16.83
C MET C 635 19.87 -32.95 -18.04
N GLN C 636 19.79 -34.26 -17.81
CA GLN C 636 19.68 -35.23 -18.87
C GLN C 636 18.44 -35.03 -19.74
N LEU C 637 17.27 -34.90 -19.11
CA LEU C 637 16.03 -34.72 -19.86
C LEU C 637 15.98 -33.41 -20.65
N PRO C 638 16.26 -32.26 -19.99
CA PRO C 638 16.25 -31.01 -20.75
C PRO C 638 17.36 -30.88 -21.78
N ASN C 639 18.53 -31.48 -21.55
CA ASN C 639 19.60 -31.49 -22.57
C ASN C 639 19.28 -32.34 -23.80
N MET C 640 18.66 -33.51 -23.60
CA MET C 640 18.20 -34.33 -24.71
C MET C 640 17.07 -33.67 -25.49
N ALA C 641 16.16 -33.01 -24.79
CA ALA C 641 15.14 -32.21 -25.46
C ALA C 641 15.78 -31.08 -26.25
N TRP C 642 16.81 -30.46 -25.65
CA TRP C 642 17.52 -29.33 -26.25
C TRP C 642 18.32 -29.72 -27.48
N ASP C 643 19.07 -30.82 -27.41
CA ASP C 643 19.88 -31.32 -28.52
C ASP C 643 19.00 -31.68 -29.73
N THR C 644 17.82 -32.23 -29.49
CA THR C 644 16.87 -32.57 -30.55
C THR C 644 16.27 -31.31 -31.19
N ILE C 645 16.09 -30.25 -30.40
CA ILE C 645 15.59 -28.96 -30.90
C ILE C 645 16.60 -28.25 -31.80
N VAL C 646 17.89 -28.30 -31.46
CA VAL C 646 18.92 -27.65 -32.29
C VAL C 646 19.16 -28.36 -33.63
N GLU C 647 19.08 -29.70 -33.63
CA GLU C 647 19.15 -30.50 -34.88
C GLU C 647 18.00 -30.15 -35.84
N GLN C 648 16.81 -29.96 -35.28
CA GLN C 648 15.67 -29.51 -36.06
C GLN C 648 15.79 -28.03 -36.48
N SER C 649 16.23 -27.18 -35.55
CA SER C 649 16.39 -25.74 -35.83
C SER C 649 17.57 -25.46 -36.78
N THR C 650 18.53 -26.39 -36.86
CA THR C 650 19.58 -26.37 -37.90
C THR C 650 18.98 -26.59 -39.28
N ALA C 651 18.08 -27.56 -39.39
CA ALA C 651 17.42 -27.86 -40.67
C ALA C 651 16.53 -26.73 -41.22
N ASN C 652 15.97 -25.90 -40.33
CA ASN C 652 14.91 -24.95 -40.70
C ASN C 652 15.38 -23.46 -40.92
N PRO C 653 15.23 -22.45 -40.02
CA PRO C 653 14.66 -22.50 -38.65
C PRO C 653 13.13 -22.16 -38.48
N THR C 654 12.34 -22.26 -39.54
CA THR C 654 10.86 -22.09 -39.47
C THR C 654 10.00 -23.09 -38.63
N LEU C 655 10.58 -24.19 -38.15
CA LEU C 655 9.87 -25.21 -37.31
C LEU C 655 9.48 -24.69 -35.91
N LEU C 656 10.15 -23.63 -35.45
CA LEU C 656 9.79 -22.93 -34.20
C LEU C 656 8.40 -22.31 -34.21
N LEU C 657 7.89 -21.94 -35.38
CA LEU C 657 6.52 -21.42 -35.49
C LEU C 657 5.50 -22.32 -34.76
N ASP C 658 5.71 -23.64 -34.81
CA ASP C 658 4.91 -24.63 -34.07
C ASP C 658 4.94 -24.31 -32.58
N SER C 659 3.80 -23.90 -32.03
CA SER C 659 3.76 -23.40 -30.65
C SER C 659 4.11 -24.44 -29.58
N GLU C 660 3.94 -25.74 -29.88
CA GLU C 660 4.36 -26.81 -28.96
C GLU C 660 5.90 -26.85 -28.82
N THR C 661 6.60 -26.54 -29.91
CA THR C 661 8.06 -26.41 -29.91
C THR C 661 8.49 -25.20 -29.07
N VAL C 662 7.81 -24.06 -29.27
CA VAL C 662 8.02 -22.84 -28.45
C VAL C 662 7.91 -23.17 -26.94
N LYS C 663 6.92 -23.96 -26.56
CA LYS C 663 6.68 -24.29 -25.14
C LYS C 663 7.76 -25.23 -24.60
N ILE C 664 8.13 -26.23 -25.40
CA ILE C 664 9.25 -27.13 -25.07
C ILE C 664 10.54 -26.35 -24.84
N ILE C 665 10.81 -25.40 -25.72
CA ILE C 665 12.01 -24.57 -25.62
C ILE C 665 11.96 -23.73 -24.36
N ALA C 666 10.83 -23.06 -24.13
CA ALA C 666 10.69 -22.17 -22.98
C ALA C 666 10.92 -22.89 -21.68
N ASN C 667 10.38 -24.11 -21.57
CA ASN C 667 10.50 -24.89 -20.35
C ASN C 667 11.91 -25.45 -20.14
N ILE C 668 12.62 -25.75 -21.23
CA ILE C 668 14.04 -26.11 -21.15
C ILE C 668 14.86 -24.96 -20.58
N ILE C 669 14.61 -23.72 -21.03
CA ILE C 669 15.37 -22.57 -20.52
C ILE C 669 14.96 -22.30 -19.07
N LYS C 670 13.65 -22.31 -18.81
CA LYS C 670 13.14 -22.12 -17.44
C LYS C 670 13.74 -23.12 -16.42
N THR C 671 13.92 -24.38 -16.84
CA THR C 671 14.56 -25.40 -16.02
C THR C 671 16.03 -25.08 -15.80
N ASN C 672 16.70 -24.59 -16.85
CA ASN C 672 18.07 -24.13 -16.74
C ASN C 672 18.16 -22.92 -15.81
N VAL C 673 17.18 -22.02 -15.89
CA VAL C 673 17.12 -20.85 -15.00
C VAL C 673 16.94 -21.31 -13.56
N ALA C 674 16.07 -22.28 -13.36
CA ALA C 674 15.76 -22.75 -12.02
C ALA C 674 16.95 -23.44 -11.37
N VAL C 675 17.64 -24.31 -12.11
CA VAL C 675 18.86 -24.96 -11.58
C VAL C 675 19.96 -23.93 -11.37
N CYS C 676 20.05 -22.96 -12.26
CA CYS C 676 21.05 -21.89 -12.13
C CYS C 676 20.82 -21.00 -10.89
N THR C 677 19.56 -20.73 -10.53
CA THR C 677 19.30 -19.87 -9.37
C THR C 677 19.84 -20.53 -8.08
N SER C 678 19.60 -21.83 -7.92
CA SER C 678 20.12 -22.56 -6.75
C SER C 678 21.63 -22.85 -6.85
N MET C 679 22.16 -23.07 -8.04
CA MET C 679 23.56 -23.46 -8.13
C MET C 679 24.55 -22.31 -8.32
N GLY C 680 24.11 -21.21 -8.93
CA GLY C 680 24.96 -20.05 -9.11
C GLY C 680 26.20 -20.32 -9.92
N ALA C 681 27.37 -20.14 -9.30
CA ALA C 681 28.67 -20.26 -9.98
C ALA C 681 28.97 -21.66 -10.42
N ASP C 682 28.43 -22.64 -9.69
CA ASP C 682 28.58 -24.06 -10.02
C ASP C 682 27.81 -24.50 -11.27
N PHE C 683 26.95 -23.65 -11.80
CA PHE C 683 26.18 -23.95 -13.03
C PHE C 683 26.96 -23.79 -14.34
N TYR C 684 28.15 -23.19 -14.28
CA TYR C 684 28.91 -22.87 -15.48
C TYR C 684 29.02 -24.02 -16.50
N PRO C 685 29.34 -25.24 -16.05
CA PRO C 685 29.41 -26.36 -17.00
C PRO C 685 28.13 -26.62 -17.79
N GLN C 686 26.96 -26.48 -17.17
CA GLN C 686 25.70 -26.67 -17.90
C GLN C 686 25.42 -25.50 -18.86
N LEU C 687 25.75 -24.28 -18.44
CA LEU C 687 25.60 -23.11 -19.33
C LEU C 687 26.48 -23.25 -20.56
N GLY C 688 27.74 -23.62 -20.35
CA GLY C 688 28.69 -23.82 -21.45
C GLY C 688 28.26 -24.84 -22.49
N HIS C 689 27.56 -25.89 -22.04
CA HIS C 689 27.00 -26.93 -22.90
C HIS C 689 25.99 -26.40 -23.91
N ILE C 690 25.16 -25.44 -23.49
CA ILE C 690 24.09 -24.90 -24.35
C ILE C 690 24.29 -23.46 -24.86
N TYR C 691 25.32 -22.77 -24.35
CA TYR C 691 25.46 -21.32 -24.59
C TYR C 691 25.41 -20.88 -26.05
N TYR C 692 26.25 -21.44 -26.93
CA TYR C 692 26.33 -20.97 -28.33
C TYR C 692 25.07 -21.30 -29.12
N ASN C 693 24.56 -22.52 -28.95
CA ASN C 693 23.29 -22.90 -29.58
C ASN C 693 22.12 -22.04 -29.04
N MET C 694 22.18 -21.68 -27.76
CA MET C 694 21.15 -20.82 -27.17
C MET C 694 21.14 -19.41 -27.76
N LEU C 695 22.30 -18.76 -27.84
CA LEU C 695 22.40 -17.43 -28.46
C LEU C 695 22.12 -17.44 -29.97
N GLN C 696 22.33 -18.59 -30.62
CA GLN C 696 21.87 -18.79 -32.00
C GLN C 696 20.36 -18.85 -32.08
N LEU C 697 19.76 -19.59 -31.14
CA LEU C 697 18.31 -19.65 -31.04
C LEU C 697 17.69 -18.28 -30.71
N TYR C 698 18.37 -17.49 -29.88
CA TYR C 698 17.96 -16.10 -29.62
C TYR C 698 17.81 -15.30 -30.93
N ARG C 699 18.79 -15.40 -31.82
CA ARG C 699 18.76 -14.69 -33.10
C ARG C 699 17.61 -15.20 -33.97
N ALA C 700 17.49 -16.52 -34.05
CA ALA C 700 16.47 -17.20 -34.86
C ALA C 700 15.05 -16.85 -34.41
N VAL C 701 14.87 -16.90 -33.10
CA VAL C 701 13.62 -16.51 -32.48
C VAL C 701 13.34 -15.02 -32.74
N SER C 702 14.38 -14.20 -32.65
CA SER C 702 14.27 -12.76 -32.92
C SER C 702 13.93 -12.40 -34.38
N SER C 703 14.46 -13.16 -35.32
CA SER C 703 14.03 -13.09 -36.72
C SER C 703 12.52 -13.30 -36.88
N MET C 704 12.01 -14.36 -36.27
CA MET C 704 10.60 -14.71 -36.45
C MET C 704 9.67 -13.69 -35.83
N ILE C 705 10.10 -13.07 -34.73
CA ILE C 705 9.34 -12.00 -34.10
C ILE C 705 9.20 -10.81 -35.05
N SER C 706 10.33 -10.32 -35.56
CA SER C 706 10.34 -9.23 -36.55
C SER C 706 9.54 -9.55 -37.81
N ALA C 707 9.71 -10.78 -38.29
CA ALA C 707 9.03 -11.28 -39.47
C ALA C 707 7.51 -11.30 -39.30
N GLN C 708 7.07 -11.62 -38.09
CA GLN C 708 5.65 -11.69 -37.75
C GLN C 708 5.05 -10.30 -37.62
N VAL C 709 5.82 -9.37 -37.04
CA VAL C 709 5.44 -7.95 -36.95
C VAL C 709 5.22 -7.33 -38.32
N ALA C 710 6.12 -7.62 -39.25
CA ALA C 710 5.98 -7.13 -40.62
C ALA C 710 4.78 -7.80 -41.33
N ALA C 711 4.57 -9.10 -41.08
CA ALA C 711 3.51 -9.86 -41.74
C ALA C 711 2.09 -9.53 -41.26
N GLU C 712 1.91 -9.40 -39.93
CA GLU C 712 0.59 -9.20 -39.31
C GLU C 712 0.35 -7.82 -38.67
N GLY C 713 1.40 -7.02 -38.46
CA GLY C 713 1.28 -5.69 -37.82
C GLY C 713 1.80 -5.69 -36.40
N LEU C 714 1.75 -4.53 -35.73
CA LEU C 714 2.15 -4.46 -34.31
C LEU C 714 1.30 -5.36 -33.38
N ILE C 715 0.07 -5.68 -33.81
CA ILE C 715 -0.84 -6.53 -33.04
C ILE C 715 -0.25 -7.92 -32.77
N ALA C 716 0.60 -8.39 -33.68
CA ALA C 716 1.34 -9.66 -33.50
C ALA C 716 2.02 -9.82 -32.15
N THR C 717 2.55 -8.73 -31.58
CA THR C 717 3.22 -8.80 -30.27
C THR C 717 2.30 -9.22 -29.12
N LYS C 718 0.98 -9.08 -29.33
CA LYS C 718 -0.05 -9.57 -28.40
C LYS C 718 -0.49 -11.03 -28.60
N THR C 719 -0.17 -11.63 -29.75
CA THR C 719 -0.61 -12.99 -30.06
C THR C 719 0.08 -14.03 -29.21
N PRO C 720 -0.52 -15.22 -29.07
CA PRO C 720 0.13 -16.27 -28.31
C PRO C 720 1.49 -16.70 -28.86
N LYS C 721 1.60 -16.87 -30.17
CA LYS C 721 2.85 -17.39 -30.76
C LYS C 721 4.02 -16.45 -30.55
N VAL C 722 3.81 -15.14 -30.74
CA VAL C 722 4.88 -14.15 -30.53
C VAL C 722 5.23 -13.96 -29.06
N ARG C 723 4.22 -13.86 -28.20
CA ARG C 723 4.45 -13.79 -26.74
C ARG C 723 5.24 -15.01 -26.26
N GLY C 724 4.96 -16.18 -26.83
CA GLY C 724 5.73 -17.39 -26.58
C GLY C 724 7.18 -17.28 -27.06
N LEU C 725 7.37 -16.76 -28.26
CA LEU C 725 8.71 -16.51 -28.79
C LEU C 725 9.45 -15.46 -27.94
N ARG C 726 8.75 -14.41 -27.54
CA ARG C 726 9.32 -13.39 -26.65
C ARG C 726 9.74 -13.97 -25.28
N THR C 727 8.96 -14.91 -24.77
CA THR C 727 9.29 -15.64 -23.54
C THR C 727 10.64 -16.33 -23.68
N ILE C 728 10.87 -16.99 -24.82
CA ILE C 728 12.13 -17.67 -25.03
C ILE C 728 13.30 -16.68 -24.88
N LYS C 729 13.15 -15.48 -25.44
CA LYS C 729 14.19 -14.46 -25.35
C LYS C 729 14.36 -13.96 -23.93
N LYS C 730 13.24 -13.70 -23.24
CA LYS C 730 13.28 -13.21 -21.86
C LYS C 730 13.98 -14.21 -20.92
N GLU C 731 13.68 -15.50 -21.10
CA GLU C 731 14.25 -16.57 -20.29
C GLU C 731 15.72 -16.85 -20.58
N ILE C 732 16.12 -16.75 -21.84
CA ILE C 732 17.55 -16.80 -22.18
C ILE C 732 18.31 -15.66 -21.50
N LEU C 733 17.74 -14.45 -21.51
CA LEU C 733 18.34 -13.29 -20.83
C LEU C 733 18.31 -13.45 -19.32
N LYS C 734 17.26 -14.03 -18.79
CA LYS C 734 17.16 -14.28 -17.36
C LYS C 734 18.23 -15.28 -16.93
N LEU C 735 18.40 -16.36 -17.68
CA LEU C 735 19.44 -17.35 -17.37
C LEU C 735 20.85 -16.74 -17.31
N VAL C 736 21.15 -15.87 -18.27
CA VAL C 736 22.47 -15.22 -18.33
C VAL C 736 22.61 -14.19 -17.20
N GLU C 737 21.57 -13.41 -16.98
CA GLU C 737 21.56 -12.44 -15.89
C GLU C 737 21.80 -13.14 -14.55
N THR C 738 21.06 -14.23 -14.34
CA THR C 738 21.15 -15.03 -13.13
C THR C 738 22.54 -15.63 -12.96
N TYR C 739 23.10 -16.21 -14.02
CA TYR C 739 24.42 -16.80 -13.88
C TYR C 739 25.47 -15.73 -13.55
N ILE C 740 25.56 -14.72 -14.42
CA ILE C 740 26.52 -13.62 -14.24
C ILE C 740 26.38 -12.98 -12.86
N SER C 741 25.15 -12.83 -12.36
CA SER C 741 24.92 -12.20 -11.06
C SER C 741 25.47 -12.97 -9.86
N LYS C 742 25.70 -14.27 -10.04
CA LYS C 742 26.21 -15.14 -8.98
C LYS C 742 27.60 -15.70 -9.28
N ALA C 743 28.16 -15.38 -10.44
CA ALA C 743 29.38 -16.05 -10.88
C ALA C 743 30.56 -15.58 -10.03
N ARG C 744 31.45 -16.52 -9.71
CA ARG C 744 32.67 -16.22 -8.96
C ARG C 744 33.82 -15.97 -9.90
N ASN C 745 33.88 -16.69 -11.01
CA ASN C 745 34.98 -16.59 -11.98
C ASN C 745 34.67 -15.55 -13.07
N LEU C 746 35.00 -14.29 -12.78
CA LEU C 746 34.66 -13.17 -13.64
C LEU C 746 35.50 -13.13 -14.94
N ASP C 747 36.66 -13.79 -14.98
CA ASP C 747 37.49 -13.81 -16.19
C ASP C 747 36.82 -14.58 -17.31
N ASP C 748 36.27 -15.75 -16.99
CA ASP C 748 35.53 -16.54 -17.96
C ASP C 748 34.24 -15.87 -18.40
N VAL C 749 33.62 -15.08 -17.53
CA VAL C 749 32.43 -14.28 -17.90
C VAL C 749 32.81 -13.29 -19.02
N VAL C 750 33.88 -12.53 -18.81
CA VAL C 750 34.34 -11.55 -19.78
C VAL C 750 34.80 -12.20 -21.09
N LYS C 751 35.55 -13.30 -21.00
CA LYS C 751 36.15 -13.92 -22.19
C LYS C 751 35.18 -14.75 -23.00
N VAL C 752 34.46 -15.64 -22.33
CA VAL C 752 33.62 -16.63 -23.01
C VAL C 752 32.21 -16.11 -23.27
N LEU C 753 31.59 -15.50 -22.26
CA LEU C 753 30.15 -15.18 -22.29
C LEU C 753 29.80 -13.80 -22.87
N VAL C 754 30.49 -12.74 -22.43
CA VAL C 754 30.05 -11.36 -22.72
C VAL C 754 30.02 -11.02 -24.23
N GLU C 755 31.05 -11.39 -24.99
CA GLU C 755 31.12 -10.89 -26.36
C GLU C 755 30.14 -11.58 -27.33
N PRO C 756 29.88 -12.90 -27.17
CA PRO C 756 28.78 -13.49 -27.96
C PRO C 756 27.39 -13.00 -27.56
N LEU C 757 27.22 -12.66 -26.29
CA LEU C 757 25.97 -12.12 -25.76
C LEU C 757 25.65 -10.77 -26.39
N LEU C 758 26.60 -9.84 -26.30
CA LEU C 758 26.39 -8.48 -26.79
C LEU C 758 26.05 -8.50 -28.26
N ASN C 759 26.76 -9.31 -29.03
CA ASN C 759 26.53 -9.42 -30.46
C ASN C 759 25.13 -9.93 -30.80
N ALA C 760 24.65 -10.89 -30.00
CA ALA C 760 23.32 -11.46 -30.15
C ALA C 760 22.19 -10.50 -29.82
N VAL C 761 22.33 -9.73 -28.73
CA VAL C 761 21.21 -8.96 -28.16
C VAL C 761 21.19 -7.46 -28.45
N LEU C 762 22.34 -6.82 -28.59
CA LEU C 762 22.38 -5.35 -28.70
C LEU C 762 21.86 -4.86 -30.04
N GLU C 763 22.46 -5.34 -31.12
CA GLU C 763 22.05 -4.95 -32.46
C GLU C 763 20.58 -5.35 -32.73
N ASP C 764 20.13 -6.46 -32.13
CA ASP C 764 18.74 -6.90 -32.24
C ASP C 764 17.76 -5.94 -31.56
N TYR C 765 18.10 -5.57 -30.33
CA TYR C 765 17.35 -4.59 -29.55
C TYR C 765 17.23 -3.29 -30.34
N MET C 766 18.38 -2.78 -30.77
CA MET C 766 18.45 -1.50 -31.48
C MET C 766 17.61 -1.48 -32.77
N ASN C 767 17.65 -2.58 -33.52
CA ASN C 767 17.03 -2.62 -34.85
C ASN C 767 15.58 -3.10 -34.87
N ASN C 768 15.02 -3.45 -33.71
CA ASN C 768 13.60 -3.82 -33.66
C ASN C 768 12.77 -2.57 -33.47
N VAL C 769 11.49 -2.64 -33.82
CA VAL C 769 10.56 -1.55 -33.51
C VAL C 769 10.37 -1.40 -32.00
N PRO C 770 10.02 -0.19 -31.52
CA PRO C 770 9.77 -0.01 -30.09
C PRO C 770 8.96 -1.12 -29.41
N ASP C 771 7.82 -1.52 -29.97
CA ASP C 771 6.97 -2.56 -29.37
C ASP C 771 7.53 -3.98 -29.36
N ALA C 772 8.57 -4.26 -30.11
CA ALA C 772 9.20 -5.57 -30.09
C ALA C 772 10.44 -5.60 -29.19
N ARG C 773 10.88 -4.45 -28.67
CA ARG C 773 12.07 -4.41 -27.81
C ARG C 773 11.79 -4.96 -26.40
N ASP C 774 12.51 -6.00 -26.00
CA ASP C 774 12.36 -6.55 -24.66
C ASP C 774 13.12 -5.66 -23.67
N ALA C 775 12.43 -5.16 -22.65
CA ALA C 775 13.07 -4.38 -21.59
C ALA C 775 14.07 -5.20 -20.78
N GLU C 776 13.91 -6.53 -20.82
CA GLU C 776 14.80 -7.47 -20.12
C GLU C 776 16.21 -7.48 -20.70
N VAL C 777 16.38 -6.99 -21.93
CA VAL C 777 17.72 -6.73 -22.46
C VAL C 777 18.43 -5.73 -21.55
N LEU C 778 17.74 -4.63 -21.24
CA LEU C 778 18.33 -3.58 -20.44
C LEU C 778 18.73 -4.09 -19.06
N ASN C 779 17.86 -4.90 -18.47
CA ASN C 779 18.07 -5.47 -17.13
C ASN C 779 19.25 -6.43 -17.15
N CYS C 780 19.32 -7.23 -18.21
CA CYS C 780 20.44 -8.15 -18.39
C CYS C 780 21.76 -7.41 -18.47
N MET C 781 21.78 -6.29 -19.18
CA MET C 781 22.97 -5.43 -19.29
C MET C 781 23.32 -4.71 -17.99
N THR C 782 22.32 -4.32 -17.21
CA THR C 782 22.56 -3.72 -15.91
C THR C 782 23.41 -4.65 -15.05
N THR C 783 23.07 -5.93 -15.08
CA THR C 783 23.82 -6.92 -14.30
C THR C 783 25.22 -7.17 -14.89
N VAL C 784 25.33 -7.21 -16.22
CA VAL C 784 26.64 -7.38 -16.86
C VAL C 784 27.58 -6.24 -16.41
N VAL C 785 27.11 -5.00 -16.52
CA VAL C 785 27.93 -3.83 -16.15
C VAL C 785 28.24 -3.85 -14.66
N GLU C 786 27.25 -4.16 -13.83
CA GLU C 786 27.41 -4.28 -12.38
C GLU C 786 28.55 -5.21 -11.95
N LYS C 787 28.65 -6.40 -12.56
CA LYS C 787 29.63 -7.42 -12.12
C LYS C 787 30.98 -7.33 -12.83
N VAL C 788 30.97 -7.09 -14.14
CA VAL C 788 32.18 -7.01 -14.95
C VAL C 788 32.36 -5.68 -15.73
N GLY C 789 31.67 -4.61 -15.33
CA GLY C 789 31.71 -3.35 -16.09
C GLY C 789 33.09 -2.72 -16.17
N HIS C 790 33.76 -2.66 -15.03
CA HIS C 790 35.18 -2.24 -14.95
C HIS C 790 36.11 -3.04 -15.85
N MET C 791 35.83 -4.33 -16.05
CA MET C 791 36.66 -5.20 -16.92
C MET C 791 36.44 -5.05 -18.43
N ILE C 792 35.33 -4.43 -18.84
CA ILE C 792 34.99 -4.28 -20.28
C ILE C 792 34.54 -2.85 -20.60
N PRO C 793 35.49 -1.89 -20.58
CA PRO C 793 35.07 -0.52 -20.83
C PRO C 793 34.67 -0.31 -22.28
N GLN C 794 35.31 -1.03 -23.21
CA GLN C 794 34.94 -0.94 -24.61
C GLN C 794 33.59 -1.61 -24.88
N GLY C 795 33.26 -2.63 -24.09
CA GLY C 795 31.95 -3.28 -24.15
C GLY C 795 30.81 -2.46 -23.57
N VAL C 796 31.10 -1.65 -22.55
CA VAL C 796 30.11 -0.70 -22.03
C VAL C 796 29.72 0.35 -23.08
N ILE C 797 30.69 0.81 -23.87
CA ILE C 797 30.45 1.79 -24.93
C ILE C 797 29.50 1.19 -25.95
N LEU C 798 29.78 -0.05 -26.36
CA LEU C 798 28.91 -0.77 -27.30
C LEU C 798 27.46 -0.91 -26.79
N ILE C 799 27.29 -1.10 -25.47
CA ILE C 799 25.96 -1.18 -24.83
C ILE C 799 25.23 0.17 -24.93
N LEU C 800 25.93 1.25 -24.61
CA LEU C 800 25.36 2.59 -24.71
C LEU C 800 24.89 2.87 -26.12
N GLN C 801 25.81 2.76 -27.09
CA GLN C 801 25.49 3.05 -28.50
C GLN C 801 24.24 2.32 -29.01
N SER C 802 24.03 1.10 -28.54
CA SER C 802 22.91 0.28 -28.97
C SER C 802 21.59 0.60 -28.28
N VAL C 803 21.62 0.84 -26.96
CA VAL C 803 20.36 1.00 -26.17
C VAL C 803 20.01 2.43 -25.75
N PHE C 804 20.98 3.33 -25.71
CA PHE C 804 20.76 4.65 -25.14
C PHE C 804 19.75 5.54 -25.90
N GLU C 805 20.03 5.88 -27.15
CA GLU C 805 19.18 6.84 -27.87
C GLU C 805 17.85 6.29 -28.32
N CYS C 806 17.82 5.03 -28.74
CA CYS C 806 16.56 4.43 -29.17
C CYS C 806 15.62 4.19 -28.00
N THR C 807 16.16 3.95 -26.80
CA THR C 807 15.33 3.78 -25.60
C THR C 807 14.83 5.12 -25.08
N LEU C 808 15.71 6.11 -24.96
CA LEU C 808 15.31 7.49 -24.63
C LEU C 808 14.20 8.03 -25.52
N ASP C 809 14.18 7.66 -26.80
CA ASP C 809 13.11 8.10 -27.70
C ASP C 809 11.77 7.45 -27.40
N MET C 810 11.79 6.23 -26.87
CA MET C 810 10.57 5.53 -26.45
C MET C 810 9.90 6.20 -25.25
N ILE C 811 10.71 6.79 -24.36
CA ILE C 811 10.23 7.24 -23.07
C ILE C 811 10.20 8.75 -22.85
N ASN C 812 10.43 9.57 -23.87
CA ASN C 812 10.42 11.05 -23.69
C ASN C 812 9.20 11.80 -24.27
N LYS C 813 8.17 11.09 -24.73
CA LYS C 813 6.95 11.73 -25.24
C LYS C 813 6.06 12.12 -24.08
N ASP C 814 5.90 11.17 -23.16
CA ASP C 814 5.09 11.31 -21.94
C ASP C 814 5.74 10.53 -20.80
N PHE C 815 5.10 10.51 -19.63
CA PHE C 815 5.61 9.73 -18.50
C PHE C 815 5.04 8.31 -18.38
N THR C 816 4.04 7.96 -19.22
CA THR C 816 3.27 6.71 -19.09
C THR C 816 3.81 5.53 -19.89
N GLU C 817 4.19 5.75 -21.15
CA GLU C 817 4.47 4.62 -22.08
C GLU C 817 5.75 3.86 -21.74
N TYR C 818 5.74 2.56 -22.02
CA TYR C 818 6.89 1.67 -21.82
C TYR C 818 7.44 1.74 -20.39
N PRO C 819 6.59 1.42 -19.41
CA PRO C 819 6.97 1.61 -18.01
C PRO C 819 8.19 0.76 -17.57
N GLU C 820 8.29 -0.50 -18.01
CA GLU C 820 9.48 -1.32 -17.67
C GLU C 820 10.77 -0.71 -18.24
N HIS C 821 10.71 -0.29 -19.50
CA HIS C 821 11.87 0.25 -20.22
C HIS C 821 12.33 1.51 -19.53
N ARG C 822 11.39 2.33 -19.16
CA ARG C 822 11.64 3.53 -18.37
C ARG C 822 12.51 3.21 -17.16
N VAL C 823 12.06 2.22 -16.41
CA VAL C 823 12.63 1.88 -15.11
C VAL C 823 13.98 1.22 -15.32
N GLU C 824 14.04 0.24 -16.21
CA GLU C 824 15.26 -0.51 -16.44
C GLU C 824 16.34 0.37 -17.11
N PHE C 825 15.90 1.33 -17.92
CA PHE C 825 16.77 2.29 -18.61
C PHE C 825 17.61 3.08 -17.60
N TYR C 826 16.96 3.65 -16.59
CA TYR C 826 17.66 4.49 -15.62
C TYR C 826 18.51 3.69 -14.62
N LYS C 827 18.11 2.46 -14.32
CA LYS C 827 18.99 1.51 -13.63
C LYS C 827 20.30 1.29 -14.40
N LEU C 828 20.21 1.09 -15.72
CA LEU C 828 21.38 0.79 -16.54
C LEU C 828 22.32 1.98 -16.59
N LEU C 829 21.76 3.15 -16.85
CA LEU C 829 22.52 4.41 -16.79
C LEU C 829 23.15 4.68 -15.41
N LYS C 830 22.44 4.33 -14.35
CA LYS C 830 22.96 4.49 -12.98
C LYS C 830 24.22 3.67 -12.76
N VAL C 831 24.17 2.37 -13.08
CA VAL C 831 25.32 1.48 -12.84
C VAL C 831 26.47 1.78 -13.76
N ILE C 832 26.18 2.21 -14.99
CA ILE C 832 27.24 2.67 -15.90
C ILE C 832 27.97 3.89 -15.30
N ASN C 833 27.21 4.90 -14.87
CA ASN C 833 27.79 6.12 -14.27
C ASN C 833 28.66 5.85 -13.02
N GLU C 834 28.31 4.83 -12.25
CA GLU C 834 29.12 4.42 -11.09
C GLU C 834 30.38 3.68 -11.57
N LYS C 835 30.19 2.57 -12.27
CA LYS C 835 31.25 1.58 -12.53
C LYS C 835 32.17 1.92 -13.72
N SER C 836 31.58 2.39 -14.82
CA SER C 836 32.32 2.71 -16.04
CA SER C 836 32.32 2.71 -16.04
C SER C 836 31.90 4.09 -16.55
N PHE C 837 32.29 5.13 -15.83
CA PHE C 837 31.96 6.51 -16.22
C PHE C 837 32.61 6.90 -17.56
N ALA C 838 33.81 6.38 -17.81
CA ALA C 838 34.53 6.59 -19.08
C ALA C 838 33.69 6.47 -20.34
N ALA C 839 32.71 5.56 -20.34
CA ALA C 839 31.82 5.40 -21.48
C ALA C 839 31.07 6.65 -21.89
N PHE C 840 30.66 7.46 -20.89
CA PHE C 840 29.99 8.73 -21.14
C PHE C 840 30.92 9.82 -21.70
N LEU C 841 32.23 9.73 -21.44
CA LEU C 841 33.21 10.67 -22.02
C LEU C 841 33.39 10.47 -23.53
N GLU C 842 33.22 9.23 -24.00
CA GLU C 842 33.36 8.89 -25.42
C GLU C 842 32.09 9.21 -26.23
N LEU C 843 30.99 9.53 -25.57
CA LEU C 843 29.79 9.98 -26.29
C LEU C 843 30.11 11.30 -27.00
N PRO C 844 29.68 11.43 -28.29
CA PRO C 844 29.87 12.74 -28.92
C PRO C 844 29.00 13.80 -28.24
N PRO C 845 29.46 15.07 -28.25
CA PRO C 845 28.76 16.17 -27.58
C PRO C 845 27.21 16.17 -27.60
N ALA C 846 26.60 15.90 -28.76
CA ALA C 846 25.14 15.92 -28.95
C ALA C 846 24.43 14.80 -28.19
N ALA C 847 25.10 13.67 -28.08
CA ALA C 847 24.58 12.51 -27.35
C ALA C 847 24.70 12.69 -25.83
N PHE C 848 25.80 13.34 -25.40
CA PHE C 848 25.97 13.72 -24.00
C PHE C 848 24.94 14.76 -23.56
N LYS C 849 24.51 15.63 -24.47
CA LYS C 849 23.36 16.53 -24.22
C LYS C 849 22.08 15.74 -23.98
N LEU C 850 21.85 14.71 -24.79
CA LEU C 850 20.69 13.83 -24.60
C LEU C 850 20.76 13.11 -23.25
N PHE C 851 21.96 12.77 -22.81
CA PHE C 851 22.18 12.16 -21.48
C PHE C 851 21.80 13.09 -20.33
N VAL C 852 22.21 14.36 -20.42
CA VAL C 852 21.80 15.37 -19.44
C VAL C 852 20.29 15.63 -19.52
N ASP C 853 19.74 15.63 -20.72
CA ASP C 853 18.30 15.76 -20.87
C ASP C 853 17.57 14.58 -20.29
N ALA C 854 18.16 13.39 -20.43
CA ALA C 854 17.59 12.15 -19.86
C ALA C 854 17.50 12.14 -18.32
N ILE C 855 18.49 12.74 -17.66
CA ILE C 855 18.51 12.82 -16.20
C ILE C 855 17.45 13.77 -15.64
N CYS C 856 17.34 14.97 -16.20
CA CYS C 856 16.32 15.96 -15.79
C CYS C 856 14.91 15.47 -16.10
N TRP C 857 14.78 14.65 -17.13
CA TRP C 857 13.52 13.97 -17.45
C TRP C 857 13.14 12.99 -16.35
N ALA C 858 14.11 12.27 -15.81
CA ALA C 858 13.90 11.39 -14.66
C ALA C 858 13.44 12.13 -13.42
N PHE C 859 14.00 13.32 -13.14
CA PHE C 859 13.54 14.18 -12.02
C PHE C 859 12.07 14.41 -12.06
N LYS C 860 11.57 14.76 -13.25
CA LYS C 860 10.17 15.17 -13.39
C LYS C 860 9.15 14.04 -13.23
N HIS C 861 9.60 12.79 -13.18
CA HIS C 861 8.69 11.65 -12.95
C HIS C 861 8.10 11.65 -11.53
N ASN C 862 6.79 11.36 -11.47
CA ASN C 862 6.12 11.01 -10.21
C ASN C 862 6.53 9.61 -9.77
N ASN C 863 6.53 8.67 -10.70
CA ASN C 863 7.11 7.32 -10.54
C ASN C 863 8.34 7.32 -9.61
N ARG C 864 8.18 6.69 -8.45
CA ARG C 864 9.21 6.66 -7.40
C ARG C 864 10.54 6.01 -7.84
N ASP C 865 10.46 4.95 -8.65
CA ASP C 865 11.66 4.20 -9.04
C ASP C 865 12.54 5.01 -9.97
N VAL C 866 11.90 5.64 -10.97
CA VAL C 866 12.58 6.51 -11.92
C VAL C 866 13.14 7.76 -11.24
N GLU C 867 12.31 8.45 -10.46
CA GLU C 867 12.69 9.70 -9.79
C GLU C 867 13.96 9.58 -8.94
N VAL C 868 14.03 8.53 -8.12
CA VAL C 868 15.19 8.27 -7.24
C VAL C 868 16.46 8.04 -8.04
N ASN C 869 16.38 7.18 -9.06
CA ASN C 869 17.53 6.94 -9.92
C ASN C 869 17.95 8.18 -10.70
N GLY C 870 16.97 8.99 -11.09
CA GLY C 870 17.23 10.29 -11.73
C GLY C 870 18.07 11.20 -10.87
N LEU C 871 17.64 11.37 -9.63
CA LEU C 871 18.37 12.22 -8.68
C LEU C 871 19.72 11.64 -8.28
N GLN C 872 19.82 10.31 -8.24
CA GLN C 872 21.07 9.65 -7.87
C GLN C 872 22.16 9.78 -8.95
N ILE C 873 21.75 9.65 -10.21
CA ILE C 873 22.65 9.85 -11.38
C ILE C 873 23.19 11.28 -11.40
N ALA C 874 22.29 12.24 -11.17
CA ALA C 874 22.65 13.65 -11.12
C ALA C 874 23.71 13.90 -10.05
N LEU C 875 23.48 13.36 -8.85
CA LEU C 875 24.42 13.42 -7.73
C LEU C 875 25.76 12.80 -8.09
N ASP C 876 25.72 11.56 -8.54
CA ASP C 876 26.94 10.82 -8.91
C ASP C 876 27.68 11.40 -10.12
N LEU C 877 26.94 12.01 -11.06
CA LEU C 877 27.55 12.67 -12.23
C LEU C 877 28.34 13.90 -11.83
N VAL C 878 27.81 14.67 -10.89
CA VAL C 878 28.50 15.83 -10.36
C VAL C 878 29.78 15.39 -9.64
N LYS C 879 29.72 14.31 -8.86
CA LYS C 879 30.90 13.77 -8.18
C LYS C 879 31.91 13.28 -9.21
N ASN C 880 31.43 12.57 -10.22
CA ASN C 880 32.29 12.08 -11.32
C ASN C 880 33.05 13.22 -12.01
N ILE C 881 32.34 14.31 -12.34
CA ILE C 881 32.93 15.49 -13.00
C ILE C 881 33.87 16.26 -12.05
N GLU C 882 33.50 16.31 -10.77
CA GLU C 882 34.33 16.91 -9.74
C GLU C 882 35.70 16.22 -9.65
N ARG C 883 35.69 14.89 -9.59
CA ARG C 883 36.93 14.10 -9.43
C ARG C 883 37.88 14.10 -10.64
N MET C 884 37.36 14.51 -11.81
CA MET C 884 38.21 14.78 -12.98
C MET C 884 39.17 15.96 -12.78
N GLY C 885 38.84 16.85 -11.84
CA GLY C 885 39.67 18.01 -11.54
C GLY C 885 39.50 19.09 -12.60
N ASN C 886 40.53 19.90 -12.76
CA ASN C 886 40.49 21.06 -13.65
C ASN C 886 40.99 20.70 -15.05
N VAL C 887 40.11 20.05 -15.82
CA VAL C 887 40.45 19.56 -17.17
C VAL C 887 39.40 20.04 -18.17
N PRO C 888 39.65 19.91 -19.48
CA PRO C 888 38.73 20.53 -20.45
C PRO C 888 37.29 20.02 -20.44
N PHE C 889 37.09 18.72 -20.23
CA PHE C 889 35.73 18.17 -20.21
C PHE C 889 34.89 18.64 -19.01
N ALA C 890 35.52 18.79 -17.85
CA ALA C 890 34.86 19.29 -16.64
C ALA C 890 34.46 20.76 -16.76
N ASN C 891 35.31 21.55 -17.38
CA ASN C 891 35.06 22.97 -17.58
C ASN C 891 33.89 23.16 -18.51
N GLU C 892 33.95 22.48 -19.65
CA GLU C 892 32.85 22.52 -20.64
C GLU C 892 31.56 21.91 -20.13
N PHE C 893 31.65 21.00 -19.15
CA PHE C 893 30.46 20.47 -18.47
C PHE C 893 29.78 21.57 -17.69
N HIS C 894 30.54 22.19 -16.80
CA HIS C 894 30.02 23.24 -15.92
C HIS C 894 29.48 24.44 -16.70
N LYS C 895 30.15 24.81 -17.80
CA LYS C 895 29.66 25.92 -18.64
C LYS C 895 28.35 25.57 -19.36
N ASN C 896 28.20 24.32 -19.78
CA ASN C 896 26.99 23.87 -20.51
C ASN C 896 25.85 23.45 -19.59
N TYR C 897 26.15 22.70 -18.53
CA TYR C 897 25.10 21.98 -17.81
C TYR C 897 24.90 22.31 -16.34
N PHE C 898 25.82 23.05 -15.72
CA PHE C 898 25.65 23.43 -14.31
C PHE C 898 24.30 24.08 -13.99
N PHE C 899 23.97 25.17 -14.68
CA PHE C 899 22.73 25.90 -14.42
C PHE C 899 21.49 25.20 -14.93
N ILE C 900 21.65 24.27 -15.86
CA ILE C 900 20.56 23.37 -16.21
C ILE C 900 20.20 22.49 -15.00
N PHE C 901 21.18 21.91 -14.32
CA PHE C 901 20.89 21.09 -13.13
C PHE C 901 20.34 21.90 -11.96
N VAL C 902 20.91 23.08 -11.74
CA VAL C 902 20.45 23.97 -10.66
C VAL C 902 19.00 24.34 -10.88
N SER C 903 18.66 24.79 -12.09
CA SER C 903 17.31 25.25 -12.38
C SER C 903 16.29 24.12 -12.42
N GLU C 904 16.69 22.96 -12.95
CA GLU C 904 15.80 21.81 -13.01
C GLU C 904 15.58 21.18 -11.63
N THR C 905 16.61 21.18 -10.78
CA THR C 905 16.47 20.72 -9.40
C THR C 905 15.55 21.65 -8.61
N PHE C 906 15.67 22.95 -8.89
CA PHE C 906 14.79 23.97 -8.28
C PHE C 906 13.35 23.88 -8.74
N PHE C 907 13.11 23.51 -9.99
CA PHE C 907 11.74 23.31 -10.50
C PHE C 907 11.00 22.22 -9.72
N VAL C 908 11.63 21.06 -9.54
CA VAL C 908 10.99 19.95 -8.83
C VAL C 908 10.81 20.16 -7.31
N LEU C 909 11.74 20.88 -6.67
CA LEU C 909 11.51 21.31 -5.29
C LEU C 909 10.21 22.11 -5.17
N THR C 910 10.04 23.07 -6.06
CA THR C 910 9.08 24.15 -5.87
C THR C 910 7.69 23.95 -6.48
N ASP C 911 7.47 22.88 -7.26
CA ASP C 911 6.22 22.76 -8.04
C ASP C 911 5.10 21.91 -7.40
N SER C 912 5.30 21.43 -6.17
CA SER C 912 4.30 20.63 -5.43
C SER C 912 4.07 19.18 -5.87
N ASP C 913 4.44 18.82 -7.11
CA ASP C 913 4.09 17.50 -7.64
C ASP C 913 5.24 16.51 -7.52
N HIS C 914 6.37 16.91 -6.92
CA HIS C 914 7.50 16.00 -6.70
C HIS C 914 7.93 16.03 -5.22
N LYS C 915 6.94 15.88 -4.33
CA LYS C 915 7.16 16.03 -2.89
C LYS C 915 8.01 14.88 -2.32
N SER C 916 7.77 13.67 -2.81
CA SER C 916 8.44 12.47 -2.29
C SER C 916 9.95 12.41 -2.55
N GLY C 917 10.46 13.22 -3.48
CA GLY C 917 11.90 13.33 -3.71
C GLY C 917 12.57 14.54 -3.06
N PHE C 918 11.93 15.12 -2.04
CA PHE C 918 12.40 16.37 -1.44
C PHE C 918 13.79 16.26 -0.82
N SER C 919 14.06 15.14 -0.16
CA SER C 919 15.33 14.94 0.50
C SER C 919 16.48 14.88 -0.49
N LYS C 920 16.29 14.13 -1.57
CA LYS C 920 17.34 13.92 -2.56
C LYS C 920 17.53 15.16 -3.45
N GLN C 921 16.43 15.83 -3.79
CA GLN C 921 16.48 17.13 -4.45
C GLN C 921 17.26 18.13 -3.63
N ALA C 922 17.00 18.19 -2.33
CA ALA C 922 17.70 19.12 -1.44
C ALA C 922 19.21 18.84 -1.36
N LEU C 923 19.56 17.56 -1.30
CA LEU C 923 20.94 17.13 -1.28
C LEU C 923 21.68 17.45 -2.58
N LEU C 924 21.00 17.24 -3.70
CA LEU C 924 21.57 17.53 -5.03
C LEU C 924 21.86 19.02 -5.19
N LEU C 925 20.88 19.82 -4.81
CA LEU C 925 20.98 21.27 -4.89
C LEU C 925 22.06 21.80 -3.97
N MET C 926 22.23 21.17 -2.81
CA MET C 926 23.27 21.56 -1.87
C MET C 926 24.65 21.29 -2.48
N LYS C 927 24.79 20.14 -3.13
CA LYS C 927 26.06 19.73 -3.72
C LYS C 927 26.48 20.67 -4.85
N LEU C 928 25.51 21.09 -5.67
CA LEU C 928 25.73 22.07 -6.73
C LEU C 928 26.19 23.41 -6.18
N ILE C 929 25.48 23.91 -5.17
CA ILE C 929 25.79 25.21 -4.55
C ILE C 929 27.14 25.16 -3.83
N SER C 930 27.44 24.04 -3.18
CA SER C 930 28.74 23.82 -2.54
C SER C 930 29.91 24.04 -3.48
N LEU C 931 29.77 23.62 -4.73
CA LEU C 931 30.86 23.73 -5.68
C LEU C 931 31.37 25.17 -5.82
N VAL C 932 30.46 26.13 -5.98
CA VAL C 932 30.88 27.52 -6.13
C VAL C 932 31.41 28.13 -4.82
N TYR C 933 30.88 27.71 -3.66
CA TYR C 933 31.40 28.20 -2.35
C TYR C 933 32.69 27.51 -1.85
N ASP C 934 33.11 26.44 -2.52
CA ASP C 934 34.47 25.86 -2.35
C ASP C 934 35.41 26.23 -3.49
N ASN C 935 34.90 26.89 -4.53
CA ASN C 935 35.65 27.21 -5.75
C ASN C 935 36.16 25.95 -6.47
N LYS C 936 35.30 24.92 -6.53
CA LYS C 936 35.61 23.68 -7.26
C LYS C 936 35.19 23.75 -8.75
N ILE C 937 34.64 24.89 -9.16
CA ILE C 937 34.48 25.20 -10.58
C ILE C 937 35.55 26.24 -10.87
N SER C 938 36.54 25.84 -11.66
CA SER C 938 37.73 26.65 -11.91
C SER C 938 37.46 27.76 -12.94
N VAL C 939 36.74 27.44 -14.01
CA VAL C 939 36.35 28.44 -15.03
C VAL C 939 35.18 29.32 -14.57
N PRO C 940 34.98 30.49 -15.23
CA PRO C 940 33.74 31.26 -15.04
C PRO C 940 32.49 30.57 -15.61
N LEU C 941 31.34 30.78 -14.98
CA LEU C 941 30.08 30.16 -15.41
C LEU C 941 29.24 31.05 -16.35
N TYR C 942 29.80 32.20 -16.72
CA TYR C 942 29.10 33.24 -17.46
C TYR C 942 29.80 33.57 -18.78
N GLN C 943 29.09 34.28 -19.66
CA GLN C 943 29.62 34.76 -20.95
C GLN C 943 30.59 35.90 -20.63
N GLU C 944 31.68 36.06 -21.38
CA GLU C 944 32.76 36.98 -20.96
C GLU C 944 32.29 38.45 -20.69
N ALA C 945 31.25 38.91 -21.41
CA ALA C 945 30.67 40.26 -21.25
C ALA C 945 29.20 40.24 -20.78
N GLU C 946 28.86 39.33 -19.89
CA GLU C 946 27.55 39.28 -19.23
C GLU C 946 27.55 40.09 -17.94
N VAL C 947 28.63 39.96 -17.17
CA VAL C 947 28.85 40.74 -15.94
C VAL C 947 30.25 41.38 -16.04
N PRO C 948 30.62 42.24 -15.05
CA PRO C 948 32.00 42.75 -15.01
C PRO C 948 33.09 41.66 -15.09
N GLN C 949 34.29 42.08 -15.45
CA GLN C 949 35.43 41.18 -15.66
C GLN C 949 35.97 40.68 -14.30
N GLY C 950 36.19 39.37 -14.20
CA GLY C 950 36.68 38.75 -12.97
C GLY C 950 35.71 38.71 -11.81
N THR C 951 34.41 38.70 -12.09
CA THR C 951 33.37 38.54 -11.06
C THR C 951 33.38 37.08 -10.59
N SER C 952 33.33 36.84 -9.27
CA SER C 952 33.37 35.47 -8.74
C SER C 952 32.10 34.70 -9.11
N ASN C 953 32.22 33.38 -9.16
CA ASN C 953 31.08 32.51 -9.44
C ASN C 953 30.01 32.59 -8.35
N GLN C 954 30.41 32.94 -7.12
CA GLN C 954 29.45 33.11 -6.04
C GLN C 954 28.50 34.26 -6.32
N VAL C 955 29.04 35.36 -6.85
CA VAL C 955 28.23 36.54 -7.19
C VAL C 955 27.29 36.25 -8.35
N TYR C 956 27.80 35.66 -9.42
CA TYR C 956 26.95 35.32 -10.58
C TYR C 956 25.85 34.31 -10.21
N LEU C 957 26.18 33.34 -9.37
CA LEU C 957 25.20 32.33 -8.94
C LEU C 957 24.00 32.91 -8.18
N SER C 958 24.27 33.88 -7.31
CA SER C 958 23.22 34.60 -6.59
C SER C 958 22.39 35.46 -7.52
N GLN C 959 23.06 36.07 -8.49
CA GLN C 959 22.41 36.95 -9.46
C GLN C 959 21.54 36.14 -10.42
N TYR C 960 22.01 34.96 -10.82
CA TYR C 960 21.22 34.05 -11.69
C TYR C 960 19.95 33.58 -10.99
N LEU C 961 20.13 33.09 -9.76
CA LEU C 961 19.04 32.54 -8.96
C LEU C 961 18.02 33.60 -8.58
N ALA C 962 18.49 34.80 -8.28
CA ALA C 962 17.61 35.93 -8.01
C ALA C 962 16.71 36.14 -9.22
N ASN C 963 17.30 36.23 -10.39
CA ASN C 963 16.54 36.41 -11.60
C ASN C 963 15.58 35.24 -11.87
N MET C 964 16.08 34.02 -11.75
CA MET C 964 15.26 32.82 -11.98
C MET C 964 14.01 32.80 -11.09
N LEU C 965 14.21 32.95 -9.79
CA LEU C 965 13.11 32.95 -8.83
C LEU C 965 12.17 34.14 -8.98
N SER C 966 12.72 35.29 -9.32
CA SER C 966 11.92 36.50 -9.57
C SER C 966 10.92 36.28 -10.70
N ASN C 967 11.36 35.61 -11.77
CA ASN C 967 10.50 35.28 -12.91
C ASN C 967 9.60 34.08 -12.63
N ALA C 968 10.13 33.10 -11.91
CA ALA C 968 9.35 31.90 -11.56
C ALA C 968 8.29 32.16 -10.49
N PHE C 969 8.51 33.20 -9.66
CA PHE C 969 7.66 33.52 -8.52
C PHE C 969 7.58 35.04 -8.39
N PRO C 970 6.83 35.70 -9.30
CA PRO C 970 6.79 37.16 -9.31
C PRO C 970 6.10 37.84 -8.11
N HIS C 971 5.36 37.06 -7.33
CA HIS C 971 4.70 37.56 -6.11
C HIS C 971 5.63 37.69 -4.91
N LEU C 972 6.82 37.10 -4.98
CA LEU C 972 7.83 37.33 -3.96
C LEU C 972 8.46 38.71 -4.18
N THR C 973 8.96 39.31 -3.10
CA THR C 973 9.65 40.60 -3.18
C THR C 973 11.11 40.30 -3.40
N SER C 974 11.86 41.34 -3.76
CA SER C 974 13.30 41.23 -3.95
C SER C 974 13.96 40.84 -2.64
N GLU C 975 13.48 41.41 -1.54
CA GLU C 975 14.02 41.13 -0.20
C GLU C 975 13.77 39.68 0.21
N GLN C 976 12.57 39.15 -0.07
CA GLN C 976 12.27 37.74 0.23
C GLN C 976 13.23 36.78 -0.46
N ILE C 977 13.53 37.07 -1.72
CA ILE C 977 14.44 36.26 -2.53
C ILE C 977 15.87 36.43 -2.04
N ALA C 978 16.27 37.69 -1.86
CA ALA C 978 17.63 38.02 -1.43
C ALA C 978 17.93 37.39 -0.07
N SER C 979 16.96 37.47 0.85
CA SER C 979 17.10 36.88 2.17
C SER C 979 17.22 35.36 2.10
N PHE C 980 16.35 34.74 1.30
CA PHE C 980 16.30 33.27 1.13
C PHE C 980 17.59 32.71 0.58
N LEU C 981 18.12 33.36 -0.44
CA LEU C 981 19.37 32.89 -1.04
C LEU C 981 20.58 33.12 -0.12
N SER C 982 20.66 34.29 0.54
CA SER C 982 21.70 34.54 1.54
C SER C 982 21.74 33.40 2.53
N ALA C 983 20.58 33.10 3.10
CA ALA C 983 20.45 32.00 4.04
C ALA C 983 20.79 30.64 3.40
N LEU C 984 20.25 30.39 2.21
CA LEU C 984 20.40 29.09 1.56
C LEU C 984 21.84 28.78 1.24
N THR C 985 22.59 29.80 0.81
CA THR C 985 23.98 29.61 0.37
C THR C 985 24.88 29.31 1.57
N LYS C 986 24.81 30.14 2.61
CA LYS C 986 25.66 29.92 3.79
C LYS C 986 25.26 28.72 4.66
N GLN C 987 24.16 28.04 4.33
CA GLN C 987 23.79 26.78 4.96
C GLN C 987 24.07 25.58 4.06
N CYS C 988 24.95 25.74 3.07
CA CYS C 988 25.21 24.64 2.13
C CYS C 988 26.20 23.57 2.64
N LYS C 989 26.71 23.75 3.86
CA LYS C 989 27.40 22.69 4.59
C LYS C 989 26.58 22.20 5.81
N ASP C 990 25.25 22.36 5.76
CA ASP C 990 24.38 21.97 6.87
C ASP C 990 23.01 21.54 6.33
N LEU C 991 22.90 20.26 6.04
CA LEU C 991 21.76 19.72 5.29
C LEU C 991 20.41 19.81 6.00
N VAL C 992 20.38 19.56 7.31
CA VAL C 992 19.13 19.62 8.07
C VAL C 992 18.55 21.05 8.10
N VAL C 993 19.44 22.06 8.07
CA VAL C 993 19.07 23.50 8.10
C VAL C 993 18.78 23.99 6.68
N PHE C 994 19.64 23.56 5.74
CA PHE C 994 19.40 23.76 4.31
C PHE C 994 17.99 23.29 3.94
N LYS C 995 17.63 22.07 4.34
CA LYS C 995 16.30 21.51 4.06
C LYS C 995 15.23 22.37 4.71
N GLY C 996 15.49 22.80 5.94
CA GLY C 996 14.57 23.67 6.65
C GLY C 996 14.32 24.99 5.92
N THR C 997 15.40 25.58 5.38
CA THR C 997 15.32 26.84 4.65
C THR C 997 14.59 26.70 3.31
N LEU C 998 14.74 25.54 2.67
CA LEU C 998 13.90 25.18 1.54
C LEU C 998 12.42 25.09 1.93
N ARG C 999 12.10 24.41 3.03
CA ARG C 999 10.68 24.25 3.41
C ARG C 999 10.03 25.56 3.80
N ASP C 1000 10.83 26.49 4.33
CA ASP C 1000 10.40 27.85 4.61
C ASP C 1000 10.07 28.56 3.29
N PHE C 1001 10.95 28.40 2.31
CA PHE C 1001 10.69 28.91 0.99
C PHE C 1001 9.40 28.33 0.42
N LEU C 1002 9.21 27.03 0.56
CA LEU C 1002 8.00 26.36 0.03
C LEU C 1002 6.72 26.88 0.65
N VAL C 1003 6.79 27.30 1.91
CA VAL C 1003 5.67 27.91 2.61
C VAL C 1003 5.42 29.32 2.12
N GLN C 1004 6.48 30.11 1.97
CA GLN C 1004 6.35 31.51 1.54
C GLN C 1004 5.85 31.67 0.11
N ILE C 1005 6.18 30.74 -0.78
CA ILE C 1005 5.68 30.81 -2.17
C ILE C 1005 4.19 30.49 -2.31
N LYS C 1006 3.60 29.84 -1.31
CA LYS C 1006 2.15 29.59 -1.29
C LYS C 1006 1.35 30.78 -0.77
N GLU C 1007 2.04 31.84 -0.34
CA GLU C 1007 1.39 33.04 0.20
C GLU C 1007 2.02 34.32 -0.36
N VAL C 1008 1.41 35.45 -0.02
CA VAL C 1008 1.95 36.76 -0.37
C VAL C 1008 2.44 37.44 0.92
N GLY C 1009 3.55 38.16 0.78
CA GLY C 1009 4.05 39.01 1.87
C GLY C 1009 4.75 38.29 3.01
N GLY C 1010 5.27 37.09 2.73
CA GLY C 1010 6.09 36.35 3.70
C GLY C 1010 7.21 37.21 4.29
N ASP C 1011 7.58 36.93 5.53
CA ASP C 1011 8.54 37.75 6.25
C ASP C 1011 9.94 37.30 5.82
N PRO C 1012 10.76 38.21 5.27
CA PRO C 1012 12.12 37.84 4.85
C PRO C 1012 13.11 37.54 5.99
N THR C 1013 12.81 38.03 7.20
CA THR C 1013 13.63 37.71 8.37
C THR C 1013 13.46 36.24 8.82
N ASP C 1014 12.35 35.59 8.42
CA ASP C 1014 12.15 34.16 8.70
C ASP C 1014 13.37 33.31 8.34
N TYR C 1015 14.09 33.67 7.27
CA TYR C 1015 15.26 32.90 6.82
C TYR C 1015 16.52 33.07 7.69
N LEU C 1016 16.45 33.90 8.74
CA LEU C 1016 17.54 34.04 9.71
C LEU C 1016 17.20 33.23 10.96
N PHE C 1017 16.75 32.00 10.79
CA PHE C 1017 16.28 31.18 11.91
C PHE C 1017 17.39 30.43 12.66
N ALA C 1018 18.47 30.07 11.96
CA ALA C 1018 19.63 29.41 12.58
C ALA C 1018 20.94 30.13 12.21
PG GTP D . -7.09 11.75 -7.60
O1G GTP D . -5.99 12.71 -7.94
O2G GTP D . -8.16 11.60 -8.65
O3G GTP D . -7.60 11.94 -6.22
O3B GTP D . -6.38 10.30 -7.58
PB GTP D . -7.16 8.89 -7.41
O1B GTP D . -8.57 8.96 -7.91
O2B GTP D . -6.94 8.43 -6.00
O3A GTP D . -6.31 7.97 -8.39
PA GTP D . -6.97 7.07 -9.54
O1A GTP D . -7.62 7.95 -10.57
O2A GTP D . -7.75 5.92 -8.98
O5' GTP D . -5.66 6.50 -10.27
C5' GTP D . -4.76 5.68 -9.57
C4' GTP D . -3.70 5.13 -10.50
O4' GTP D . -3.05 4.04 -9.84
C3' GTP D . -4.29 4.55 -11.79
O3' GTP D . -3.37 4.71 -12.86
C2' GTP D . -4.54 3.10 -11.45
O2' GTP D . -4.38 2.24 -12.57
C1' GTP D . -3.51 2.79 -10.39
N9 GTP D . -4.10 1.90 -9.34
C8 GTP D . -5.25 2.05 -8.65
N7 GTP D . -5.47 1.03 -7.79
C5 GTP D . -4.44 0.20 -7.93
C6 GTP D . -4.03 -1.09 -7.31
O6 GTP D . -4.73 -1.64 -6.44
N1 GTP D . -2.88 -1.63 -7.71
C2 GTP D . -2.10 -1.06 -8.65
N2 GTP D . -0.96 -1.69 -9.00
N3 GTP D . -2.40 0.13 -9.27
C4 GTP D . -3.54 0.77 -8.94
MG MG E . -9.69 10.43 -8.23
F6 D29 F . 6.31 -39.23 7.10
C7 D29 F . 5.20 -39.89 6.86
F4 D29 F . 4.73 -40.26 8.03
F5 D29 F . 5.39 -40.88 6.01
C6 D29 F . 4.21 -39.02 6.20
C1 D29 F . 4.59 -37.82 5.66
C5 D29 F . 2.92 -39.51 6.12
C4 D29 F . 1.96 -38.74 5.53
C3 D29 F . 2.31 -37.50 4.95
C2 D29 F . 3.63 -37.05 5.05
C8 D29 F . 4.07 -35.75 4.47
F3 D29 F . 5.16 -35.28 5.06
F2 D29 F . 3.13 -34.81 4.45
F1 D29 F . 4.35 -36.02 3.23
S1 D29 F . 0.48 -39.45 5.54
O D29 F . 0.78 -40.43 4.47
C9 D29 F . -0.51 -38.39 4.83
C10 D29 F . -1.38 -38.84 3.93
C11 D29 F . -2.33 -37.90 3.24
C12 D29 F . -3.74 -38.48 3.19
N D29 F . -4.03 -39.28 4.38
C13 D29 F . -4.07 -38.83 5.57
S2 D29 F . -3.75 -37.22 5.97
CL CL G . 11.42 44.50 -1.53
#